data_1WI4
#
_entry.id   1WI4
#
_entity_poly.entity_id   1
_entity_poly.type   'polypeptide(L)'
_entity_poly.pdbx_seq_one_letter_code
;GSSGSSGSPLDRDPAFRVITVTKETGLGLKILGGINRNEGPLVYIHEVIPGGDCYKDGRLKPGDQLVSINKESMIGVSFE
EAKSIITRAKLRSESPWEIAFIRSGPSSG
;
_entity_poly.pdbx_strand_id   A
#
# COMPACT_ATOMS: atom_id res chain seq x y z
N GLY A 1 15.24 11.98 26.59
CA GLY A 1 14.03 11.26 26.26
C GLY A 1 13.82 11.16 24.76
N SER A 2 12.61 11.48 24.30
CA SER A 2 12.29 11.41 22.88
C SER A 2 12.19 12.81 22.28
N SER A 3 12.69 12.96 21.06
CA SER A 3 12.66 14.25 20.38
C SER A 3 11.96 14.13 19.03
N GLY A 4 11.24 15.18 18.64
CA GLY A 4 10.53 15.17 17.37
C GLY A 4 9.32 16.08 17.37
N SER A 5 8.14 15.49 17.42
CA SER A 5 6.90 16.25 17.42
C SER A 5 6.90 17.29 16.30
N SER A 6 5.82 18.06 16.23
CA SER A 6 5.69 19.09 15.21
C SER A 6 5.49 18.47 13.82
N GLY A 7 6.54 17.84 13.31
CA GLY A 7 6.47 17.22 12.00
C GLY A 7 7.57 16.20 11.79
N SER A 8 7.27 15.17 11.00
CA SER A 8 8.25 14.12 10.71
C SER A 8 7.93 13.43 9.39
N PRO A 9 8.98 13.02 8.67
CA PRO A 9 8.85 12.35 7.37
C PRO A 9 8.28 10.94 7.52
N LEU A 10 8.79 10.20 8.49
CA LEU A 10 8.34 8.83 8.73
C LEU A 10 7.86 8.67 10.17
N ASP A 11 6.79 7.91 10.34
CA ASP A 11 6.23 7.66 11.68
C ASP A 11 5.01 6.75 11.60
N ARG A 12 5.20 5.48 11.98
CA ARG A 12 4.12 4.52 11.94
C ARG A 12 2.84 5.10 12.54
N ASP A 13 1.71 4.80 11.92
CA ASP A 13 0.42 5.30 12.39
C ASP A 13 -0.16 4.37 13.47
N PRO A 14 -1.02 4.93 14.32
CA PRO A 14 -1.66 4.17 15.41
C PRO A 14 -2.68 3.17 14.89
N ALA A 15 -3.38 3.53 13.82
CA ALA A 15 -4.38 2.67 13.22
C ALA A 15 -3.80 1.88 12.06
N PHE A 16 -2.48 1.71 12.06
CA PHE A 16 -1.80 0.96 11.01
C PHE A 16 -2.17 -0.52 11.05
N ARG A 17 -2.92 -0.97 10.05
CA ARG A 17 -3.33 -2.36 9.97
C ARG A 17 -2.59 -3.10 8.86
N VAL A 18 -2.37 -4.39 9.06
CA VAL A 18 -1.67 -5.20 8.07
C VAL A 18 -2.44 -6.47 7.76
N ILE A 19 -2.71 -6.70 6.47
CA ILE A 19 -3.44 -7.88 6.04
C ILE A 19 -2.70 -8.62 4.93
N THR A 20 -3.28 -9.73 4.48
CA THR A 20 -2.68 -10.52 3.42
C THR A 20 -3.71 -10.90 2.36
N VAL A 21 -3.34 -10.75 1.10
CA VAL A 21 -4.23 -11.08 -0.01
C VAL A 21 -3.74 -12.30 -0.78
N THR A 22 -4.59 -13.31 -0.88
CA THR A 22 -4.25 -14.54 -1.58
C THR A 22 -3.66 -14.24 -2.96
N LYS A 23 -2.38 -14.56 -3.13
CA LYS A 23 -1.69 -14.33 -4.40
C LYS A 23 -1.92 -15.50 -5.35
N GLU A 24 -2.40 -15.18 -6.55
CA GLU A 24 -2.66 -16.20 -7.56
C GLU A 24 -2.00 -15.83 -8.89
N THR A 25 -2.29 -14.63 -9.37
CA THR A 25 -1.73 -14.15 -10.63
C THR A 25 -0.79 -12.98 -10.40
N GLY A 26 -1.27 -11.96 -9.69
CA GLY A 26 -0.46 -10.79 -9.42
C GLY A 26 -1.21 -9.74 -8.63
N LEU A 27 -0.47 -8.74 -8.14
CA LEU A 27 -1.08 -7.66 -7.36
C LEU A 27 -2.28 -7.07 -8.10
N GLY A 28 -2.01 -6.35 -9.17
CA GLY A 28 -3.08 -5.75 -9.94
C GLY A 28 -3.76 -4.61 -9.20
N LEU A 29 -2.96 -3.79 -8.53
CA LEU A 29 -3.48 -2.65 -7.77
C LEU A 29 -2.87 -1.34 -8.25
N LYS A 30 -3.64 -0.27 -8.17
CA LYS A 30 -3.16 1.05 -8.60
C LYS A 30 -2.89 1.94 -7.39
N ILE A 31 -1.95 2.86 -7.54
CA ILE A 31 -1.60 3.78 -6.47
C ILE A 31 -1.74 5.24 -6.91
N LEU A 32 -1.84 6.14 -5.95
CA LEU A 32 -1.97 7.56 -6.24
C LEU A 32 -1.06 8.40 -5.33
N GLY A 33 -0.64 9.56 -5.82
CA GLY A 33 0.21 10.43 -5.05
C GLY A 33 1.65 10.37 -5.50
N GLY A 34 2.58 10.69 -4.60
CA GLY A 34 3.99 10.66 -4.93
C GLY A 34 4.69 11.97 -4.59
N ILE A 35 5.81 11.88 -3.88
CA ILE A 35 6.57 13.05 -3.50
C ILE A 35 6.64 14.06 -4.64
N ASN A 36 6.52 13.57 -5.86
CA ASN A 36 6.57 14.43 -7.04
C ASN A 36 5.16 14.77 -7.52
N ARG A 37 4.23 13.85 -7.33
CA ARG A 37 2.84 14.06 -7.75
C ARG A 37 2.16 15.06 -6.83
N ASN A 38 0.92 15.40 -7.16
CA ASN A 38 0.14 16.35 -6.37
C ASN A 38 -0.64 15.63 -5.28
N GLU A 39 -1.04 14.39 -5.56
CA GLU A 39 -1.79 13.60 -4.60
C GLU A 39 -0.92 13.19 -3.41
N GLY A 40 0.40 13.22 -3.62
CA GLY A 40 1.32 12.86 -2.55
C GLY A 40 1.42 13.92 -1.48
N PRO A 41 2.48 13.85 -0.67
CA PRO A 41 3.52 12.83 -0.80
C PRO A 41 3.01 11.45 -0.41
N LEU A 42 1.88 11.41 0.29
CA LEU A 42 1.30 10.15 0.73
C LEU A 42 0.81 9.33 -0.46
N VAL A 43 0.82 8.01 -0.31
CA VAL A 43 0.38 7.11 -1.37
C VAL A 43 -0.94 6.43 -1.00
N TYR A 44 -1.89 6.44 -1.93
CA TYR A 44 -3.19 5.83 -1.70
C TYR A 44 -3.59 4.93 -2.87
N ILE A 45 -4.64 4.14 -2.67
CA ILE A 45 -5.11 3.24 -3.71
C ILE A 45 -5.88 4.00 -4.79
N HIS A 46 -5.22 4.21 -5.93
CA HIS A 46 -5.84 4.92 -7.05
C HIS A 46 -7.16 4.27 -7.44
N GLU A 47 -7.12 2.96 -7.67
CA GLU A 47 -8.32 2.22 -8.05
C GLU A 47 -8.05 0.72 -8.08
N VAL A 48 -9.02 -0.05 -7.61
CA VAL A 48 -8.89 -1.51 -7.57
C VAL A 48 -9.27 -2.13 -8.91
N ILE A 49 -8.25 -2.45 -9.71
CA ILE A 49 -8.47 -3.05 -11.02
C ILE A 49 -9.29 -4.34 -10.89
N PRO A 50 -10.35 -4.43 -11.71
CA PRO A 50 -11.23 -5.61 -11.72
C PRO A 50 -10.56 -6.84 -12.30
N GLY A 51 -10.23 -7.80 -11.44
CA GLY A 51 -9.59 -9.01 -11.89
C GLY A 51 -8.23 -9.22 -11.24
N GLY A 52 -8.01 -8.56 -10.10
CA GLY A 52 -6.74 -8.68 -9.41
C GLY A 52 -6.85 -9.50 -8.14
N ASP A 53 -5.73 -9.66 -7.43
CA ASP A 53 -5.70 -10.43 -6.20
C ASP A 53 -6.49 -9.71 -5.10
N CYS A 54 -6.15 -8.44 -4.88
CA CYS A 54 -6.81 -7.64 -3.86
C CYS A 54 -8.29 -7.44 -4.19
N TYR A 55 -8.57 -7.22 -5.47
CA TYR A 55 -9.94 -7.00 -5.92
C TYR A 55 -10.90 -7.97 -5.24
N LYS A 56 -10.54 -9.25 -5.26
CA LYS A 56 -11.37 -10.28 -4.65
C LYS A 56 -11.44 -10.09 -3.13
N ASP A 57 -10.30 -9.74 -2.53
CA ASP A 57 -10.24 -9.53 -1.09
C ASP A 57 -11.27 -8.50 -0.64
N GLY A 58 -11.22 -7.31 -1.24
CA GLY A 58 -12.16 -6.26 -0.89
C GLY A 58 -11.71 -5.46 0.30
N ARG A 59 -11.05 -6.12 1.24
CA ARG A 59 -10.56 -5.45 2.44
C ARG A 59 -10.05 -4.04 2.12
N LEU A 60 -9.41 -3.91 0.97
CA LEU A 60 -8.88 -2.61 0.55
C LEU A 60 -9.83 -1.93 -0.43
N LYS A 61 -9.64 -0.63 -0.60
CA LYS A 61 -10.48 0.15 -1.51
C LYS A 61 -9.74 1.40 -1.99
N PRO A 62 -10.30 2.05 -3.02
CA PRO A 62 -9.72 3.27 -3.59
C PRO A 62 -9.81 4.46 -2.65
N GLY A 63 -8.66 5.02 -2.29
CA GLY A 63 -8.64 6.16 -1.40
C GLY A 63 -7.88 5.88 -0.11
N ASP A 64 -7.69 4.60 0.19
CA ASP A 64 -6.97 4.20 1.39
C ASP A 64 -5.48 4.52 1.27
N GLN A 65 -4.88 4.94 2.38
CA GLN A 65 -3.47 5.29 2.40
C GLN A 65 -2.61 4.04 2.62
N LEU A 66 -1.77 3.73 1.62
CA LEU A 66 -0.90 2.56 1.70
C LEU A 66 0.30 2.84 2.59
N VAL A 67 1.11 1.80 2.83
CA VAL A 67 2.30 1.94 3.67
C VAL A 67 3.47 1.14 3.09
N SER A 68 3.20 -0.10 2.71
CA SER A 68 4.22 -0.96 2.13
C SER A 68 3.61 -2.21 1.52
N ILE A 69 4.16 -2.63 0.38
CA ILE A 69 3.66 -3.81 -0.31
C ILE A 69 4.78 -4.83 -0.53
N ASN A 70 4.47 -6.09 -0.24
CA ASN A 70 5.45 -7.17 -0.39
C ASN A 70 6.54 -7.08 0.66
N LYS A 71 7.34 -6.02 0.60
CA LYS A 71 8.42 -5.81 1.55
C LYS A 71 9.18 -4.53 1.25
N GLU A 72 8.46 -3.54 0.70
CA GLU A 72 9.06 -2.26 0.36
C GLU A 72 8.40 -1.13 1.14
N SER A 73 8.79 0.10 0.84
CA SER A 73 8.24 1.27 1.51
C SER A 73 7.43 2.13 0.54
N MET A 74 6.22 2.51 0.95
CA MET A 74 5.35 3.33 0.12
C MET A 74 5.21 4.74 0.70
N ILE A 75 5.61 4.90 1.96
CA ILE A 75 5.54 6.19 2.62
C ILE A 75 6.65 7.12 2.13
N GLY A 76 6.26 8.33 1.71
CA GLY A 76 7.23 9.29 1.23
C GLY A 76 8.12 8.72 0.15
N VAL A 77 7.51 8.16 -0.89
CA VAL A 77 8.26 7.58 -2.00
C VAL A 77 7.84 8.19 -3.32
N SER A 78 8.53 7.81 -4.40
CA SER A 78 8.23 8.31 -5.73
C SER A 78 7.04 7.57 -6.33
N PHE A 79 6.13 8.33 -6.93
CA PHE A 79 4.94 7.75 -7.55
C PHE A 79 5.32 6.55 -8.42
N GLU A 80 6.37 6.71 -9.22
CA GLU A 80 6.83 5.65 -10.10
C GLU A 80 7.38 4.48 -9.29
N GLU A 81 8.09 4.78 -8.21
CA GLU A 81 8.67 3.75 -7.36
C GLU A 81 7.59 2.81 -6.83
N ALA A 82 6.71 3.35 -6.00
CA ALA A 82 5.63 2.56 -5.42
C ALA A 82 5.00 1.65 -6.47
N LYS A 83 4.72 2.20 -7.64
CA LYS A 83 4.12 1.44 -8.72
C LYS A 83 5.11 0.43 -9.30
N SER A 84 6.39 0.79 -9.29
CA SER A 84 7.44 -0.08 -9.81
C SER A 84 7.63 -1.29 -8.90
N ILE A 85 7.25 -1.15 -7.64
CA ILE A 85 7.38 -2.23 -6.67
C ILE A 85 6.34 -3.32 -6.92
N ILE A 86 5.09 -2.91 -7.11
CA ILE A 86 4.01 -3.85 -7.36
C ILE A 86 4.39 -4.86 -8.44
N THR A 87 4.74 -4.36 -9.61
CA THR A 87 5.13 -5.21 -10.73
C THR A 87 6.48 -5.88 -10.46
N ARG A 88 7.25 -5.30 -9.55
CA ARG A 88 8.57 -5.82 -9.20
C ARG A 88 8.45 -6.86 -8.08
N ALA A 89 7.31 -6.88 -7.41
CA ALA A 89 7.08 -7.82 -6.32
C ALA A 89 7.28 -9.26 -6.79
N LYS A 90 7.51 -10.16 -5.85
CA LYS A 90 7.72 -11.57 -6.15
C LYS A 90 6.89 -11.98 -7.36
N LEU A 91 5.57 -12.03 -7.18
CA LEU A 91 4.67 -12.42 -8.26
C LEU A 91 4.88 -13.86 -8.66
N ARG A 92 3.80 -14.55 -9.00
CA ARG A 92 3.88 -15.95 -9.41
C ARG A 92 4.72 -16.76 -8.44
N SER A 93 4.52 -16.50 -7.14
CA SER A 93 5.28 -17.21 -6.11
C SER A 93 4.36 -18.12 -5.29
N GLU A 94 4.80 -18.46 -4.08
CA GLU A 94 4.01 -19.32 -3.21
C GLU A 94 3.39 -18.51 -2.07
N SER A 95 4.13 -17.54 -1.56
CA SER A 95 3.64 -16.69 -0.47
C SER A 95 2.61 -15.69 -0.98
N PRO A 96 1.66 -15.34 -0.10
CA PRO A 96 0.59 -14.39 -0.44
C PRO A 96 1.12 -12.96 -0.60
N TRP A 97 0.20 -12.01 -0.75
CA TRP A 97 0.57 -10.61 -0.90
C TRP A 97 0.52 -9.88 0.45
N GLU A 98 1.64 -9.28 0.82
CA GLU A 98 1.72 -8.55 2.08
C GLU A 98 1.23 -7.12 1.91
N ILE A 99 0.00 -6.86 2.34
CA ILE A 99 -0.58 -5.53 2.25
C ILE A 99 -0.57 -4.81 3.60
N ALA A 100 0.01 -3.62 3.62
CA ALA A 100 0.09 -2.83 4.84
C ALA A 100 -0.47 -1.43 4.63
N PHE A 101 -1.48 -1.08 5.42
CA PHE A 101 -2.10 0.24 5.32
C PHE A 101 -2.74 0.64 6.65
N ILE A 102 -3.44 1.78 6.64
CA ILE A 102 -4.09 2.27 7.84
C ILE A 102 -5.60 2.13 7.74
N ARG A 103 -6.20 1.46 8.73
CA ARG A 103 -7.64 1.26 8.76
C ARG A 103 -8.27 1.95 9.96
N SER A 104 -9.32 2.74 9.70
CA SER A 104 -10.01 3.47 10.75
C SER A 104 -11.22 4.21 10.20
N GLY A 105 -12.40 3.89 10.72
CA GLY A 105 -13.61 4.54 10.27
C GLY A 105 -14.73 4.44 11.28
N PRO A 106 -15.79 5.24 11.08
CA PRO A 106 -16.95 5.25 11.97
C PRO A 106 -17.79 3.98 11.87
N SER A 107 -17.92 3.29 13.00
CA SER A 107 -18.67 2.04 13.04
C SER A 107 -19.60 2.01 14.25
N SER A 108 -20.89 1.79 14.00
CA SER A 108 -21.88 1.74 15.08
C SER A 108 -21.89 3.05 15.86
N GLY A 109 -23.00 3.30 16.56
CA GLY A 109 -23.12 4.51 17.34
C GLY A 109 -22.55 5.72 16.63
N GLY A 1 -2.91 17.11 8.59
CA GLY A 1 -2.66 16.82 10.00
C GLY A 1 -1.88 17.92 10.69
N SER A 2 -1.01 17.52 11.63
CA SER A 2 -0.21 18.48 12.37
C SER A 2 1.16 17.89 12.71
N SER A 3 2.08 18.74 13.14
CA SER A 3 3.42 18.30 13.49
C SER A 3 3.92 19.02 14.73
N GLY A 4 5.04 18.55 15.28
CA GLY A 4 5.60 19.18 16.46
C GLY A 4 6.68 20.19 16.13
N SER A 5 7.82 20.09 16.81
CA SER A 5 8.92 21.02 16.59
C SER A 5 9.74 20.61 15.37
N SER A 6 10.17 19.35 15.35
CA SER A 6 10.97 18.83 14.24
C SER A 6 10.09 18.55 13.03
N GLY A 7 10.70 18.55 11.85
CA GLY A 7 9.97 18.29 10.62
C GLY A 7 10.48 17.08 9.88
N SER A 8 10.12 15.89 10.37
CA SER A 8 10.55 14.65 9.74
C SER A 8 9.53 14.17 8.71
N PRO A 9 10.02 13.60 7.61
CA PRO A 9 9.18 13.08 6.53
C PRO A 9 8.39 11.84 6.94
N LEU A 10 9.09 10.86 7.49
CA LEU A 10 8.46 9.62 7.94
C LEU A 10 7.42 9.90 9.03
N ASP A 11 6.38 9.07 9.08
CA ASP A 11 5.34 9.22 10.08
C ASP A 11 4.28 8.12 9.94
N ARG A 12 4.05 7.39 11.01
CA ARG A 12 3.07 6.32 11.00
C ARG A 12 1.83 6.69 11.81
N ASP A 13 0.70 6.10 11.45
CA ASP A 13 -0.56 6.38 12.13
C ASP A 13 -0.91 5.27 13.11
N PRO A 14 -1.74 5.59 14.12
CA PRO A 14 -2.16 4.62 15.12
C PRO A 14 -3.11 3.56 14.56
N ALA A 15 -3.78 3.90 13.46
CA ALA A 15 -4.71 2.99 12.81
C ALA A 15 -4.01 2.17 11.73
N PHE A 16 -2.70 2.01 11.87
CA PHE A 16 -1.92 1.25 10.89
C PHE A 16 -2.17 -0.26 11.06
N ARG A 17 -2.87 -0.84 10.08
CA ARG A 17 -3.18 -2.26 10.12
C ARG A 17 -2.49 -2.99 8.97
N VAL A 18 -2.06 -4.22 9.24
CA VAL A 18 -1.39 -5.03 8.23
C VAL A 18 -2.17 -6.30 7.92
N ILE A 19 -2.50 -6.48 6.65
CA ILE A 19 -3.26 -7.66 6.22
C ILE A 19 -2.54 -8.40 5.10
N THR A 20 -3.08 -9.54 4.70
CA THR A 20 -2.49 -10.33 3.63
C THR A 20 -3.55 -10.80 2.63
N VAL A 21 -3.31 -10.55 1.35
CA VAL A 21 -4.25 -10.94 0.31
C VAL A 21 -3.75 -12.18 -0.43
N THR A 22 -4.62 -13.18 -0.52
CA THR A 22 -4.28 -14.43 -1.20
C THR A 22 -3.77 -14.16 -2.61
N LYS A 23 -2.51 -14.50 -2.85
CA LYS A 23 -1.90 -14.31 -4.16
C LYS A 23 -2.26 -15.44 -5.12
N GLU A 24 -3.14 -15.15 -6.07
CA GLU A 24 -3.57 -16.15 -7.03
C GLU A 24 -3.14 -15.77 -8.45
N THR A 25 -3.22 -14.48 -8.76
CA THR A 25 -2.84 -13.98 -10.07
C THR A 25 -1.79 -12.87 -9.95
N GLY A 26 -1.91 -12.05 -8.92
CA GLY A 26 -0.97 -10.97 -8.72
C GLY A 26 -1.58 -9.78 -8.02
N LEU A 27 -0.78 -8.77 -7.73
CA LEU A 27 -1.25 -7.57 -7.05
C LEU A 27 -2.37 -6.89 -7.85
N GLY A 28 -2.03 -6.45 -9.06
CA GLY A 28 -3.01 -5.80 -9.91
C GLY A 28 -3.72 -4.67 -9.21
N LEU A 29 -2.95 -3.70 -8.72
CA LEU A 29 -3.51 -2.55 -8.02
C LEU A 29 -2.79 -1.26 -8.41
N LYS A 30 -3.54 -0.17 -8.53
CA LYS A 30 -2.97 1.11 -8.89
C LYS A 30 -2.74 1.98 -7.65
N ILE A 31 -1.71 2.82 -7.70
CA ILE A 31 -1.39 3.70 -6.59
C ILE A 31 -1.58 5.17 -6.97
N LEU A 32 -1.88 6.00 -5.98
CA LEU A 32 -2.08 7.43 -6.21
C LEU A 32 -1.16 8.25 -5.33
N GLY A 33 -0.83 9.46 -5.79
CA GLY A 33 0.04 10.34 -5.04
C GLY A 33 1.46 10.34 -5.56
N GLY A 34 2.42 10.69 -4.70
CA GLY A 34 3.81 10.72 -5.11
C GLY A 34 4.47 12.04 -4.79
N ILE A 35 5.57 11.99 -4.05
CA ILE A 35 6.31 13.18 -3.68
C ILE A 35 6.31 14.20 -4.80
N ASN A 36 6.27 13.71 -6.05
CA ASN A 36 6.26 14.59 -7.21
C ASN A 36 4.83 14.87 -7.68
N ARG A 37 3.96 13.87 -7.52
CA ARG A 37 2.57 14.01 -7.93
C ARG A 37 1.84 15.01 -7.03
N ASN A 38 0.58 15.29 -7.35
CA ASN A 38 -0.22 16.22 -6.59
C ASN A 38 -0.97 15.51 -5.47
N GLU A 39 -1.32 14.25 -5.71
CA GLU A 39 -2.03 13.44 -4.72
C GLU A 39 -1.13 13.09 -3.55
N GLY A 40 0.18 13.13 -3.78
CA GLY A 40 1.14 12.82 -2.73
C GLY A 40 1.18 13.87 -1.64
N PRO A 41 2.26 13.86 -0.85
CA PRO A 41 3.35 12.90 -1.01
C PRO A 41 2.92 11.48 -0.62
N LEU A 42 1.91 11.38 0.24
CA LEU A 42 1.42 10.09 0.69
C LEU A 42 0.84 9.29 -0.48
N VAL A 43 0.87 7.96 -0.35
CA VAL A 43 0.35 7.09 -1.40
C VAL A 43 -0.96 6.44 -0.96
N TYR A 44 -1.84 6.20 -1.93
CA TYR A 44 -3.14 5.58 -1.65
C TYR A 44 -3.64 4.79 -2.85
N ILE A 45 -4.20 3.61 -2.58
CA ILE A 45 -4.71 2.76 -3.65
C ILE A 45 -5.50 3.57 -4.66
N HIS A 46 -4.90 3.80 -5.83
CA HIS A 46 -5.56 4.56 -6.89
C HIS A 46 -6.82 3.86 -7.37
N GLU A 47 -6.70 2.55 -7.63
CA GLU A 47 -7.84 1.77 -8.09
C GLU A 47 -7.44 0.32 -8.31
N VAL A 48 -8.20 -0.60 -7.73
CA VAL A 48 -7.93 -2.02 -7.86
C VAL A 48 -8.47 -2.57 -9.19
N ILE A 49 -7.58 -2.71 -10.17
CA ILE A 49 -7.96 -3.21 -11.47
C ILE A 49 -8.88 -4.43 -11.35
N PRO A 50 -9.93 -4.46 -12.18
CA PRO A 50 -10.91 -5.55 -12.19
C PRO A 50 -10.31 -6.85 -12.73
N GLY A 51 -10.05 -7.80 -11.83
CA GLY A 51 -9.48 -9.07 -12.25
C GLY A 51 -8.14 -9.34 -11.61
N GLY A 52 -7.97 -8.87 -10.37
CA GLY A 52 -6.71 -9.08 -9.68
C GLY A 52 -6.87 -9.95 -8.44
N ASP A 53 -5.95 -9.80 -7.50
CA ASP A 53 -5.99 -10.58 -6.26
C ASP A 53 -6.85 -9.88 -5.21
N CYS A 54 -6.55 -8.62 -4.95
CA CYS A 54 -7.30 -7.84 -3.97
C CYS A 54 -8.73 -7.61 -4.42
N TYR A 55 -8.89 -7.25 -5.69
CA TYR A 55 -10.21 -6.99 -6.26
C TYR A 55 -11.22 -8.00 -5.74
N LYS A 56 -10.90 -9.27 -5.87
CA LYS A 56 -11.79 -10.34 -5.42
C LYS A 56 -11.87 -10.36 -3.88
N ASP A 57 -10.73 -10.14 -3.24
CA ASP A 57 -10.68 -10.13 -1.78
C ASP A 57 -11.68 -9.12 -1.21
N GLY A 58 -11.46 -7.85 -1.50
CA GLY A 58 -12.34 -6.81 -1.01
C GLY A 58 -11.79 -6.12 0.23
N ARG A 59 -11.02 -6.86 1.02
CA ARG A 59 -10.43 -6.32 2.24
C ARG A 59 -9.91 -4.90 2.01
N LEU A 60 -9.22 -4.70 0.88
CA LEU A 60 -8.67 -3.40 0.54
C LEU A 60 -9.65 -2.60 -0.31
N LYS A 61 -9.21 -1.44 -0.77
CA LYS A 61 -10.05 -0.57 -1.60
C LYS A 61 -9.31 0.72 -1.95
N PRO A 62 -9.79 1.40 -3.01
CA PRO A 62 -9.20 2.66 -3.47
C PRO A 62 -9.43 3.80 -2.50
N GLY A 63 -8.38 4.57 -2.23
CA GLY A 63 -8.49 5.69 -1.31
C GLY A 63 -7.78 5.44 0.01
N ASP A 64 -7.45 4.18 0.27
CA ASP A 64 -6.76 3.81 1.50
C ASP A 64 -5.26 4.08 1.39
N GLN A 65 -4.73 4.81 2.37
CA GLN A 65 -3.32 5.14 2.38
C GLN A 65 -2.46 3.88 2.42
N LEU A 66 -1.29 3.93 1.79
CA LEU A 66 -0.38 2.80 1.74
C LEU A 66 0.77 2.98 2.73
N VAL A 67 1.47 1.90 3.02
CA VAL A 67 2.59 1.94 3.95
C VAL A 67 3.74 1.07 3.47
N SER A 68 3.40 -0.04 2.82
CA SER A 68 4.40 -0.97 2.31
C SER A 68 3.75 -2.19 1.67
N ILE A 69 4.35 -2.68 0.60
CA ILE A 69 3.82 -3.85 -0.10
C ILE A 69 4.88 -4.94 -0.22
N ASN A 70 4.50 -6.16 0.17
CA ASN A 70 5.42 -7.30 0.10
C ASN A 70 6.52 -7.16 1.15
N LYS A 71 7.39 -6.18 0.97
CA LYS A 71 8.49 -5.94 1.90
C LYS A 71 9.28 -4.70 1.51
N GLU A 72 8.57 -3.68 1.04
CA GLU A 72 9.21 -2.43 0.62
C GLU A 72 8.58 -1.24 1.34
N SER A 73 9.06 -0.04 1.01
CA SER A 73 8.54 1.18 1.62
C SER A 73 7.72 1.98 0.61
N MET A 74 6.65 2.61 1.11
CA MET A 74 5.78 3.42 0.25
C MET A 74 5.64 4.84 0.81
N ILE A 75 5.98 5.01 2.08
CA ILE A 75 5.89 6.31 2.72
C ILE A 75 6.96 7.26 2.20
N GLY A 76 6.54 8.42 1.71
CA GLY A 76 7.47 9.40 1.18
C GLY A 76 8.35 8.82 0.09
N VAL A 77 7.73 8.28 -0.95
CA VAL A 77 8.48 7.68 -2.06
C VAL A 77 8.02 8.27 -3.39
N SER A 78 8.76 7.95 -4.45
CA SER A 78 8.43 8.45 -5.78
C SER A 78 7.26 7.68 -6.38
N PHE A 79 6.34 8.40 -7.01
CA PHE A 79 5.17 7.79 -7.63
C PHE A 79 5.57 6.56 -8.44
N GLU A 80 6.63 6.69 -9.22
CA GLU A 80 7.12 5.60 -10.05
C GLU A 80 7.52 4.40 -9.20
N GLU A 81 8.29 4.68 -8.13
CA GLU A 81 8.75 3.63 -7.24
C GLU A 81 7.58 2.82 -6.69
N ALA A 82 6.68 3.50 -5.97
CA ALA A 82 5.51 2.84 -5.40
C ALA A 82 4.85 1.92 -6.42
N LYS A 83 4.58 2.44 -7.60
CA LYS A 83 3.95 1.66 -8.66
C LYS A 83 4.89 0.58 -9.17
N SER A 84 6.19 0.81 -9.05
CA SER A 84 7.19 -0.15 -9.49
C SER A 84 7.14 -1.43 -8.65
N ILE A 85 7.23 -1.25 -7.34
CA ILE A 85 7.17 -2.39 -6.42
C ILE A 85 6.08 -3.37 -6.81
N ILE A 86 4.88 -2.85 -7.00
CA ILE A 86 3.74 -3.69 -7.38
C ILE A 86 4.02 -4.45 -8.67
N THR A 87 4.32 -3.72 -9.74
CA THR A 87 4.62 -4.34 -11.03
C THR A 87 5.95 -5.08 -10.99
N ARG A 88 6.72 -4.85 -9.93
CA ARG A 88 8.02 -5.49 -9.78
C ARG A 88 7.89 -6.79 -8.99
N ALA A 89 6.76 -6.95 -8.31
CA ALA A 89 6.51 -8.15 -7.52
C ALA A 89 6.93 -9.41 -8.28
N LYS A 90 7.00 -10.53 -7.56
CA LYS A 90 7.40 -11.79 -8.16
C LYS A 90 6.21 -12.45 -8.88
N LEU A 91 5.01 -12.20 -8.38
CA LEU A 91 3.81 -12.77 -8.98
C LEU A 91 3.87 -14.29 -9.01
N ARG A 92 2.77 -14.91 -9.42
CA ARG A 92 2.70 -16.37 -9.50
C ARG A 92 3.53 -17.01 -8.39
N SER A 93 2.91 -17.25 -7.26
CA SER A 93 3.59 -17.86 -6.12
C SER A 93 2.62 -18.16 -4.98
N GLU A 94 2.95 -19.15 -4.17
CA GLU A 94 2.10 -19.54 -3.05
C GLU A 94 1.96 -18.39 -2.05
N SER A 95 3.06 -18.02 -1.43
CA SER A 95 3.07 -16.94 -0.44
C SER A 95 2.10 -15.84 -0.85
N PRO A 96 1.25 -15.41 0.10
CA PRO A 96 0.27 -14.36 -0.14
C PRO A 96 0.91 -12.99 -0.32
N TRP A 97 0.07 -11.96 -0.44
CA TRP A 97 0.57 -10.60 -0.61
C TRP A 97 0.54 -9.84 0.72
N GLU A 98 1.72 -9.42 1.17
CA GLU A 98 1.83 -8.68 2.43
C GLU A 98 1.51 -7.20 2.21
N ILE A 99 0.27 -6.83 2.52
CA ILE A 99 -0.16 -5.44 2.37
C ILE A 99 -0.29 -4.75 3.72
N ALA A 100 0.21 -3.52 3.80
CA ALA A 100 0.16 -2.76 5.04
C ALA A 100 -0.44 -1.38 4.80
N PHE A 101 -1.59 -1.11 5.42
CA PHE A 101 -2.25 0.17 5.27
C PHE A 101 -2.84 0.64 6.60
N ILE A 102 -3.57 1.74 6.56
CA ILE A 102 -4.20 2.29 7.76
C ILE A 102 -5.71 2.14 7.72
N ARG A 103 -6.25 1.35 8.64
CA ARG A 103 -7.69 1.12 8.71
C ARG A 103 -8.27 1.67 10.01
N SER A 104 -9.10 2.71 9.88
CA SER A 104 -9.73 3.34 11.03
C SER A 104 -10.95 2.54 11.50
N GLY A 105 -10.85 1.22 11.43
CA GLY A 105 -11.95 0.37 11.84
C GLY A 105 -13.20 0.61 11.03
N PRO A 106 -14.14 -0.34 11.09
CA PRO A 106 -15.41 -0.26 10.35
C PRO A 106 -16.32 0.83 10.92
N SER A 107 -17.53 0.93 10.35
CA SER A 107 -18.50 1.92 10.80
C SER A 107 -17.92 3.32 10.74
N SER A 108 -18.73 4.32 11.06
CA SER A 108 -18.30 5.71 11.04
C SER A 108 -19.31 6.61 11.75
N GLY A 109 -18.80 7.59 12.48
CA GLY A 109 -19.68 8.50 13.19
C GLY A 109 -19.17 8.82 14.59
N GLY A 1 -0.32 -4.02 30.44
CA GLY A 1 0.57 -2.89 30.62
C GLY A 1 0.41 -1.84 29.54
N SER A 2 0.02 -0.64 29.95
CA SER A 2 -0.18 0.46 29.00
C SER A 2 0.52 1.72 29.49
N SER A 3 0.58 2.73 28.63
CA SER A 3 1.22 3.99 28.96
C SER A 3 0.52 5.16 28.28
N GLY A 4 -0.57 5.62 28.88
CA GLY A 4 -1.33 6.73 28.31
C GLY A 4 -1.66 6.51 26.85
N SER A 5 -2.90 6.12 26.59
CA SER A 5 -3.36 5.87 25.23
C SER A 5 -3.36 7.16 24.41
N SER A 6 -2.32 7.34 23.60
CA SER A 6 -2.20 8.53 22.76
C SER A 6 -1.66 8.18 21.39
N GLY A 7 -2.15 8.87 20.36
CA GLY A 7 -1.70 8.62 19.01
C GLY A 7 -0.83 9.73 18.47
N SER A 8 0.48 9.66 18.76
CA SER A 8 1.42 10.68 18.30
C SER A 8 1.45 10.75 16.78
N PRO A 9 1.61 11.97 16.25
CA PRO A 9 1.66 12.19 14.80
C PRO A 9 2.94 11.63 14.17
N LEU A 10 4.02 11.63 14.95
CA LEU A 10 5.31 11.12 14.48
C LEU A 10 5.30 9.60 14.40
N ASP A 11 6.30 9.04 13.74
CA ASP A 11 6.42 7.59 13.60
C ASP A 11 5.16 7.01 12.96
N ARG A 12 5.17 5.70 12.73
CA ARG A 12 4.04 5.02 12.12
C ARG A 12 2.72 5.53 12.70
N ASP A 13 1.65 5.37 11.94
CA ASP A 13 0.32 5.82 12.39
C ASP A 13 -0.28 4.83 13.37
N PRO A 14 -1.15 5.33 14.26
CA PRO A 14 -1.82 4.51 15.27
C PRO A 14 -2.84 3.55 14.67
N ALA A 15 -3.56 4.04 13.66
CA ALA A 15 -4.57 3.23 13.00
C ALA A 15 -3.96 2.41 11.86
N PHE A 16 -2.65 2.17 11.95
CA PHE A 16 -1.94 1.40 10.94
C PHE A 16 -2.27 -0.08 11.05
N ARG A 17 -2.98 -0.61 10.05
CA ARG A 17 -3.36 -2.01 10.03
C ARG A 17 -2.64 -2.76 8.93
N VAL A 18 -2.40 -4.05 9.15
CA VAL A 18 -1.71 -4.88 8.15
C VAL A 18 -2.54 -6.11 7.80
N ILE A 19 -2.71 -6.34 6.50
CA ILE A 19 -3.49 -7.49 6.03
C ILE A 19 -2.72 -8.27 4.97
N THR A 20 -3.16 -9.50 4.72
CA THR A 20 -2.52 -10.35 3.73
C THR A 20 -3.53 -10.85 2.69
N VAL A 21 -3.21 -10.65 1.42
CA VAL A 21 -4.09 -11.08 0.34
C VAL A 21 -3.57 -12.36 -0.32
N THR A 22 -4.44 -13.36 -0.40
CA THR A 22 -4.07 -14.64 -1.00
C THR A 22 -3.48 -14.44 -2.40
N LYS A 23 -2.18 -14.70 -2.53
CA LYS A 23 -1.51 -14.56 -3.81
C LYS A 23 -1.81 -15.73 -4.72
N GLU A 24 -2.12 -15.44 -5.98
CA GLU A 24 -2.44 -16.48 -6.96
C GLU A 24 -2.11 -16.02 -8.38
N THR A 25 -2.62 -14.84 -8.74
CA THR A 25 -2.38 -14.28 -10.07
C THR A 25 -1.36 -13.16 -10.01
N GLY A 26 -1.51 -12.27 -9.03
CA GLY A 26 -0.59 -11.15 -8.89
C GLY A 26 -1.23 -9.96 -8.21
N LEU A 27 -0.42 -8.97 -7.85
CA LEU A 27 -0.92 -7.77 -7.20
C LEU A 27 -2.03 -7.12 -8.02
N GLY A 28 -1.68 -6.62 -9.20
CA GLY A 28 -2.66 -5.97 -10.05
C GLY A 28 -3.44 -4.89 -9.34
N LEU A 29 -2.74 -3.82 -8.97
CA LEU A 29 -3.38 -2.69 -8.28
C LEU A 29 -2.71 -1.38 -8.65
N LYS A 30 -3.50 -0.32 -8.71
CA LYS A 30 -2.99 1.00 -9.04
C LYS A 30 -2.72 1.82 -7.79
N ILE A 31 -1.77 2.75 -7.88
CA ILE A 31 -1.42 3.60 -6.74
C ILE A 31 -1.53 5.08 -7.12
N LEU A 32 -1.60 5.93 -6.10
CA LEU A 32 -1.68 7.37 -6.32
C LEU A 32 -0.80 8.13 -5.34
N GLY A 33 -0.50 9.39 -5.67
CA GLY A 33 0.33 10.20 -4.81
C GLY A 33 1.79 10.16 -5.21
N GLY A 34 2.68 10.53 -4.27
CA GLY A 34 4.10 10.52 -4.57
C GLY A 34 4.76 11.84 -4.18
N ILE A 35 5.83 11.74 -3.39
CA ILE A 35 6.56 12.92 -2.95
C ILE A 35 6.69 13.94 -4.08
N ASN A 36 6.62 13.46 -5.31
CA ASN A 36 6.73 14.33 -6.48
C ASN A 36 5.36 14.65 -7.05
N ARG A 37 4.42 13.72 -6.89
CA ARG A 37 3.06 13.90 -7.39
C ARG A 37 2.30 14.88 -6.50
N ASN A 38 1.11 15.28 -6.97
CA ASN A 38 0.27 16.21 -6.22
C ASN A 38 -0.53 15.47 -5.16
N GLU A 39 -0.90 14.24 -5.45
CA GLU A 39 -1.68 13.43 -4.52
C GLU A 39 -0.83 13.04 -3.30
N GLY A 40 0.48 13.04 -3.48
CA GLY A 40 1.37 12.69 -2.39
C GLY A 40 1.39 13.75 -1.29
N PRO A 41 2.45 13.72 -0.46
CA PRO A 41 3.53 12.74 -0.58
C PRO A 41 3.08 11.33 -0.21
N LEU A 42 1.91 11.23 0.41
CA LEU A 42 1.37 9.94 0.83
C LEU A 42 0.89 9.15 -0.39
N VAL A 43 0.98 7.82 -0.30
CA VAL A 43 0.54 6.96 -1.38
C VAL A 43 -0.76 6.27 -1.04
N TYR A 44 -1.69 6.26 -2.00
CA TYR A 44 -3.00 5.64 -1.80
C TYR A 44 -3.36 4.75 -2.99
N ILE A 45 -4.39 3.93 -2.81
CA ILE A 45 -4.84 3.03 -3.86
C ILE A 45 -5.62 3.79 -4.93
N HIS A 46 -4.98 4.02 -6.07
CA HIS A 46 -5.61 4.74 -7.18
C HIS A 46 -6.94 4.09 -7.54
N GLU A 47 -6.92 2.78 -7.76
CA GLU A 47 -8.12 2.03 -8.13
C GLU A 47 -7.85 0.53 -8.15
N VAL A 48 -8.81 -0.24 -7.64
CA VAL A 48 -8.67 -1.69 -7.60
C VAL A 48 -8.98 -2.31 -8.96
N ILE A 49 -7.94 -2.52 -9.77
CA ILE A 49 -8.11 -3.10 -11.09
C ILE A 49 -8.97 -4.35 -11.04
N PRO A 50 -10.06 -4.36 -11.82
CA PRO A 50 -10.98 -5.49 -11.88
C PRO A 50 -10.37 -6.71 -12.55
N GLY A 51 -9.98 -7.70 -11.74
CA GLY A 51 -9.38 -8.90 -12.28
C GLY A 51 -8.03 -9.20 -11.66
N GLY A 52 -7.87 -8.84 -10.39
CA GLY A 52 -6.60 -9.08 -9.71
C GLY A 52 -6.77 -9.94 -8.48
N ASP A 53 -5.75 -9.97 -7.63
CA ASP A 53 -5.78 -10.77 -6.41
C ASP A 53 -6.58 -10.05 -5.32
N CYS A 54 -6.28 -8.78 -5.10
CA CYS A 54 -6.96 -7.99 -4.09
C CYS A 54 -8.41 -7.74 -4.48
N TYR A 55 -8.64 -7.56 -5.78
CA TYR A 55 -9.99 -7.30 -6.29
C TYR A 55 -11.00 -8.22 -5.63
N LYS A 56 -10.68 -9.50 -5.54
CA LYS A 56 -11.56 -10.48 -4.92
C LYS A 56 -11.64 -10.27 -3.42
N ASP A 57 -10.49 -10.01 -2.79
CA ASP A 57 -10.43 -9.79 -1.35
C ASP A 57 -11.49 -8.77 -0.92
N GLY A 58 -11.30 -7.52 -1.35
CA GLY A 58 -12.23 -6.47 -1.00
C GLY A 58 -11.80 -5.69 0.23
N ARG A 59 -10.98 -6.32 1.06
CA ARG A 59 -10.48 -5.68 2.28
C ARG A 59 -9.94 -4.28 1.98
N LEU A 60 -9.34 -4.13 0.81
CA LEU A 60 -8.77 -2.85 0.40
C LEU A 60 -9.72 -2.12 -0.54
N LYS A 61 -9.47 -0.83 -0.72
CA LYS A 61 -10.30 -0.02 -1.60
C LYS A 61 -9.54 1.23 -2.07
N PRO A 62 -10.08 1.91 -3.10
CA PRO A 62 -9.48 3.11 -3.65
C PRO A 62 -9.57 4.31 -2.70
N GLY A 63 -8.41 4.78 -2.24
CA GLY A 63 -8.39 5.90 -1.32
C GLY A 63 -7.57 5.62 -0.08
N ASP A 64 -7.42 4.34 0.25
CA ASP A 64 -6.66 3.94 1.43
C ASP A 64 -5.17 4.23 1.24
N GLN A 65 -4.51 4.60 2.34
CA GLN A 65 -3.08 4.91 2.30
C GLN A 65 -2.25 3.65 2.48
N LEU A 66 -1.40 3.36 1.50
CA LEU A 66 -0.54 2.18 1.56
C LEU A 66 0.68 2.44 2.45
N VAL A 67 1.43 1.39 2.74
CA VAL A 67 2.62 1.50 3.57
C VAL A 67 3.76 0.68 2.99
N SER A 68 3.48 -0.59 2.69
CA SER A 68 4.49 -1.48 2.15
C SER A 68 3.84 -2.67 1.45
N ILE A 69 4.51 -3.19 0.42
CA ILE A 69 4.00 -4.33 -0.33
C ILE A 69 5.06 -5.41 -0.46
N ASN A 70 4.71 -6.62 -0.03
CA ASN A 70 5.62 -7.76 -0.10
C ASN A 70 6.74 -7.62 0.92
N LYS A 71 7.59 -6.61 0.73
CA LYS A 71 8.70 -6.36 1.64
C LYS A 71 9.42 -5.06 1.28
N GLU A 72 8.64 -4.07 0.85
CA GLU A 72 9.20 -2.77 0.48
C GLU A 72 8.59 -1.65 1.32
N SER A 73 8.93 -0.41 0.99
CA SER A 73 8.42 0.74 1.71
C SER A 73 7.70 1.70 0.76
N MET A 74 6.65 2.35 1.27
CA MET A 74 5.87 3.29 0.48
C MET A 74 5.82 4.66 1.15
N ILE A 75 5.96 4.66 2.47
CA ILE A 75 5.92 5.91 3.24
C ILE A 75 6.85 6.96 2.62
N GLY A 76 6.27 8.08 2.20
CA GLY A 76 7.05 9.13 1.60
C GLY A 76 7.97 8.63 0.51
N VAL A 77 7.40 7.98 -0.49
CA VAL A 77 8.17 7.44 -1.61
C VAL A 77 7.77 8.12 -2.92
N SER A 78 8.55 7.84 -3.97
CA SER A 78 8.29 8.43 -5.27
C SER A 78 7.19 7.66 -5.99
N PHE A 79 6.27 8.40 -6.62
CA PHE A 79 5.16 7.79 -7.35
C PHE A 79 5.63 6.60 -8.17
N GLU A 80 6.64 6.83 -9.02
CA GLU A 80 7.18 5.78 -9.86
C GLU A 80 7.56 4.55 -9.02
N GLU A 81 8.01 4.80 -7.80
CA GLU A 81 8.41 3.72 -6.90
C GLU A 81 7.20 2.94 -6.40
N ALA A 82 6.29 3.64 -5.74
CA ALA A 82 5.08 3.02 -5.22
C ALA A 82 4.35 2.23 -6.30
N LYS A 83 4.59 2.60 -7.55
CA LYS A 83 3.96 1.93 -8.68
C LYS A 83 4.88 0.86 -9.26
N SER A 84 6.18 0.97 -8.95
CA SER A 84 7.16 0.02 -9.45
C SER A 84 7.19 -1.24 -8.58
N ILE A 85 7.21 -1.05 -7.26
CA ILE A 85 7.22 -2.17 -6.34
C ILE A 85 6.11 -3.16 -6.64
N ILE A 86 4.90 -2.64 -6.86
CA ILE A 86 3.76 -3.49 -7.17
C ILE A 86 3.94 -4.20 -8.51
N THR A 87 4.04 -3.43 -9.58
CA THR A 87 4.22 -3.98 -10.92
C THR A 87 5.40 -4.94 -10.95
N ARG A 88 6.38 -4.71 -10.08
CA ARG A 88 7.56 -5.56 -10.02
C ARG A 88 7.27 -6.86 -9.27
N ALA A 89 6.70 -6.71 -8.08
CA ALA A 89 6.36 -7.87 -7.25
C ALA A 89 7.40 -8.98 -7.42
N LYS A 90 6.95 -10.23 -7.27
CA LYS A 90 7.83 -11.38 -7.40
C LYS A 90 7.13 -12.51 -8.16
N LEU A 91 5.82 -12.59 -8.01
CA LEU A 91 5.04 -13.63 -8.68
C LEU A 91 5.86 -14.91 -8.84
N ARG A 92 6.68 -15.21 -7.85
CA ARG A 92 7.52 -16.40 -7.88
C ARG A 92 7.68 -16.99 -6.48
N SER A 93 6.59 -17.00 -5.73
CA SER A 93 6.60 -17.53 -4.36
C SER A 93 5.21 -18.00 -3.95
N GLU A 94 5.17 -18.81 -2.88
CA GLU A 94 3.90 -19.33 -2.39
C GLU A 94 3.30 -18.40 -1.33
N SER A 95 4.18 -17.69 -0.62
CA SER A 95 3.75 -16.77 0.42
C SER A 95 2.70 -15.79 -0.11
N PRO A 96 1.73 -15.43 0.74
CA PRO A 96 0.66 -14.50 0.39
C PRO A 96 1.16 -13.08 0.20
N TRP A 97 0.28 -12.19 -0.24
CA TRP A 97 0.64 -10.79 -0.46
C TRP A 97 0.57 -10.01 0.84
N GLU A 98 1.73 -9.51 1.28
CA GLU A 98 1.81 -8.74 2.51
C GLU A 98 1.49 -7.27 2.25
N ILE A 99 0.26 -6.88 2.59
CA ILE A 99 -0.16 -5.49 2.40
C ILE A 99 -0.38 -4.79 3.73
N ALA A 100 0.17 -3.59 3.85
CA ALA A 100 0.05 -2.80 5.08
C ALA A 100 -0.47 -1.41 4.78
N PHE A 101 -1.58 -1.03 5.41
CA PHE A 101 -2.17 0.28 5.22
C PHE A 101 -2.75 0.82 6.52
N ILE A 102 -3.30 2.03 6.47
CA ILE A 102 -3.89 2.65 7.64
C ILE A 102 -5.41 2.67 7.55
N ARG A 103 -6.06 2.10 8.57
CA ARG A 103 -7.52 2.05 8.61
C ARG A 103 -8.06 2.91 9.74
N SER A 104 -8.72 4.00 9.39
CA SER A 104 -9.29 4.91 10.38
C SER A 104 -10.73 5.27 10.03
N GLY A 105 -11.68 4.67 10.74
CA GLY A 105 -13.08 4.94 10.49
C GLY A 105 -13.58 4.30 9.22
N PRO A 106 -14.68 4.84 8.66
CA PRO A 106 -15.27 4.33 7.43
C PRO A 106 -14.41 4.60 6.21
N SER A 107 -14.61 3.83 5.15
CA SER A 107 -13.86 4.00 3.91
C SER A 107 -14.78 4.19 2.72
N SER A 108 -14.77 5.38 2.15
CA SER A 108 -15.62 5.69 1.00
C SER A 108 -15.03 6.85 0.19
N GLY A 109 -15.44 6.95 -1.07
CA GLY A 109 -14.95 8.00 -1.93
C GLY A 109 -13.94 7.51 -2.94
N GLY A 1 11.12 23.99 6.53
CA GLY A 1 10.50 24.76 5.48
C GLY A 1 11.05 24.43 4.11
N SER A 2 12.22 24.95 3.80
CA SER A 2 12.86 24.71 2.51
C SER A 2 13.85 23.55 2.59
N SER A 3 13.33 22.33 2.52
CA SER A 3 14.16 21.13 2.60
C SER A 3 13.40 19.90 2.14
N GLY A 4 14.06 19.07 1.33
CA GLY A 4 13.42 17.87 0.82
C GLY A 4 13.51 16.72 1.81
N SER A 5 13.15 16.98 3.06
CA SER A 5 13.20 15.96 4.10
C SER A 5 11.80 15.44 4.42
N SER A 6 11.73 14.30 5.08
CA SER A 6 10.46 13.69 5.44
C SER A 6 10.67 12.41 6.24
N GLY A 7 11.39 11.46 5.63
CA GLY A 7 11.65 10.20 6.30
C GLY A 7 10.50 9.74 7.16
N SER A 8 10.79 9.38 8.41
CA SER A 8 9.76 8.91 9.34
C SER A 8 10.26 9.00 10.78
N PRO A 9 10.08 10.19 11.39
CA PRO A 9 10.50 10.44 12.77
C PRO A 9 9.64 9.68 13.78
N LEU A 10 8.33 9.73 13.59
CA LEU A 10 7.39 9.04 14.48
C LEU A 10 7.04 7.66 13.94
N ASP A 11 6.96 6.68 14.83
CA ASP A 11 6.62 5.32 14.45
C ASP A 11 5.37 5.29 13.57
N ARG A 12 5.08 4.13 12.99
CA ARG A 12 3.92 3.99 12.12
C ARG A 12 2.68 4.60 12.77
N ASP A 13 1.71 4.96 11.94
CA ASP A 13 0.47 5.56 12.43
C ASP A 13 -0.20 4.65 13.46
N PRO A 14 -1.08 5.24 14.28
CA PRO A 14 -1.81 4.51 15.32
C PRO A 14 -2.84 3.55 14.74
N ALA A 15 -3.46 3.95 13.63
CA ALA A 15 -4.47 3.13 12.98
C ALA A 15 -3.84 2.27 11.88
N PHE A 16 -2.54 2.07 11.96
CA PHE A 16 -1.81 1.27 10.97
C PHE A 16 -2.22 -0.19 11.06
N ARG A 17 -2.93 -0.67 10.05
CA ARG A 17 -3.38 -2.06 10.01
C ARG A 17 -2.67 -2.83 8.90
N VAL A 18 -2.41 -4.10 9.17
CA VAL A 18 -1.73 -4.96 8.20
C VAL A 18 -2.52 -6.24 7.94
N ILE A 19 -2.71 -6.57 6.67
CA ILE A 19 -3.44 -7.77 6.29
C ILE A 19 -2.74 -8.52 5.16
N THR A 20 -3.23 -9.71 4.86
CA THR A 20 -2.64 -10.53 3.80
C THR A 20 -3.70 -10.94 2.78
N VAL A 21 -3.41 -10.71 1.50
CA VAL A 21 -4.34 -11.07 0.44
C VAL A 21 -3.90 -12.36 -0.27
N THR A 22 -4.85 -13.25 -0.49
CA THR A 22 -4.57 -14.52 -1.15
C THR A 22 -3.97 -14.30 -2.53
N LYS A 23 -2.66 -14.49 -2.64
CA LYS A 23 -1.96 -14.31 -3.91
C LYS A 23 -2.31 -15.43 -4.88
N GLU A 24 -2.57 -15.07 -6.13
CA GLU A 24 -2.92 -16.05 -7.16
C GLU A 24 -2.34 -15.63 -8.52
N THR A 25 -2.49 -14.36 -8.84
CA THR A 25 -1.99 -13.84 -10.12
C THR A 25 -0.96 -12.74 -9.89
N GLY A 26 -1.27 -11.83 -8.97
CA GLY A 26 -0.36 -10.73 -8.68
C GLY A 26 -1.07 -9.53 -8.09
N LEU A 27 -0.32 -8.70 -7.37
CA LEU A 27 -0.88 -7.51 -6.74
C LEU A 27 -2.01 -6.93 -7.60
N GLY A 28 -1.63 -6.41 -8.77
CA GLY A 28 -2.62 -5.83 -9.66
C GLY A 28 -3.45 -4.75 -9.00
N LEU A 29 -2.80 -3.65 -8.64
CA LEU A 29 -3.48 -2.54 -7.98
C LEU A 29 -2.86 -1.20 -8.39
N LYS A 30 -3.70 -0.16 -8.45
CA LYS A 30 -3.24 1.16 -8.82
C LYS A 30 -3.00 2.03 -7.58
N ILE A 31 -1.88 2.74 -7.57
CA ILE A 31 -1.53 3.60 -6.46
C ILE A 31 -1.59 5.07 -6.85
N LEU A 32 -1.66 5.95 -5.85
CA LEU A 32 -1.72 7.38 -6.10
C LEU A 32 -0.75 8.13 -5.20
N GLY A 33 -0.52 9.41 -5.52
CA GLY A 33 0.39 10.21 -4.72
C GLY A 33 1.81 10.20 -5.27
N GLY A 34 2.78 10.45 -4.41
CA GLY A 34 4.18 10.46 -4.83
C GLY A 34 4.86 11.77 -4.52
N ILE A 35 5.95 11.70 -3.78
CA ILE A 35 6.71 12.90 -3.42
C ILE A 35 6.74 13.90 -4.57
N ASN A 36 6.77 13.39 -5.79
CA ASN A 36 6.80 14.24 -6.97
C ASN A 36 5.40 14.65 -7.38
N ARG A 37 4.45 13.71 -7.24
CA ARG A 37 3.06 13.98 -7.60
C ARG A 37 2.42 14.95 -6.61
N ASN A 38 1.20 15.38 -6.91
CA ASN A 38 0.47 16.31 -6.06
C ASN A 38 -0.32 15.56 -4.99
N GLU A 39 -0.75 14.34 -5.33
CA GLU A 39 -1.51 13.52 -4.39
C GLU A 39 -0.66 13.09 -3.21
N GLY A 40 0.65 13.00 -3.45
CA GLY A 40 1.56 12.59 -2.38
C GLY A 40 1.68 13.65 -1.29
N PRO A 41 2.75 13.54 -0.47
CA PRO A 41 3.75 12.47 -0.61
C PRO A 41 3.19 11.10 -0.23
N LEU A 42 2.07 11.10 0.48
CA LEU A 42 1.43 9.86 0.90
C LEU A 42 0.92 9.07 -0.30
N VAL A 43 0.83 7.75 -0.14
CA VAL A 43 0.36 6.88 -1.21
C VAL A 43 -1.00 6.28 -0.87
N TYR A 44 -1.94 6.37 -1.80
CA TYR A 44 -3.27 5.83 -1.60
C TYR A 44 -3.71 4.98 -2.79
N ILE A 45 -4.48 3.94 -2.52
CA ILE A 45 -4.97 3.05 -3.57
C ILE A 45 -5.71 3.83 -4.64
N HIS A 46 -5.04 4.06 -5.77
CA HIS A 46 -5.64 4.80 -6.88
C HIS A 46 -6.97 4.17 -7.29
N GLU A 47 -6.95 2.86 -7.51
CA GLU A 47 -8.16 2.14 -7.92
C GLU A 47 -7.90 0.65 -8.02
N VAL A 48 -8.87 -0.15 -7.61
CA VAL A 48 -8.74 -1.60 -7.65
C VAL A 48 -9.02 -2.14 -9.06
N ILE A 49 -7.95 -2.51 -9.76
CA ILE A 49 -8.08 -3.04 -11.12
C ILE A 49 -8.97 -4.28 -11.14
N PRO A 50 -9.98 -4.26 -12.01
CA PRO A 50 -10.92 -5.38 -12.17
C PRO A 50 -10.27 -6.60 -12.79
N GLY A 51 -9.92 -7.57 -11.96
CA GLY A 51 -9.29 -8.79 -12.45
C GLY A 51 -7.96 -9.07 -11.78
N GLY A 52 -7.83 -8.63 -10.52
CA GLY A 52 -6.59 -8.85 -9.79
C GLY A 52 -6.77 -9.77 -8.61
N ASP A 53 -5.78 -9.80 -7.72
CA ASP A 53 -5.85 -10.64 -6.54
C ASP A 53 -6.69 -9.99 -5.44
N CYS A 54 -6.39 -8.74 -5.14
CA CYS A 54 -7.11 -8.01 -4.11
C CYS A 54 -8.54 -7.71 -4.56
N TYR A 55 -8.71 -7.44 -5.85
CA TYR A 55 -10.02 -7.14 -6.41
C TYR A 55 -11.08 -8.10 -5.87
N LYS A 56 -10.73 -9.39 -5.82
CA LYS A 56 -11.64 -10.41 -5.33
C LYS A 56 -11.75 -10.34 -3.80
N ASP A 57 -10.63 -10.04 -3.14
CA ASP A 57 -10.62 -9.95 -1.69
C ASP A 57 -11.64 -8.93 -1.19
N GLY A 58 -11.43 -7.67 -1.55
CA GLY A 58 -12.35 -6.62 -1.12
C GLY A 58 -11.87 -5.90 0.11
N ARG A 59 -11.03 -6.56 0.90
CA ARG A 59 -10.50 -5.98 2.13
C ARG A 59 -9.97 -4.57 1.87
N LEU A 60 -9.28 -4.40 0.75
CA LEU A 60 -8.72 -3.11 0.40
C LEU A 60 -9.65 -2.34 -0.54
N LYS A 61 -9.45 -1.03 -0.65
CA LYS A 61 -10.27 -0.20 -1.51
C LYS A 61 -9.54 1.10 -1.86
N PRO A 62 -10.07 1.82 -2.85
CA PRO A 62 -9.49 3.09 -3.31
C PRO A 62 -9.66 4.21 -2.28
N GLY A 63 -8.56 4.85 -1.92
CA GLY A 63 -8.61 5.92 -0.95
C GLY A 63 -7.77 5.63 0.28
N ASP A 64 -7.54 4.36 0.55
CA ASP A 64 -6.76 3.94 1.71
C ASP A 64 -5.28 4.26 1.50
N GLN A 65 -4.63 4.77 2.54
CA GLN A 65 -3.22 5.11 2.48
C GLN A 65 -2.35 3.88 2.68
N LEU A 66 -1.55 3.55 1.67
CA LEU A 66 -0.66 2.39 1.75
C LEU A 66 0.53 2.67 2.65
N VAL A 67 1.33 1.65 2.92
CA VAL A 67 2.51 1.78 3.77
C VAL A 67 3.69 1.00 3.20
N SER A 68 3.40 -0.14 2.58
CA SER A 68 4.43 -0.98 1.99
C SER A 68 3.82 -2.24 1.39
N ILE A 69 4.44 -2.73 0.32
CA ILE A 69 3.96 -3.94 -0.35
C ILE A 69 5.07 -4.98 -0.47
N ASN A 70 4.80 -6.17 0.06
CA ASN A 70 5.78 -7.26 0.01
C ASN A 70 6.92 -7.01 1.00
N LYS A 71 7.78 -6.05 0.67
CA LYS A 71 8.90 -5.70 1.53
C LYS A 71 9.57 -4.41 1.06
N GLU A 72 8.76 -3.44 0.65
CA GLU A 72 9.27 -2.16 0.19
C GLU A 72 8.63 -1.01 0.95
N SER A 73 8.98 0.21 0.57
CA SER A 73 8.45 1.40 1.23
C SER A 73 7.48 2.14 0.30
N MET A 74 6.51 2.81 0.90
CA MET A 74 5.52 3.56 0.13
C MET A 74 5.43 4.99 0.62
N ILE A 75 5.58 5.18 1.93
CA ILE A 75 5.52 6.51 2.52
C ILE A 75 6.67 7.39 2.04
N GLY A 76 6.34 8.60 1.60
CA GLY A 76 7.36 9.51 1.11
C GLY A 76 8.21 8.91 0.01
N VAL A 77 7.55 8.31 -0.98
CA VAL A 77 8.25 7.69 -2.10
C VAL A 77 7.78 8.27 -3.43
N SER A 78 8.53 8.01 -4.49
CA SER A 78 8.20 8.51 -5.82
C SER A 78 7.05 7.71 -6.42
N PHE A 79 6.08 8.41 -7.01
CA PHE A 79 4.94 7.77 -7.62
C PHE A 79 5.36 6.56 -8.45
N GLU A 80 6.34 6.77 -9.33
CA GLU A 80 6.85 5.70 -10.19
C GLU A 80 7.35 4.52 -9.35
N GLU A 81 8.04 4.83 -8.26
CA GLU A 81 8.58 3.80 -7.38
C GLU A 81 7.46 2.92 -6.83
N ALA A 82 6.59 3.50 -6.03
CA ALA A 82 5.47 2.77 -5.44
C ALA A 82 4.84 1.84 -6.47
N LYS A 83 4.60 2.35 -7.67
CA LYS A 83 4.00 1.58 -8.75
C LYS A 83 4.99 0.56 -9.31
N SER A 84 6.27 0.93 -9.31
CA SER A 84 7.31 0.07 -9.83
C SER A 84 7.48 -1.17 -8.95
N ILE A 85 7.30 -0.99 -7.65
CA ILE A 85 7.43 -2.09 -6.69
C ILE A 85 6.38 -3.16 -6.96
N ILE A 86 5.14 -2.73 -7.12
CA ILE A 86 4.04 -3.66 -7.39
C ILE A 86 4.37 -4.59 -8.54
N THR A 87 4.55 -4.01 -9.73
CA THR A 87 4.88 -4.80 -10.92
C THR A 87 6.18 -5.58 -10.73
N ARG A 88 7.10 -5.01 -9.96
CA ARG A 88 8.37 -5.65 -9.69
C ARG A 88 8.21 -6.83 -8.74
N ALA A 89 7.23 -6.74 -7.86
CA ALA A 89 6.96 -7.80 -6.89
C ALA A 89 7.22 -9.18 -7.51
N LYS A 90 7.71 -10.10 -6.68
CA LYS A 90 8.00 -11.45 -7.14
C LYS A 90 6.78 -12.09 -7.78
N LEU A 91 5.61 -11.83 -7.20
CA LEU A 91 4.35 -12.38 -7.72
C LEU A 91 4.52 -13.84 -8.10
N ARG A 92 3.52 -14.39 -8.78
CA ARG A 92 3.55 -15.79 -9.20
C ARG A 92 4.28 -16.65 -8.18
N SER A 93 4.03 -16.39 -6.91
CA SER A 93 4.67 -17.14 -5.83
C SER A 93 3.64 -17.94 -5.03
N GLU A 94 4.07 -18.49 -3.90
CA GLU A 94 3.19 -19.27 -3.05
C GLU A 94 2.66 -18.43 -1.90
N SER A 95 3.57 -17.81 -1.15
CA SER A 95 3.21 -16.98 -0.02
C SER A 95 2.24 -15.89 -0.44
N PRO A 96 1.30 -15.54 0.46
CA PRO A 96 0.30 -14.49 0.20
C PRO A 96 0.92 -13.10 0.16
N TRP A 97 0.15 -12.14 -0.35
CA TRP A 97 0.63 -10.76 -0.45
C TRP A 97 0.56 -10.07 0.91
N GLU A 98 1.64 -9.38 1.27
CA GLU A 98 1.71 -8.68 2.54
C GLU A 98 1.31 -7.22 2.38
N ILE A 99 0.05 -6.91 2.67
CA ILE A 99 -0.45 -5.55 2.55
C ILE A 99 -0.34 -4.80 3.88
N ALA A 100 0.03 -3.53 3.80
CA ALA A 100 0.16 -2.70 4.99
C ALA A 100 -0.36 -1.30 4.75
N PHE A 101 -1.45 -0.96 5.43
CA PHE A 101 -2.06 0.36 5.28
C PHE A 101 -2.64 0.84 6.61
N ILE A 102 -3.26 2.02 6.60
CA ILE A 102 -3.85 2.58 7.79
C ILE A 102 -5.38 2.59 7.70
N ARG A 103 -6.02 1.83 8.57
CA ARG A 103 -7.48 1.75 8.58
C ARG A 103 -8.04 2.38 9.86
N SER A 104 -8.78 3.48 9.70
CA SER A 104 -9.37 4.18 10.83
C SER A 104 -10.87 4.33 10.64
N GLY A 105 -11.61 3.28 10.98
CA GLY A 105 -13.06 3.32 10.84
C GLY A 105 -13.51 3.23 9.40
N PRO A 106 -14.80 2.96 9.19
CA PRO A 106 -15.39 2.84 7.86
C PRO A 106 -15.45 4.18 7.13
N SER A 107 -14.75 4.28 6.02
CA SER A 107 -14.71 5.50 5.23
C SER A 107 -14.00 6.62 5.99
N SER A 108 -13.78 7.74 5.31
CA SER A 108 -13.10 8.88 5.92
C SER A 108 -13.80 9.30 7.20
N GLY A 109 -13.35 8.75 8.33
CA GLY A 109 -13.95 9.08 9.61
C GLY A 109 -12.95 9.71 10.56
N GLY A 1 4.46 27.56 1.74
CA GLY A 1 4.27 27.74 3.16
C GLY A 1 5.48 27.34 3.97
N SER A 2 5.26 26.62 5.07
CA SER A 2 6.35 26.19 5.93
C SER A 2 6.11 24.77 6.43
N SER A 3 7.05 23.87 6.13
CA SER A 3 6.93 22.48 6.55
C SER A 3 7.76 22.23 7.80
N GLY A 4 7.07 22.08 8.93
CA GLY A 4 7.75 21.84 10.20
C GLY A 4 8.32 20.43 10.29
N SER A 5 7.43 19.44 10.30
CA SER A 5 7.84 18.05 10.38
C SER A 5 6.84 17.14 9.68
N SER A 6 7.10 16.85 8.41
CA SER A 6 6.22 15.99 7.61
C SER A 6 6.33 14.54 8.06
N GLY A 7 5.17 13.89 8.18
CA GLY A 7 5.16 12.49 8.59
C GLY A 7 5.52 12.33 10.05
N SER A 8 6.32 11.31 10.35
CA SER A 8 6.75 11.04 11.72
C SER A 8 7.80 9.93 11.75
N PRO A 9 8.98 10.26 12.29
CA PRO A 9 10.09 9.30 12.40
C PRO A 9 9.81 8.20 13.42
N LEU A 10 9.30 8.60 14.58
CA LEU A 10 8.99 7.65 15.65
C LEU A 10 7.49 7.51 15.83
N ASP A 11 7.08 6.59 16.69
CA ASP A 11 5.67 6.36 16.96
C ASP A 11 4.86 6.38 15.67
N ARG A 12 4.85 5.26 14.96
CA ARG A 12 4.12 5.14 13.71
C ARG A 12 2.62 5.31 13.94
N ASP A 13 1.88 5.51 12.85
CA ASP A 13 0.43 5.68 12.94
C ASP A 13 -0.19 4.62 13.83
N PRO A 14 -1.04 5.06 14.77
CA PRO A 14 -1.72 4.16 15.71
C PRO A 14 -2.77 3.30 15.01
N ALA A 15 -3.38 3.84 13.96
CA ALA A 15 -4.40 3.11 13.22
C ALA A 15 -3.77 2.27 12.10
N PHE A 16 -2.50 1.94 12.27
CA PHE A 16 -1.78 1.15 11.27
C PHE A 16 -2.33 -0.28 11.23
N ARG A 17 -2.93 -0.64 10.10
CA ARG A 17 -3.50 -1.97 9.92
C ARG A 17 -2.98 -2.62 8.64
N VAL A 18 -2.38 -3.80 8.79
CA VAL A 18 -1.84 -4.52 7.64
C VAL A 18 -2.56 -5.85 7.44
N ILE A 19 -2.90 -6.15 6.20
CA ILE A 19 -3.60 -7.40 5.87
C ILE A 19 -2.85 -8.17 4.79
N THR A 20 -3.40 -9.32 4.41
CA THR A 20 -2.78 -10.16 3.39
C THR A 20 -3.81 -10.55 2.32
N VAL A 21 -3.41 -10.40 1.05
CA VAL A 21 -4.29 -10.75 -0.06
C VAL A 21 -3.84 -12.03 -0.74
N THR A 22 -4.79 -12.91 -1.04
CA THR A 22 -4.51 -14.18 -1.69
C THR A 22 -3.75 -13.96 -3.00
N LYS A 23 -2.50 -14.43 -3.04
CA LYS A 23 -1.67 -14.29 -4.23
C LYS A 23 -1.89 -15.45 -5.19
N GLU A 24 -2.47 -15.16 -6.35
CA GLU A 24 -2.73 -16.19 -7.35
C GLU A 24 -2.17 -15.78 -8.71
N THR A 25 -2.48 -14.55 -9.13
CA THR A 25 -2.00 -14.04 -10.41
C THR A 25 -1.01 -12.89 -10.21
N GLY A 26 -1.33 -12.01 -9.27
CA GLY A 26 -0.46 -10.87 -9.01
C GLY A 26 -1.16 -9.77 -8.25
N LEU A 27 -0.42 -8.71 -7.91
CA LEU A 27 -0.99 -7.59 -7.18
C LEU A 27 -2.18 -6.99 -7.92
N GLY A 28 -1.92 -6.40 -9.08
CA GLY A 28 -2.98 -5.81 -9.87
C GLY A 28 -3.72 -4.72 -9.12
N LEU A 29 -2.99 -3.70 -8.70
CA LEU A 29 -3.58 -2.58 -7.96
C LEU A 29 -3.02 -1.25 -8.45
N LYS A 30 -3.79 -0.18 -8.26
CA LYS A 30 -3.36 1.15 -8.67
C LYS A 30 -3.12 2.04 -7.46
N ILE A 31 -1.99 2.73 -7.45
CA ILE A 31 -1.64 3.63 -6.35
C ILE A 31 -1.78 5.09 -6.77
N LEU A 32 -1.83 5.97 -5.77
CA LEU A 32 -1.97 7.39 -6.04
C LEU A 32 -1.03 8.20 -5.14
N GLY A 33 -0.74 9.43 -5.54
CA GLY A 33 0.14 10.28 -4.76
C GLY A 33 1.56 10.29 -5.29
N GLY A 34 2.51 10.64 -4.42
CA GLY A 34 3.90 10.68 -4.83
C GLY A 34 4.56 12.01 -4.51
N ILE A 35 5.70 11.96 -3.82
CA ILE A 35 6.42 13.16 -3.44
C ILE A 35 6.36 14.20 -4.56
N ASN A 36 6.32 13.73 -5.80
CA ASN A 36 6.27 14.62 -6.95
C ASN A 36 4.82 14.92 -7.34
N ARG A 37 3.96 13.92 -7.18
CA ARG A 37 2.55 14.07 -7.52
C ARG A 37 1.85 15.03 -6.55
N ASN A 38 0.62 15.39 -6.87
CA ASN A 38 -0.15 16.30 -6.04
C ASN A 38 -0.88 15.55 -4.94
N GLU A 39 -1.22 14.29 -5.21
CA GLU A 39 -1.92 13.45 -4.26
C GLU A 39 -1.01 13.06 -3.10
N GLY A 40 0.30 13.09 -3.36
CA GLY A 40 1.26 12.73 -2.33
C GLY A 40 1.34 13.77 -1.22
N PRO A 41 2.41 13.70 -0.41
CA PRO A 41 3.46 12.70 -0.57
C PRO A 41 2.97 11.30 -0.20
N LEU A 42 1.89 11.24 0.57
CA LEU A 42 1.31 9.96 0.99
C LEU A 42 0.81 9.17 -0.21
N VAL A 43 0.93 7.84 -0.13
CA VAL A 43 0.47 6.97 -1.20
C VAL A 43 -0.80 6.23 -0.81
N TYR A 44 -1.81 6.30 -1.69
CA TYR A 44 -3.08 5.65 -1.43
C TYR A 44 -3.44 4.71 -2.57
N ILE A 45 -4.51 3.94 -2.38
CA ILE A 45 -4.97 3.00 -3.40
C ILE A 45 -5.80 3.70 -4.47
N HIS A 46 -5.17 4.00 -5.59
CA HIS A 46 -5.85 4.67 -6.69
C HIS A 46 -7.13 3.94 -7.06
N GLU A 47 -7.01 2.65 -7.33
CA GLU A 47 -8.17 1.84 -7.69
C GLU A 47 -7.76 0.39 -7.95
N VAL A 48 -8.39 -0.54 -7.25
CA VAL A 48 -8.09 -1.95 -7.40
C VAL A 48 -8.66 -2.50 -8.70
N ILE A 49 -7.82 -2.59 -9.73
CA ILE A 49 -8.24 -3.09 -11.03
C ILE A 49 -9.10 -4.33 -10.88
N PRO A 50 -10.25 -4.35 -11.58
CA PRO A 50 -11.18 -5.48 -11.55
C PRO A 50 -10.62 -6.71 -12.25
N GLY A 51 -10.23 -7.71 -11.46
CA GLY A 51 -9.69 -8.93 -12.01
C GLY A 51 -8.33 -9.28 -11.44
N GLY A 52 -8.00 -8.67 -10.30
CA GLY A 52 -6.72 -8.93 -9.67
C GLY A 52 -6.85 -9.79 -8.43
N ASP A 53 -5.83 -9.77 -7.59
CA ASP A 53 -5.83 -10.56 -6.36
C ASP A 53 -6.68 -9.88 -5.29
N CYS A 54 -6.29 -8.66 -4.91
CA CYS A 54 -7.01 -7.91 -3.89
C CYS A 54 -8.47 -7.74 -4.28
N TYR A 55 -8.71 -7.33 -5.52
CA TYR A 55 -10.07 -7.13 -6.02
C TYR A 55 -11.01 -8.22 -5.51
N LYS A 56 -10.78 -9.45 -5.96
CA LYS A 56 -11.59 -10.58 -5.56
C LYS A 56 -11.59 -10.73 -4.04
N ASP A 57 -10.59 -10.16 -3.39
CA ASP A 57 -10.48 -10.23 -1.94
C ASP A 57 -11.47 -9.27 -1.28
N GLY A 58 -11.37 -8.00 -1.63
CA GLY A 58 -12.26 -7.00 -1.05
C GLY A 58 -11.72 -6.40 0.22
N ARG A 59 -10.83 -7.13 0.88
CA ARG A 59 -10.23 -6.66 2.13
C ARG A 59 -9.83 -5.20 2.02
N LEU A 60 -9.07 -4.87 0.98
CA LEU A 60 -8.63 -3.51 0.76
C LEU A 60 -9.63 -2.73 -0.08
N LYS A 61 -9.27 -1.50 -0.44
CA LYS A 61 -10.14 -0.65 -1.24
C LYS A 61 -9.46 0.67 -1.59
N PRO A 62 -9.98 1.37 -2.60
CA PRO A 62 -9.43 2.65 -3.04
C PRO A 62 -9.67 3.76 -2.03
N GLY A 63 -8.61 4.52 -1.72
CA GLY A 63 -8.73 5.60 -0.77
C GLY A 63 -7.89 5.37 0.47
N ASP A 64 -7.54 4.11 0.73
CA ASP A 64 -6.74 3.76 1.89
C ASP A 64 -5.26 4.12 1.66
N GLN A 65 -4.63 4.64 2.70
CA GLN A 65 -3.23 5.03 2.61
C GLN A 65 -2.32 3.82 2.76
N LEU A 66 -1.54 3.54 1.72
CA LEU A 66 -0.63 2.40 1.73
C LEU A 66 0.58 2.68 2.63
N VAL A 67 1.28 1.61 2.99
CA VAL A 67 2.46 1.75 3.85
C VAL A 67 3.65 0.99 3.28
N SER A 68 3.40 -0.23 2.81
CA SER A 68 4.44 -1.05 2.23
C SER A 68 3.86 -2.32 1.59
N ILE A 69 4.44 -2.72 0.47
CA ILE A 69 3.97 -3.92 -0.23
C ILE A 69 4.99 -5.05 -0.14
N ASN A 70 4.52 -6.22 0.26
CA ASN A 70 5.40 -7.38 0.38
C ASN A 70 6.49 -7.14 1.41
N LYS A 71 7.48 -6.34 1.04
CA LYS A 71 8.59 -6.02 1.93
C LYS A 71 9.34 -4.78 1.45
N GLU A 72 8.59 -3.80 0.93
CA GLU A 72 9.19 -2.57 0.44
C GLU A 72 8.67 -1.37 1.22
N SER A 73 9.10 -0.17 0.82
CA SER A 73 8.68 1.06 1.48
C SER A 73 7.94 1.96 0.50
N MET A 74 6.87 2.60 1.00
CA MET A 74 6.08 3.51 0.17
C MET A 74 6.07 4.91 0.76
N ILE A 75 6.14 5.00 2.08
CA ILE A 75 6.13 6.28 2.77
C ILE A 75 7.17 7.22 2.17
N GLY A 76 6.72 8.38 1.71
CA GLY A 76 7.63 9.35 1.13
C GLY A 76 8.43 8.78 -0.02
N VAL A 77 7.74 8.14 -0.97
CA VAL A 77 8.40 7.54 -2.13
C VAL A 77 7.88 8.15 -3.42
N SER A 78 8.58 7.87 -4.52
CA SER A 78 8.19 8.38 -5.82
C SER A 78 7.05 7.56 -6.42
N PHE A 79 6.06 8.25 -6.98
CA PHE A 79 4.91 7.59 -7.58
C PHE A 79 5.35 6.37 -8.40
N GLU A 80 6.25 6.60 -9.34
CA GLU A 80 6.74 5.52 -10.19
C GLU A 80 7.28 4.36 -9.35
N GLU A 81 8.10 4.69 -8.37
CA GLU A 81 8.68 3.68 -7.49
C GLU A 81 7.60 2.79 -6.90
N ALA A 82 6.67 3.40 -6.16
CA ALA A 82 5.57 2.66 -5.55
C ALA A 82 4.88 1.75 -6.55
N LYS A 83 4.57 2.31 -7.72
CA LYS A 83 3.91 1.56 -8.78
C LYS A 83 4.86 0.56 -9.42
N SER A 84 6.16 0.77 -9.20
CA SER A 84 7.18 -0.12 -9.77
C SER A 84 7.37 -1.35 -8.88
N ILE A 85 7.33 -1.14 -7.57
CA ILE A 85 7.50 -2.24 -6.63
C ILE A 85 6.45 -3.31 -6.84
N ILE A 86 5.20 -2.88 -7.05
CA ILE A 86 4.10 -3.82 -7.26
C ILE A 86 4.38 -4.72 -8.46
N THR A 87 4.78 -4.11 -9.58
CA THR A 87 5.06 -4.86 -10.80
C THR A 87 6.42 -5.56 -10.70
N ARG A 88 7.24 -5.13 -9.74
CA ARG A 88 8.56 -5.71 -9.56
C ARG A 88 8.50 -6.89 -8.59
N ALA A 89 7.38 -7.01 -7.88
CA ALA A 89 7.19 -8.10 -6.92
C ALA A 89 7.57 -9.45 -7.54
N LYS A 90 7.68 -10.46 -6.70
CA LYS A 90 8.04 -11.80 -7.16
C LYS A 90 6.88 -12.44 -7.91
N LEU A 91 5.67 -12.20 -7.44
CA LEU A 91 4.47 -12.76 -8.07
C LEU A 91 4.76 -14.13 -8.68
N ARG A 92 5.18 -15.07 -7.83
CA ARG A 92 5.49 -16.42 -8.28
C ARG A 92 5.92 -17.30 -7.10
N SER A 93 5.34 -17.04 -5.94
CA SER A 93 5.67 -17.80 -4.74
C SER A 93 4.41 -18.41 -4.13
N GLU A 94 4.59 -19.08 -2.99
CA GLU A 94 3.46 -19.71 -2.31
C GLU A 94 2.84 -18.76 -1.30
N SER A 95 3.67 -17.89 -0.72
CA SER A 95 3.20 -16.91 0.27
C SER A 95 2.30 -15.87 -0.38
N PRO A 96 1.27 -15.44 0.34
CA PRO A 96 0.32 -14.43 -0.14
C PRO A 96 0.95 -13.05 -0.23
N TRP A 97 0.13 -12.05 -0.54
CA TRP A 97 0.60 -10.68 -0.66
C TRP A 97 0.50 -9.94 0.67
N GLU A 98 1.55 -9.22 1.03
CA GLU A 98 1.58 -8.48 2.28
C GLU A 98 1.24 -7.00 2.04
N ILE A 99 0.01 -6.63 2.41
CA ILE A 99 -0.44 -5.26 2.25
C ILE A 99 -0.54 -4.53 3.59
N ALA A 100 0.27 -3.50 3.76
CA ALA A 100 0.27 -2.73 4.99
C ALA A 100 -0.26 -1.32 4.76
N PHE A 101 -1.26 -0.93 5.55
CA PHE A 101 -1.86 0.39 5.43
C PHE A 101 -2.39 0.88 6.77
N ILE A 102 -3.07 2.02 6.75
CA ILE A 102 -3.63 2.59 7.98
C ILE A 102 -5.14 2.73 7.86
N ARG A 103 -5.87 2.00 8.70
CA ARG A 103 -7.32 2.05 8.69
C ARG A 103 -7.85 2.87 9.87
N SER A 104 -8.45 4.02 9.56
CA SER A 104 -8.98 4.90 10.59
C SER A 104 -10.21 5.63 10.08
N GLY A 105 -10.95 5.00 9.18
CA GLY A 105 -12.15 5.60 8.64
C GLY A 105 -12.44 5.13 7.22
N PRO A 106 -13.67 5.39 6.75
CA PRO A 106 -14.10 4.99 5.41
C PRO A 106 -13.42 5.81 4.32
N SER A 107 -12.33 5.28 3.78
CA SER A 107 -11.59 5.96 2.73
C SER A 107 -10.88 7.20 3.29
N SER A 108 -9.55 7.21 3.16
CA SER A 108 -8.75 8.33 3.66
C SER A 108 -8.93 8.50 5.16
N GLY A 109 -7.85 8.25 5.90
CA GLY A 109 -7.91 8.38 7.35
C GLY A 109 -7.28 9.67 7.84
N GLY A 1 23.58 14.87 -0.87
CA GLY A 1 23.28 14.02 0.27
C GLY A 1 22.22 12.99 -0.05
N SER A 2 22.63 11.92 -0.73
CA SER A 2 21.70 10.86 -1.10
C SER A 2 21.62 9.80 -0.01
N SER A 3 20.45 9.18 0.13
CA SER A 3 20.23 8.16 1.14
C SER A 3 20.42 8.74 2.54
N GLY A 4 19.33 9.26 3.11
CA GLY A 4 19.39 9.85 4.45
C GLY A 4 18.14 9.56 5.25
N SER A 5 18.02 8.32 5.72
CA SER A 5 16.86 7.92 6.50
C SER A 5 17.25 6.86 7.55
N SER A 6 17.13 7.23 8.82
CA SER A 6 17.48 6.32 9.90
C SER A 6 17.09 6.90 11.26
N GLY A 7 16.85 6.04 12.22
CA GLY A 7 16.47 6.50 13.56
C GLY A 7 14.99 6.32 13.83
N SER A 8 14.16 6.77 12.89
CA SER A 8 12.71 6.67 13.04
C SER A 8 12.23 7.50 14.22
N PRO A 9 12.13 8.82 14.01
CA PRO A 9 11.68 9.75 15.04
C PRO A 9 10.20 9.61 15.36
N LEU A 10 9.40 9.45 14.31
CA LEU A 10 7.95 9.29 14.48
C LEU A 10 7.52 7.86 14.12
N ASP A 11 6.28 7.53 14.48
CA ASP A 11 5.75 6.20 14.19
C ASP A 11 4.46 6.30 13.38
N ARG A 12 4.18 5.27 12.58
CA ARG A 12 2.98 5.24 11.75
C ARG A 12 1.73 5.46 12.60
N ASP A 13 0.66 5.91 11.95
CA ASP A 13 -0.60 6.16 12.65
C ASP A 13 -0.98 4.97 13.52
N PRO A 14 -1.79 5.24 14.56
CA PRO A 14 -2.25 4.21 15.49
C PRO A 14 -3.23 3.24 14.85
N ALA A 15 -3.85 3.67 13.77
CA ALA A 15 -4.81 2.84 13.06
C ALA A 15 -4.14 2.04 11.94
N PHE A 16 -2.81 1.95 12.01
CA PHE A 16 -2.05 1.22 11.01
C PHE A 16 -2.23 -0.28 11.16
N ARG A 17 -2.89 -0.89 10.18
CA ARG A 17 -3.14 -2.33 10.21
C ARG A 17 -2.46 -3.02 9.03
N VAL A 18 -2.23 -4.33 9.16
CA VAL A 18 -1.60 -5.10 8.11
C VAL A 18 -2.44 -6.33 7.74
N ILE A 19 -2.66 -6.53 6.45
CA ILE A 19 -3.44 -7.66 5.98
C ILE A 19 -2.69 -8.43 4.89
N THR A 20 -3.17 -9.63 4.59
CA THR A 20 -2.55 -10.46 3.56
C THR A 20 -3.59 -10.98 2.57
N VAL A 21 -3.36 -10.72 1.29
CA VAL A 21 -4.27 -11.16 0.24
C VAL A 21 -3.73 -12.38 -0.49
N THR A 22 -4.59 -13.38 -0.67
CA THR A 22 -4.19 -14.61 -1.34
C THR A 22 -3.67 -14.32 -2.75
N LYS A 23 -2.42 -14.66 -3.00
CA LYS A 23 -1.80 -14.44 -4.30
C LYS A 23 -2.13 -15.58 -5.26
N GLU A 24 -2.72 -15.24 -6.40
CA GLU A 24 -3.08 -16.23 -7.40
C GLU A 24 -2.60 -15.82 -8.78
N THR A 25 -2.91 -14.59 -9.16
CA THR A 25 -2.50 -14.07 -10.46
C THR A 25 -1.52 -12.90 -10.32
N GLY A 26 -1.65 -12.17 -9.21
CA GLY A 26 -0.77 -11.04 -8.97
C GLY A 26 -1.45 -9.94 -8.18
N LEU A 27 -0.71 -8.87 -7.90
CA LEU A 27 -1.24 -7.74 -7.14
C LEU A 27 -2.41 -7.10 -7.88
N GLY A 28 -2.11 -6.40 -8.97
CA GLY A 28 -3.15 -5.76 -9.74
C GLY A 28 -3.78 -4.59 -9.00
N LEU A 29 -2.95 -3.74 -8.42
CA LEU A 29 -3.44 -2.59 -7.66
C LEU A 29 -2.77 -1.30 -8.16
N LYS A 30 -3.54 -0.22 -8.20
CA LYS A 30 -3.02 1.06 -8.64
C LYS A 30 -2.83 2.01 -7.46
N ILE A 31 -1.75 2.79 -7.49
CA ILE A 31 -1.46 3.74 -6.43
C ILE A 31 -1.60 5.17 -6.92
N LEU A 32 -1.70 6.10 -5.97
CA LEU A 32 -1.84 7.51 -6.30
C LEU A 32 -0.90 8.36 -5.45
N GLY A 33 -0.75 9.63 -5.83
CA GLY A 33 0.12 10.54 -5.09
C GLY A 33 1.56 10.43 -5.54
N GLY A 34 2.47 10.82 -4.65
CA GLY A 34 3.89 10.76 -4.97
C GLY A 34 4.60 12.07 -4.68
N ILE A 35 5.73 11.99 -3.98
CA ILE A 35 6.50 13.17 -3.64
C ILE A 35 6.57 14.15 -4.80
N ASN A 36 6.40 13.62 -6.01
CA ASN A 36 6.44 14.43 -7.23
C ASN A 36 5.03 14.78 -7.70
N ARG A 37 4.11 13.86 -7.48
CA ARG A 37 2.72 14.05 -7.89
C ARG A 37 2.02 15.06 -6.98
N ASN A 38 0.78 15.40 -7.33
CA ASN A 38 0.00 16.36 -6.54
C ASN A 38 -0.75 15.66 -5.42
N GLU A 39 -1.12 14.40 -5.66
CA GLU A 39 -1.86 13.62 -4.68
C GLU A 39 -0.94 13.21 -3.53
N GLY A 40 0.36 13.35 -3.73
CA GLY A 40 1.32 12.99 -2.70
C GLY A 40 1.35 13.99 -1.56
N PRO A 41 2.43 13.97 -0.77
CA PRO A 41 3.54 13.04 -0.98
C PRO A 41 3.16 11.59 -0.67
N LEU A 42 2.17 11.42 0.20
CA LEU A 42 1.70 10.10 0.59
C LEU A 42 1.15 9.35 -0.61
N VAL A 43 1.01 8.03 -0.47
CA VAL A 43 0.49 7.20 -1.54
C VAL A 43 -0.80 6.51 -1.13
N TYR A 44 -1.75 6.42 -2.06
CA TYR A 44 -3.03 5.80 -1.79
C TYR A 44 -3.44 4.88 -2.93
N ILE A 45 -4.38 3.98 -2.66
CA ILE A 45 -4.87 3.04 -3.67
C ILE A 45 -5.64 3.77 -4.76
N HIS A 46 -5.00 3.99 -5.89
CA HIS A 46 -5.64 4.68 -7.02
C HIS A 46 -6.89 3.93 -7.47
N GLU A 47 -6.76 2.62 -7.65
CA GLU A 47 -7.89 1.80 -8.08
C GLU A 47 -7.48 0.33 -8.19
N VAL A 48 -8.21 -0.53 -7.48
CA VAL A 48 -7.91 -1.96 -7.50
C VAL A 48 -8.40 -2.61 -8.80
N ILE A 49 -7.46 -2.78 -9.73
CA ILE A 49 -7.78 -3.39 -11.03
C ILE A 49 -8.69 -4.60 -10.86
N PRO A 50 -9.76 -4.66 -11.65
CA PRO A 50 -10.73 -5.76 -11.60
C PRO A 50 -10.14 -7.06 -12.15
N GLY A 51 -9.72 -7.93 -11.24
CA GLY A 51 -9.14 -9.20 -11.65
C GLY A 51 -7.83 -9.49 -10.95
N GLY A 52 -7.50 -8.69 -9.95
CA GLY A 52 -6.26 -8.87 -9.21
C GLY A 52 -6.47 -9.61 -7.90
N ASP A 53 -5.48 -9.53 -7.01
CA ASP A 53 -5.57 -10.19 -5.72
C ASP A 53 -6.47 -9.41 -4.77
N CYS A 54 -6.17 -8.13 -4.60
CA CYS A 54 -6.95 -7.27 -3.71
C CYS A 54 -8.41 -7.22 -4.15
N TYR A 55 -8.63 -6.95 -5.43
CA TYR A 55 -9.98 -6.87 -5.97
C TYR A 55 -10.86 -7.97 -5.41
N LYS A 56 -10.53 -9.21 -5.73
CA LYS A 56 -11.29 -10.37 -5.26
C LYS A 56 -11.39 -10.35 -3.73
N ASP A 57 -10.33 -9.90 -3.07
CA ASP A 57 -10.31 -9.82 -1.62
C ASP A 57 -11.37 -8.88 -1.10
N GLY A 58 -11.23 -7.59 -1.38
CA GLY A 58 -12.19 -6.60 -0.94
C GLY A 58 -11.70 -5.83 0.27
N ARG A 59 -11.01 -6.51 1.17
CA ARG A 59 -10.49 -5.89 2.38
C ARG A 59 -10.06 -4.44 2.10
N LEU A 60 -9.23 -4.27 1.07
CA LEU A 60 -8.75 -2.94 0.70
C LEU A 60 -9.70 -2.27 -0.29
N LYS A 61 -9.35 -1.06 -0.69
CA LYS A 61 -10.18 -0.31 -1.64
C LYS A 61 -9.49 0.99 -2.05
N PRO A 62 -10.00 1.62 -3.13
CA PRO A 62 -9.45 2.87 -3.64
C PRO A 62 -9.70 4.05 -2.70
N GLY A 63 -8.66 4.85 -2.47
CA GLY A 63 -8.78 6.00 -1.59
C GLY A 63 -8.09 5.79 -0.26
N ASP A 64 -7.59 4.58 -0.04
CA ASP A 64 -6.90 4.25 1.20
C ASP A 64 -5.40 4.51 1.07
N GLN A 65 -4.78 4.87 2.18
CA GLN A 65 -3.34 5.15 2.19
C GLN A 65 -2.53 3.86 2.34
N LEU A 66 -1.58 3.66 1.45
CA LEU A 66 -0.73 2.47 1.48
C LEU A 66 0.53 2.71 2.31
N VAL A 67 1.03 1.67 2.93
CA VAL A 67 2.24 1.76 3.75
C VAL A 67 3.42 1.06 3.08
N SER A 68 3.24 -0.22 2.77
CA SER A 68 4.29 -1.01 2.14
C SER A 68 3.71 -2.26 1.50
N ILE A 69 4.33 -2.71 0.41
CA ILE A 69 3.88 -3.90 -0.29
C ILE A 69 4.98 -4.96 -0.36
N ASN A 70 4.66 -6.18 0.04
CA ASN A 70 5.62 -7.27 0.03
C ASN A 70 6.70 -7.06 1.09
N LYS A 71 7.56 -6.07 0.87
CA LYS A 71 8.63 -5.76 1.81
C LYS A 71 9.36 -4.49 1.39
N GLU A 72 8.61 -3.51 0.91
CA GLU A 72 9.19 -2.24 0.49
C GLU A 72 8.61 -1.08 1.29
N SER A 73 8.99 0.14 0.91
CA SER A 73 8.51 1.34 1.60
C SER A 73 7.94 2.34 0.61
N MET A 74 6.68 2.72 0.81
CA MET A 74 6.02 3.67 -0.06
C MET A 74 5.99 5.06 0.56
N ILE A 75 6.03 5.10 1.89
CA ILE A 75 6.01 6.37 2.61
C ILE A 75 7.20 7.24 2.22
N GLY A 76 6.90 8.38 1.60
CA GLY A 76 7.96 9.29 1.18
C GLY A 76 8.76 8.74 0.02
N VAL A 77 8.09 8.08 -0.92
CA VAL A 77 8.74 7.51 -2.08
C VAL A 77 8.20 8.11 -3.37
N SER A 78 8.90 7.86 -4.48
CA SER A 78 8.48 8.37 -5.77
C SER A 78 7.31 7.58 -6.33
N PHE A 79 6.31 8.29 -6.86
CA PHE A 79 5.13 7.65 -7.41
C PHE A 79 5.50 6.40 -8.21
N GLU A 80 6.33 6.59 -9.23
CA GLU A 80 6.77 5.49 -10.08
C GLU A 80 7.30 4.34 -9.23
N GLU A 81 8.09 4.68 -8.23
CA GLU A 81 8.68 3.66 -7.34
C GLU A 81 7.59 2.78 -6.74
N ALA A 82 6.72 3.40 -5.94
CA ALA A 82 5.63 2.67 -5.29
C ALA A 82 4.89 1.80 -6.29
N LYS A 83 4.50 2.39 -7.41
CA LYS A 83 3.78 1.66 -8.45
C LYS A 83 4.68 0.61 -9.09
N SER A 84 5.98 0.87 -9.12
CA SER A 84 6.93 -0.06 -9.70
C SER A 84 6.99 -1.36 -8.90
N ILE A 85 7.20 -1.22 -7.59
CA ILE A 85 7.28 -2.39 -6.70
C ILE A 85 6.18 -3.39 -7.03
N ILE A 86 4.94 -2.93 -7.02
CA ILE A 86 3.80 -3.79 -7.32
C ILE A 86 4.06 -4.63 -8.57
N THR A 87 4.39 -3.96 -9.67
CA THR A 87 4.66 -4.64 -10.92
C THR A 87 6.03 -5.32 -10.90
N ARG A 88 6.85 -4.96 -9.92
CA ARG A 88 8.18 -5.54 -9.78
C ARG A 88 8.16 -6.72 -8.81
N ALA A 89 7.01 -6.96 -8.19
CA ALA A 89 6.86 -8.06 -7.25
C ALA A 89 7.05 -9.40 -7.96
N LYS A 90 6.80 -10.49 -7.22
CA LYS A 90 6.94 -11.83 -7.77
C LYS A 90 5.58 -12.50 -7.90
N LEU A 91 4.76 -11.99 -8.83
CA LEU A 91 3.44 -12.54 -9.06
C LEU A 91 3.52 -14.01 -9.47
N ARG A 92 2.57 -14.82 -8.99
CA ARG A 92 2.54 -16.23 -9.31
C ARG A 92 3.49 -17.02 -8.41
N SER A 93 3.02 -17.34 -7.21
CA SER A 93 3.82 -18.10 -6.25
C SER A 93 2.94 -18.65 -5.13
N GLU A 94 3.59 -19.12 -4.06
CA GLU A 94 2.87 -19.67 -2.92
C GLU A 94 2.59 -18.60 -1.88
N SER A 95 3.64 -17.88 -1.49
CA SER A 95 3.50 -16.83 -0.49
C SER A 95 2.46 -15.80 -0.91
N PRO A 96 1.57 -15.43 0.02
CA PRO A 96 0.51 -14.46 -0.24
C PRO A 96 1.05 -13.04 -0.41
N TRP A 97 0.15 -12.08 -0.55
CA TRP A 97 0.54 -10.68 -0.72
C TRP A 97 0.50 -9.95 0.60
N GLU A 98 1.68 -9.49 1.06
CA GLU A 98 1.78 -8.77 2.32
C GLU A 98 1.43 -7.30 2.13
N ILE A 99 0.21 -6.92 2.48
CA ILE A 99 -0.25 -5.55 2.35
C ILE A 99 -0.31 -4.86 3.72
N ALA A 100 0.04 -3.58 3.74
CA ALA A 100 0.02 -2.81 4.97
C ALA A 100 -0.59 -1.42 4.75
N PHE A 101 -1.71 -1.16 5.39
CA PHE A 101 -2.40 0.12 5.26
C PHE A 101 -2.95 0.58 6.60
N ILE A 102 -3.66 1.71 6.59
CA ILE A 102 -4.25 2.26 7.80
C ILE A 102 -5.77 2.12 7.80
N ARG A 103 -6.28 1.25 8.67
CA ARG A 103 -7.72 1.03 8.77
C ARG A 103 -8.31 1.75 9.97
N SER A 104 -8.94 2.90 9.72
CA SER A 104 -9.53 3.69 10.79
C SER A 104 -11.05 3.65 10.70
N GLY A 105 -11.59 2.52 10.25
CA GLY A 105 -13.03 2.38 10.12
C GLY A 105 -13.51 1.00 10.56
N PRO A 106 -14.84 0.85 10.66
CA PRO A 106 -15.46 -0.41 11.07
C PRO A 106 -15.32 -1.50 10.01
N SER A 107 -15.80 -2.70 10.33
CA SER A 107 -15.73 -3.82 9.41
C SER A 107 -16.83 -3.73 8.35
N SER A 108 -16.44 -3.50 7.10
CA SER A 108 -17.40 -3.39 6.01
C SER A 108 -17.70 -4.76 5.41
N GLY A 109 -16.64 -5.51 5.10
CA GLY A 109 -16.81 -6.83 4.53
C GLY A 109 -15.71 -7.78 4.94
N GLY A 1 26.75 -11.57 16.31
CA GLY A 1 26.58 -10.14 16.31
C GLY A 1 25.33 -9.69 17.05
N SER A 2 24.33 -9.25 16.30
CA SER A 2 23.08 -8.79 16.90
C SER A 2 22.12 -8.30 15.82
N SER A 3 20.90 -8.83 15.83
CA SER A 3 19.88 -8.44 14.86
C SER A 3 18.80 -7.59 15.51
N GLY A 4 18.10 -8.16 16.49
CA GLY A 4 17.05 -7.45 17.17
C GLY A 4 15.70 -8.14 17.06
N SER A 5 14.64 -7.40 17.33
CA SER A 5 13.29 -7.95 17.28
C SER A 5 12.25 -6.85 17.07
N SER A 6 12.10 -6.41 15.83
CA SER A 6 11.14 -5.36 15.50
C SER A 6 11.50 -4.06 16.24
N GLY A 7 11.89 -3.05 15.46
CA GLY A 7 12.26 -1.77 16.05
C GLY A 7 12.42 -0.69 15.01
N SER A 8 11.30 -0.26 14.43
CA SER A 8 11.32 0.78 13.40
C SER A 8 11.60 2.14 14.03
N PRO A 9 12.34 2.98 13.29
CA PRO A 9 12.70 4.33 13.75
C PRO A 9 11.49 5.27 13.77
N LEU A 10 10.76 5.31 12.67
CA LEU A 10 9.58 6.17 12.57
C LEU A 10 8.30 5.37 12.83
N ASP A 11 7.44 5.92 13.67
CA ASP A 11 6.18 5.26 14.00
C ASP A 11 5.11 5.57 12.95
N ARG A 12 4.10 4.70 12.85
CA ARG A 12 3.03 4.88 11.90
C ARG A 12 1.73 5.29 12.60
N ASP A 13 0.75 5.68 11.81
CA ASP A 13 -0.55 6.10 12.36
C ASP A 13 -1.07 5.07 13.35
N PRO A 14 -1.97 5.51 14.24
CA PRO A 14 -2.57 4.64 15.26
C PRO A 14 -3.52 3.61 14.66
N ALA A 15 -4.08 3.94 13.50
CA ALA A 15 -5.01 3.04 12.83
C ALA A 15 -4.30 2.21 11.77
N PHE A 16 -2.99 2.08 11.92
CA PHE A 16 -2.18 1.32 10.97
C PHE A 16 -2.48 -0.18 11.09
N ARG A 17 -3.06 -0.74 10.04
CA ARG A 17 -3.41 -2.16 10.02
C ARG A 17 -2.62 -2.90 8.95
N VAL A 18 -2.37 -4.19 9.19
CA VAL A 18 -1.62 -5.00 8.23
C VAL A 18 -2.31 -6.34 8.01
N ILE A 19 -2.60 -6.65 6.74
CA ILE A 19 -3.26 -7.89 6.38
C ILE A 19 -2.53 -8.60 5.25
N THR A 20 -2.97 -9.81 4.94
CA THR A 20 -2.35 -10.59 3.86
C THR A 20 -3.40 -11.08 2.87
N VAL A 21 -3.21 -10.73 1.60
CA VAL A 21 -4.14 -11.14 0.55
C VAL A 21 -3.63 -12.36 -0.20
N THR A 22 -4.49 -13.37 -0.34
CA THR A 22 -4.12 -14.59 -1.02
C THR A 22 -3.50 -14.30 -2.38
N LYS A 23 -2.25 -14.74 -2.55
CA LYS A 23 -1.53 -14.52 -3.81
C LYS A 23 -1.80 -15.65 -4.80
N GLU A 24 -2.25 -15.29 -5.99
CA GLU A 24 -2.55 -16.27 -7.03
C GLU A 24 -2.10 -15.79 -8.40
N THR A 25 -2.62 -14.63 -8.81
CA THR A 25 -2.26 -14.05 -10.10
C THR A 25 -1.25 -12.92 -9.93
N GLY A 26 -1.57 -11.96 -9.07
CA GLY A 26 -0.69 -10.84 -8.84
C GLY A 26 -1.36 -9.71 -8.10
N LEU A 27 -0.59 -8.70 -7.72
CA LEU A 27 -1.12 -7.55 -7.00
C LEU A 27 -2.31 -6.95 -7.73
N GLY A 28 -2.03 -6.34 -8.89
CA GLY A 28 -3.09 -5.73 -9.67
C GLY A 28 -3.76 -4.58 -8.94
N LEU A 29 -2.96 -3.65 -8.44
CA LEU A 29 -3.49 -2.50 -7.73
C LEU A 29 -2.77 -1.22 -8.14
N LYS A 30 -3.54 -0.15 -8.35
CA LYS A 30 -2.97 1.12 -8.75
C LYS A 30 -2.78 2.04 -7.54
N ILE A 31 -1.71 2.83 -7.56
CA ILE A 31 -1.42 3.75 -6.47
C ILE A 31 -1.55 5.20 -6.92
N LEU A 32 -1.67 6.10 -5.96
CA LEU A 32 -1.79 7.53 -6.25
C LEU A 32 -0.85 8.35 -5.38
N GLY A 33 -0.68 9.62 -5.73
CA GLY A 33 0.18 10.50 -4.97
C GLY A 33 1.64 10.38 -5.38
N GLY A 34 2.54 10.74 -4.48
CA GLY A 34 3.95 10.68 -4.79
C GLY A 34 4.69 11.96 -4.43
N ILE A 35 5.82 11.82 -3.75
CA ILE A 35 6.61 12.98 -3.36
C ILE A 35 6.73 13.98 -4.50
N ASN A 36 6.55 13.50 -5.72
CA ASN A 36 6.64 14.35 -6.91
C ASN A 36 5.25 14.71 -7.42
N ARG A 37 4.28 13.85 -7.13
CA ARG A 37 2.90 14.07 -7.57
C ARG A 37 2.19 15.07 -6.65
N ASN A 38 0.95 15.39 -6.98
CA ASN A 38 0.16 16.33 -6.18
C ASN A 38 -0.61 15.61 -5.09
N GLU A 39 -0.99 14.36 -5.37
CA GLU A 39 -1.74 13.56 -4.40
C GLU A 39 -0.83 13.09 -3.27
N GLY A 40 0.47 13.32 -3.43
CA GLY A 40 1.43 12.90 -2.41
C GLY A 40 1.46 13.86 -1.23
N PRO A 41 2.53 13.77 -0.43
CA PRO A 41 3.62 12.83 -0.66
C PRO A 41 3.20 11.39 -0.41
N LEU A 42 2.21 11.21 0.45
CA LEU A 42 1.70 9.88 0.78
C LEU A 42 1.14 9.18 -0.45
N VAL A 43 1.04 7.87 -0.39
CA VAL A 43 0.52 7.08 -1.50
C VAL A 43 -0.79 6.39 -1.12
N TYR A 44 -1.76 6.42 -2.02
CA TYR A 44 -3.05 5.80 -1.78
C TYR A 44 -3.46 4.91 -2.95
N ILE A 45 -4.27 3.89 -2.66
CA ILE A 45 -4.73 2.98 -3.70
C ILE A 45 -5.56 3.70 -4.75
N HIS A 46 -4.94 4.01 -5.88
CA HIS A 46 -5.62 4.70 -6.97
C HIS A 46 -6.90 3.96 -7.38
N GLU A 47 -6.75 2.67 -7.66
CA GLU A 47 -7.88 1.85 -8.07
C GLU A 47 -7.46 0.41 -8.31
N VAL A 48 -8.12 -0.52 -7.63
CA VAL A 48 -7.81 -1.94 -7.75
C VAL A 48 -8.36 -2.51 -9.06
N ILE A 49 -7.52 -2.52 -10.09
CA ILE A 49 -7.93 -3.04 -11.39
C ILE A 49 -8.77 -4.31 -11.24
N PRO A 50 -9.84 -4.41 -12.04
CA PRO A 50 -10.74 -5.57 -12.02
C PRO A 50 -10.08 -6.82 -12.59
N GLY A 51 -9.74 -7.76 -11.71
CA GLY A 51 -9.10 -8.99 -12.13
C GLY A 51 -7.81 -9.26 -11.40
N GLY A 52 -7.64 -8.62 -10.25
CA GLY A 52 -6.43 -8.81 -9.46
C GLY A 52 -6.65 -9.72 -8.27
N ASP A 53 -5.69 -9.72 -7.35
CA ASP A 53 -5.77 -10.55 -6.15
C ASP A 53 -6.65 -9.88 -5.09
N CYS A 54 -6.37 -8.61 -4.82
CA CYS A 54 -7.13 -7.86 -3.83
C CYS A 54 -8.56 -7.63 -4.30
N TYR A 55 -8.71 -7.25 -5.55
CA TYR A 55 -10.03 -6.99 -6.14
C TYR A 55 -11.04 -8.01 -5.64
N LYS A 56 -10.73 -9.29 -5.81
CA LYS A 56 -11.61 -10.36 -5.38
C LYS A 56 -11.72 -10.40 -3.86
N ASP A 57 -10.59 -10.24 -3.19
CA ASP A 57 -10.56 -10.25 -1.73
C ASP A 57 -11.56 -9.25 -1.15
N GLY A 58 -11.41 -7.98 -1.55
CA GLY A 58 -12.31 -6.95 -1.06
C GLY A 58 -11.78 -6.29 0.19
N ARG A 59 -10.98 -7.00 0.97
CA ARG A 59 -10.41 -6.48 2.20
C ARG A 59 -9.83 -5.09 1.99
N LEU A 60 -9.36 -4.84 0.76
CA LEU A 60 -8.77 -3.54 0.43
C LEU A 60 -9.66 -2.77 -0.54
N LYS A 61 -9.31 -1.52 -0.79
CA LYS A 61 -10.08 -0.67 -1.70
C LYS A 61 -9.33 0.63 -2.00
N PRO A 62 -9.81 1.35 -3.01
CA PRO A 62 -9.20 2.63 -3.42
C PRO A 62 -9.43 3.73 -2.39
N GLY A 63 -8.42 4.58 -2.20
CA GLY A 63 -8.53 5.66 -1.24
C GLY A 63 -7.79 5.38 0.06
N ASP A 64 -7.34 4.14 0.21
CA ASP A 64 -6.62 3.74 1.41
C ASP A 64 -5.12 4.01 1.26
N GLN A 65 -4.56 4.78 2.18
CA GLN A 65 -3.14 5.11 2.14
C GLN A 65 -2.28 3.87 2.37
N LEU A 66 -1.48 3.53 1.38
CA LEU A 66 -0.61 2.36 1.46
C LEU A 66 0.63 2.67 2.29
N VAL A 67 1.26 1.62 2.81
CA VAL A 67 2.46 1.78 3.63
C VAL A 67 3.64 1.04 3.01
N SER A 68 3.45 -0.25 2.74
CA SER A 68 4.50 -1.07 2.15
C SER A 68 3.91 -2.31 1.50
N ILE A 69 4.50 -2.72 0.37
CA ILE A 69 4.03 -3.90 -0.35
C ILE A 69 5.14 -4.95 -0.45
N ASN A 70 4.82 -6.18 -0.09
CA ASN A 70 5.78 -7.27 -0.15
C ASN A 70 6.87 -7.09 0.89
N LYS A 71 7.73 -6.10 0.68
CA LYS A 71 8.82 -5.82 1.60
C LYS A 71 9.53 -4.52 1.23
N GLU A 72 8.77 -3.58 0.68
CA GLU A 72 9.32 -2.28 0.29
C GLU A 72 8.64 -1.14 1.04
N SER A 73 9.15 0.06 0.86
CA SER A 73 8.60 1.23 1.53
C SER A 73 8.03 2.22 0.50
N MET A 74 6.76 2.59 0.70
CA MET A 74 6.09 3.52 -0.20
C MET A 74 6.02 4.91 0.42
N ILE A 75 6.17 4.97 1.74
CA ILE A 75 6.12 6.25 2.45
C ILE A 75 7.30 7.13 2.08
N GLY A 76 7.02 8.34 1.60
CA GLY A 76 8.07 9.26 1.22
C GLY A 76 8.90 8.74 0.05
N VAL A 77 8.23 8.10 -0.89
CA VAL A 77 8.89 7.56 -2.08
C VAL A 77 8.32 8.16 -3.35
N SER A 78 9.04 7.97 -4.46
CA SER A 78 8.60 8.49 -5.75
C SER A 78 7.43 7.68 -6.30
N PHE A 79 6.42 8.38 -6.80
CA PHE A 79 5.24 7.73 -7.35
C PHE A 79 5.63 6.50 -8.17
N GLU A 80 6.48 6.72 -9.17
CA GLU A 80 6.94 5.63 -10.03
C GLU A 80 7.45 4.46 -9.20
N GLU A 81 8.29 4.77 -8.21
CA GLU A 81 8.85 3.74 -7.34
C GLU A 81 7.76 2.89 -6.72
N ALA A 82 6.87 3.54 -5.96
CA ALA A 82 5.77 2.83 -5.31
C ALA A 82 4.99 1.99 -6.30
N LYS A 83 4.66 2.58 -7.45
CA LYS A 83 3.91 1.87 -8.48
C LYS A 83 4.82 0.93 -9.27
N SER A 84 6.12 1.06 -9.04
CA SER A 84 7.11 0.22 -9.73
C SER A 84 7.31 -1.09 -8.98
N ILE A 85 7.25 -1.02 -7.65
CA ILE A 85 7.43 -2.20 -6.81
C ILE A 85 6.31 -3.22 -7.04
N ILE A 86 5.07 -2.77 -6.91
CA ILE A 86 3.91 -3.63 -7.11
C ILE A 86 3.99 -4.37 -8.44
N THR A 87 4.14 -3.60 -9.52
CA THR A 87 4.22 -4.18 -10.85
C THR A 87 5.32 -5.24 -10.93
N ARG A 88 6.32 -5.10 -10.06
CA ARG A 88 7.43 -6.05 -10.02
C ARG A 88 7.07 -7.28 -9.20
N ALA A 89 6.78 -7.07 -7.92
CA ALA A 89 6.42 -8.16 -7.03
C ALA A 89 7.22 -9.41 -7.34
N LYS A 90 6.68 -10.57 -6.98
CA LYS A 90 7.34 -11.84 -7.23
C LYS A 90 6.42 -12.82 -7.95
N LEU A 91 5.14 -12.77 -7.60
CA LEU A 91 4.14 -13.64 -8.22
C LEU A 91 4.78 -14.97 -8.64
N ARG A 92 5.33 -15.69 -7.67
CA ARG A 92 5.96 -16.98 -7.94
C ARG A 92 6.50 -17.60 -6.65
N SER A 93 5.77 -17.41 -5.55
CA SER A 93 6.18 -17.94 -4.27
C SER A 93 5.02 -18.70 -3.61
N GLU A 94 5.22 -19.06 -2.34
CA GLU A 94 4.19 -19.79 -1.59
C GLU A 94 3.49 -18.88 -0.59
N SER A 95 4.11 -17.73 -0.31
CA SER A 95 3.55 -16.77 0.63
C SER A 95 2.65 -15.77 -0.08
N PRO A 96 1.55 -15.40 0.59
CA PRO A 96 0.58 -14.43 0.04
C PRO A 96 1.14 -13.02 -0.04
N TRP A 97 0.30 -12.06 -0.42
CA TRP A 97 0.71 -10.68 -0.52
C TRP A 97 0.64 -9.98 0.83
N GLU A 98 1.71 -9.26 1.17
CA GLU A 98 1.77 -8.55 2.43
C GLU A 98 1.24 -7.12 2.28
N ILE A 99 -0.03 -6.93 2.63
CA ILE A 99 -0.66 -5.62 2.53
C ILE A 99 -0.55 -4.86 3.85
N ALA A 100 -0.06 -3.63 3.78
CA ALA A 100 0.10 -2.79 4.96
C ALA A 100 -0.46 -1.39 4.72
N PHE A 101 -1.57 -1.07 5.35
CA PHE A 101 -2.20 0.23 5.21
C PHE A 101 -2.86 0.67 6.52
N ILE A 102 -3.56 1.80 6.47
CA ILE A 102 -4.24 2.32 7.64
C ILE A 102 -5.75 2.17 7.52
N ARG A 103 -6.35 1.39 8.42
CA ARG A 103 -7.78 1.18 8.41
C ARG A 103 -8.46 1.94 9.54
N SER A 104 -9.25 2.95 9.17
CA SER A 104 -9.95 3.77 10.16
C SER A 104 -11.17 4.43 9.55
N GLY A 105 -12.34 3.85 9.81
CA GLY A 105 -13.57 4.40 9.27
C GLY A 105 -13.89 5.77 9.83
N PRO A 106 -14.96 6.39 9.30
CA PRO A 106 -15.39 7.72 9.75
C PRO A 106 -15.98 7.70 11.15
N SER A 107 -15.87 6.56 11.82
CA SER A 107 -16.39 6.41 13.18
C SER A 107 -17.90 6.30 13.17
N SER A 108 -18.39 5.07 13.19
CA SER A 108 -19.83 4.81 13.19
C SER A 108 -20.58 5.88 13.99
N GLY A 109 -20.10 6.13 15.20
CA GLY A 109 -20.73 7.12 16.05
C GLY A 109 -19.86 8.34 16.27
N GLY A 1 19.53 12.68 7.17
CA GLY A 1 20.87 13.17 7.45
C GLY A 1 20.93 14.08 8.65
N SER A 2 20.41 15.29 8.50
CA SER A 2 20.40 16.26 9.58
C SER A 2 19.48 15.81 10.71
N SER A 3 18.31 15.31 10.33
CA SER A 3 17.33 14.85 11.32
C SER A 3 17.86 13.65 12.09
N GLY A 4 18.55 13.92 13.20
CA GLY A 4 19.09 12.86 14.01
C GLY A 4 18.53 12.85 15.42
N SER A 5 17.24 12.60 15.54
CA SER A 5 16.58 12.58 16.84
C SER A 5 16.54 11.16 17.40
N SER A 6 16.87 11.03 18.68
CA SER A 6 16.89 9.72 19.34
C SER A 6 15.54 9.02 19.17
N GLY A 7 15.54 7.99 18.32
CA GLY A 7 14.31 7.24 18.07
C GLY A 7 13.97 7.16 16.60
N SER A 8 12.67 7.18 16.29
CA SER A 8 12.21 7.11 14.91
C SER A 8 11.69 8.46 14.44
N PRO A 9 11.95 8.78 13.16
CA PRO A 9 11.51 10.04 12.56
C PRO A 9 10.01 10.10 12.36
N LEU A 10 9.45 9.06 11.75
CA LEU A 10 8.02 8.99 11.50
C LEU A 10 7.34 8.02 12.46
N ASP A 11 6.12 8.33 12.87
CA ASP A 11 5.37 7.49 13.78
C ASP A 11 4.06 7.03 13.14
N ARG A 12 4.10 5.88 12.48
CA ARG A 12 2.92 5.33 11.83
C ARG A 12 1.67 5.54 12.69
N ASP A 13 0.56 5.83 12.04
CA ASP A 13 -0.70 6.05 12.75
C ASP A 13 -1.08 4.84 13.58
N PRO A 14 -1.94 5.04 14.58
CA PRO A 14 -2.41 3.97 15.46
C PRO A 14 -3.32 2.98 14.75
N ALA A 15 -4.06 3.47 13.75
CA ALA A 15 -4.97 2.62 12.99
C ALA A 15 -4.22 1.86 11.90
N PHE A 16 -2.90 1.81 12.02
CA PHE A 16 -2.07 1.11 11.05
C PHE A 16 -2.28 -0.40 11.14
N ARG A 17 -2.99 -0.95 10.16
CA ARG A 17 -3.27 -2.38 10.12
C ARG A 17 -2.60 -3.04 8.92
N VAL A 18 -2.21 -4.30 9.08
CA VAL A 18 -1.57 -5.05 8.00
C VAL A 18 -2.39 -6.27 7.62
N ILE A 19 -2.59 -6.47 6.31
CA ILE A 19 -3.35 -7.60 5.82
C ILE A 19 -2.58 -8.35 4.74
N THR A 20 -3.00 -9.57 4.46
CA THR A 20 -2.36 -10.39 3.44
C THR A 20 -3.36 -10.94 2.44
N VAL A 21 -3.12 -10.70 1.16
CA VAL A 21 -4.02 -11.17 0.11
C VAL A 21 -3.44 -12.40 -0.59
N THR A 22 -4.30 -13.36 -0.90
CA THR A 22 -3.88 -14.58 -1.57
C THR A 22 -3.32 -14.28 -2.96
N LYS A 23 -2.02 -14.50 -3.12
CA LYS A 23 -1.35 -14.26 -4.39
C LYS A 23 -1.57 -15.43 -5.35
N GLU A 24 -2.37 -15.20 -6.38
CA GLU A 24 -2.66 -16.22 -7.38
C GLU A 24 -2.15 -15.80 -8.76
N THR A 25 -2.49 -14.59 -9.17
CA THR A 25 -2.08 -14.07 -10.46
C THR A 25 -1.11 -12.90 -10.30
N GLY A 26 -1.45 -11.98 -9.41
CA GLY A 26 -0.61 -10.83 -9.18
C GLY A 26 -1.31 -9.73 -8.41
N LEU A 27 -0.57 -8.72 -8.00
CA LEU A 27 -1.14 -7.60 -7.25
C LEU A 27 -2.33 -6.98 -7.99
N GLY A 28 -2.03 -6.28 -9.08
CA GLY A 28 -3.09 -5.66 -9.86
C GLY A 28 -3.76 -4.52 -9.12
N LEU A 29 -2.94 -3.65 -8.53
CA LEU A 29 -3.46 -2.50 -7.78
C LEU A 29 -2.80 -1.21 -8.25
N LYS A 30 -3.60 -0.17 -8.43
CA LYS A 30 -3.10 1.12 -8.87
C LYS A 30 -2.87 2.06 -7.69
N ILE A 31 -1.73 2.73 -7.67
CA ILE A 31 -1.40 3.65 -6.60
C ILE A 31 -1.53 5.10 -7.06
N LEU A 32 -1.65 6.01 -6.09
CA LEU A 32 -1.78 7.43 -6.40
C LEU A 32 -0.92 8.26 -5.46
N GLY A 33 -0.39 9.37 -5.97
CA GLY A 33 0.44 10.24 -5.16
C GLY A 33 1.89 10.23 -5.61
N GLY A 34 2.79 10.59 -4.69
CA GLY A 34 4.20 10.61 -5.00
C GLY A 34 4.85 11.93 -4.64
N ILE A 35 5.98 11.87 -3.95
CA ILE A 35 6.71 13.06 -3.55
C ILE A 35 6.72 14.10 -4.66
N ASN A 36 6.77 13.63 -5.90
CA ASN A 36 6.78 14.52 -7.06
C ASN A 36 5.37 14.79 -7.56
N ARG A 37 4.50 13.78 -7.43
CA ARG A 37 3.12 13.90 -7.86
C ARG A 37 2.36 14.92 -7.02
N ASN A 38 1.14 15.24 -7.42
CA ASN A 38 0.31 16.19 -6.70
C ASN A 38 -0.50 15.49 -5.61
N GLU A 39 -0.80 14.23 -5.83
CA GLU A 39 -1.58 13.44 -4.87
C GLU A 39 -0.73 13.06 -3.66
N GLY A 40 0.59 13.14 -3.83
CA GLY A 40 1.50 12.81 -2.74
C GLY A 40 1.55 13.88 -1.67
N PRO A 41 2.60 13.85 -0.84
CA PRO A 41 3.65 12.83 -0.94
C PRO A 41 3.16 11.44 -0.54
N LEU A 42 2.02 11.40 0.15
CA LEU A 42 1.43 10.14 0.58
C LEU A 42 1.00 9.29 -0.60
N VAL A 43 0.92 7.98 -0.40
CA VAL A 43 0.51 7.06 -1.45
C VAL A 43 -0.80 6.37 -1.09
N TYR A 44 -1.78 6.47 -1.99
CA TYR A 44 -3.08 5.86 -1.76
C TYR A 44 -3.42 4.90 -2.90
N ILE A 45 -4.49 4.11 -2.70
CA ILE A 45 -4.92 3.16 -3.70
C ILE A 45 -5.68 3.84 -4.83
N HIS A 46 -4.97 4.08 -5.94
CA HIS A 46 -5.57 4.73 -7.10
C HIS A 46 -6.86 4.01 -7.52
N GLU A 47 -6.75 2.71 -7.74
CA GLU A 47 -7.90 1.91 -8.15
C GLU A 47 -7.53 0.44 -8.26
N VAL A 48 -8.32 -0.43 -7.61
CA VAL A 48 -8.07 -1.86 -7.64
C VAL A 48 -8.64 -2.49 -8.90
N ILE A 49 -7.79 -2.63 -9.92
CA ILE A 49 -8.21 -3.23 -11.18
C ILE A 49 -9.06 -4.47 -10.96
N PRO A 50 -10.15 -4.59 -11.72
CA PRO A 50 -11.07 -5.73 -11.63
C PRO A 50 -10.44 -7.02 -12.14
N GLY A 51 -10.08 -7.90 -11.22
CA GLY A 51 -9.47 -9.17 -11.59
C GLY A 51 -8.10 -9.37 -10.98
N GLY A 52 -7.87 -8.72 -9.83
CA GLY A 52 -6.58 -8.84 -9.17
C GLY A 52 -6.69 -9.55 -7.83
N ASP A 53 -5.59 -9.56 -7.09
CA ASP A 53 -5.55 -10.22 -5.78
C ASP A 53 -6.42 -9.47 -4.78
N CYS A 54 -6.22 -8.15 -4.69
CA CYS A 54 -6.98 -7.32 -3.77
C CYS A 54 -8.45 -7.30 -4.14
N TYR A 55 -8.72 -7.09 -5.43
CA TYR A 55 -10.09 -7.03 -5.93
C TYR A 55 -10.94 -8.12 -5.29
N LYS A 56 -10.65 -9.37 -5.66
CA LYS A 56 -11.39 -10.51 -5.12
C LYS A 56 -11.49 -10.43 -3.60
N ASP A 57 -10.44 -9.92 -2.97
CA ASP A 57 -10.42 -9.78 -1.51
C ASP A 57 -11.47 -8.79 -1.05
N GLY A 58 -11.29 -7.52 -1.42
CA GLY A 58 -12.24 -6.49 -1.03
C GLY A 58 -11.79 -5.73 0.21
N ARG A 59 -11.04 -6.41 1.08
CA ARG A 59 -10.55 -5.80 2.31
C ARG A 59 -10.08 -4.37 2.05
N LEU A 60 -9.32 -4.18 0.97
CA LEU A 60 -8.81 -2.87 0.61
C LEU A 60 -9.74 -2.18 -0.38
N LYS A 61 -9.50 -0.89 -0.61
CA LYS A 61 -10.31 -0.10 -1.53
C LYS A 61 -9.56 1.15 -1.99
N PRO A 62 -10.05 1.76 -3.08
CA PRO A 62 -9.44 2.97 -3.64
C PRO A 62 -9.65 4.19 -2.74
N GLY A 63 -8.55 4.85 -2.40
CA GLY A 63 -8.64 6.04 -1.55
C GLY A 63 -7.91 5.85 -0.23
N ASP A 64 -7.62 4.59 0.11
CA ASP A 64 -6.93 4.29 1.36
C ASP A 64 -5.43 4.57 1.23
N GLN A 65 -4.79 4.85 2.37
CA GLN A 65 -3.36 5.14 2.38
C GLN A 65 -2.55 3.86 2.63
N LEU A 66 -1.66 3.55 1.68
CA LEU A 66 -0.82 2.36 1.80
C LEU A 66 0.36 2.62 2.70
N VAL A 67 1.14 1.58 2.97
CA VAL A 67 2.32 1.69 3.83
C VAL A 67 3.50 0.93 3.24
N SER A 68 3.26 -0.31 2.83
CA SER A 68 4.31 -1.14 2.26
C SER A 68 3.71 -2.34 1.54
N ILE A 69 4.36 -2.76 0.45
CA ILE A 69 3.89 -3.90 -0.33
C ILE A 69 4.95 -5.01 -0.37
N ASN A 70 4.54 -6.21 0.02
CA ASN A 70 5.46 -7.35 0.02
C ASN A 70 6.48 -7.23 1.15
N LYS A 71 7.33 -6.22 1.06
CA LYS A 71 8.36 -5.99 2.07
C LYS A 71 9.17 -4.73 1.76
N GLU A 72 8.52 -3.77 1.12
CA GLU A 72 9.18 -2.51 0.76
C GLU A 72 8.54 -1.34 1.50
N SER A 73 8.97 -0.14 1.15
CA SER A 73 8.46 1.08 1.78
C SER A 73 7.67 1.91 0.79
N MET A 74 6.58 2.52 1.26
CA MET A 74 5.74 3.36 0.41
C MET A 74 5.73 4.80 0.91
N ILE A 75 5.82 4.97 2.22
CA ILE A 75 5.82 6.30 2.82
C ILE A 75 7.00 7.13 2.33
N GLY A 76 6.71 8.35 1.89
CA GLY A 76 7.76 9.23 1.39
C GLY A 76 8.56 8.60 0.28
N VAL A 77 7.88 8.08 -0.74
CA VAL A 77 8.54 7.45 -1.87
C VAL A 77 8.13 8.09 -3.18
N SER A 78 8.79 7.71 -4.26
CA SER A 78 8.50 8.25 -5.58
C SER A 78 7.31 7.52 -6.22
N PHE A 79 6.43 8.27 -6.85
CA PHE A 79 5.25 7.69 -7.49
C PHE A 79 5.63 6.43 -8.27
N GLU A 80 6.50 6.58 -9.26
CA GLU A 80 6.93 5.46 -10.08
C GLU A 80 7.35 4.28 -9.20
N GLU A 81 8.09 4.57 -8.14
CA GLU A 81 8.55 3.54 -7.22
C GLU A 81 7.37 2.76 -6.64
N ALA A 82 6.49 3.46 -5.93
CA ALA A 82 5.32 2.84 -5.34
C ALA A 82 4.57 1.99 -6.35
N LYS A 83 4.44 2.51 -7.57
CA LYS A 83 3.73 1.81 -8.64
C LYS A 83 4.58 0.66 -9.18
N SER A 84 5.89 0.72 -8.90
CA SER A 84 6.81 -0.32 -9.36
C SER A 84 6.78 -1.53 -8.43
N ILE A 85 7.18 -1.32 -7.19
CA ILE A 85 7.19 -2.39 -6.20
C ILE A 85 6.05 -3.37 -6.43
N ILE A 86 4.93 -2.86 -6.94
CA ILE A 86 3.77 -3.68 -7.22
C ILE A 86 3.97 -4.54 -8.46
N THR A 87 4.28 -3.88 -9.58
CA THR A 87 4.50 -4.58 -10.84
C THR A 87 5.74 -5.46 -10.76
N ARG A 88 6.81 -4.92 -10.20
CA ARG A 88 8.07 -5.66 -10.07
C ARG A 88 7.94 -6.76 -9.03
N ALA A 89 7.05 -6.56 -8.06
CA ALA A 89 6.83 -7.54 -7.00
C ALA A 89 7.02 -8.96 -7.53
N LYS A 90 7.52 -9.84 -6.67
CA LYS A 90 7.75 -11.23 -7.04
C LYS A 90 6.70 -11.70 -8.04
N LEU A 91 5.44 -11.67 -7.62
CA LEU A 91 4.34 -12.10 -8.49
C LEU A 91 4.41 -13.59 -8.75
N ARG A 92 3.28 -14.28 -8.54
CA ARG A 92 3.21 -15.71 -8.75
C ARG A 92 4.26 -16.44 -7.91
N SER A 93 3.81 -17.11 -6.85
CA SER A 93 4.71 -17.84 -5.97
C SER A 93 3.92 -18.58 -4.89
N GLU A 94 4.55 -18.77 -3.73
CA GLU A 94 3.90 -19.47 -2.62
C GLU A 94 3.47 -18.48 -1.54
N SER A 95 4.30 -17.47 -1.30
CA SER A 95 4.01 -16.47 -0.29
C SER A 95 2.95 -15.48 -0.80
N PRO A 96 1.97 -15.18 0.07
CA PRO A 96 0.88 -14.26 -0.27
C PRO A 96 1.37 -12.82 -0.37
N TRP A 97 0.45 -11.91 -0.72
CA TRP A 97 0.78 -10.50 -0.86
C TRP A 97 0.72 -9.79 0.49
N GLU A 98 1.87 -9.28 0.94
CA GLU A 98 1.94 -8.58 2.22
C GLU A 98 1.56 -7.11 2.05
N ILE A 99 0.32 -6.77 2.41
CA ILE A 99 -0.16 -5.41 2.31
C ILE A 99 -0.25 -4.76 3.69
N ALA A 100 0.02 -3.45 3.73
CA ALA A 100 -0.02 -2.71 4.98
C ALA A 100 -0.64 -1.32 4.76
N PHE A 101 -1.75 -1.06 5.44
CA PHE A 101 -2.44 0.21 5.32
C PHE A 101 -3.00 0.66 6.68
N ILE A 102 -3.60 1.84 6.70
CA ILE A 102 -4.18 2.38 7.93
C ILE A 102 -5.70 2.32 7.88
N ARG A 103 -6.29 1.51 8.76
CA ARG A 103 -7.73 1.37 8.83
C ARG A 103 -8.30 2.07 10.06
N SER A 104 -8.94 3.21 9.84
CA SER A 104 -9.53 3.98 10.93
C SER A 104 -11.05 4.01 10.83
N GLY A 105 -11.70 3.05 11.49
CA GLY A 105 -13.15 2.99 11.44
C GLY A 105 -13.73 2.30 12.68
N PRO A 106 -14.98 1.82 12.56
CA PRO A 106 -15.66 1.14 13.66
C PRO A 106 -15.06 -0.22 13.96
N SER A 107 -14.45 -0.35 15.14
CA SER A 107 -13.83 -1.61 15.55
C SER A 107 -14.88 -2.67 15.80
N SER A 108 -14.46 -3.93 15.79
CA SER A 108 -15.37 -5.05 16.02
C SER A 108 -16.47 -5.08 14.96
N GLY A 109 -16.79 -6.29 14.49
CA GLY A 109 -17.82 -6.43 13.48
C GLY A 109 -17.44 -7.43 12.40
N GLY A 1 1.29 0.09 33.89
CA GLY A 1 0.85 1.45 33.65
C GLY A 1 0.84 1.81 32.18
N SER A 2 0.15 2.89 31.84
CA SER A 2 0.05 3.33 30.45
C SER A 2 -0.07 4.85 30.38
N SER A 3 0.34 5.42 29.24
CA SER A 3 0.29 6.86 29.05
C SER A 3 -0.93 7.24 28.21
N GLY A 4 -1.18 8.54 28.09
CA GLY A 4 -2.31 9.01 27.31
C GLY A 4 -1.89 9.86 26.13
N SER A 5 -2.13 9.34 24.93
CA SER A 5 -1.77 10.06 23.70
C SER A 5 -2.30 9.34 22.47
N SER A 6 -2.19 9.99 21.32
CA SER A 6 -2.66 9.41 20.07
C SER A 6 -1.92 8.10 19.76
N GLY A 7 -0.84 7.86 20.48
CA GLY A 7 -0.06 6.65 20.28
C GLY A 7 1.39 6.95 19.90
N SER A 8 1.99 7.90 20.61
CA SER A 8 3.37 8.27 20.34
C SER A 8 3.54 8.76 18.90
N PRO A 9 4.48 9.69 18.70
CA PRO A 9 4.77 10.26 17.38
C PRO A 9 5.41 9.24 16.44
N LEU A 10 6.48 8.60 16.91
CA LEU A 10 7.19 7.61 16.11
C LEU A 10 6.24 6.48 15.67
N ASP A 11 6.77 5.54 14.91
CA ASP A 11 5.98 4.41 14.43
C ASP A 11 4.87 4.89 13.51
N ARG A 12 4.33 3.97 12.71
CA ARG A 12 3.26 4.29 11.78
C ARG A 12 2.03 4.82 12.52
N ASP A 13 1.05 5.29 11.77
CA ASP A 13 -0.18 5.82 12.35
C ASP A 13 -0.75 4.85 13.38
N PRO A 14 -1.68 5.35 14.21
CA PRO A 14 -2.33 4.55 15.25
C PRO A 14 -3.27 3.50 14.67
N ALA A 15 -3.87 3.82 13.53
CA ALA A 15 -4.80 2.90 12.87
C ALA A 15 -4.08 2.07 11.81
N PHE A 16 -2.77 1.90 11.98
CA PHE A 16 -1.98 1.12 11.03
C PHE A 16 -2.32 -0.36 11.12
N ARG A 17 -2.98 -0.87 10.08
CA ARG A 17 -3.37 -2.27 10.04
C ARG A 17 -2.64 -3.01 8.92
N VAL A 18 -2.41 -4.30 9.11
CA VAL A 18 -1.73 -5.12 8.12
C VAL A 18 -2.49 -6.41 7.84
N ILE A 19 -2.66 -6.72 6.56
CA ILE A 19 -3.38 -7.92 6.17
C ILE A 19 -2.65 -8.64 5.03
N THR A 20 -3.17 -9.81 4.64
CA THR A 20 -2.57 -10.60 3.58
C THR A 20 -3.62 -11.06 2.58
N VAL A 21 -3.28 -10.98 1.29
CA VAL A 21 -4.21 -11.39 0.23
C VAL A 21 -3.67 -12.62 -0.50
N THR A 22 -4.55 -13.60 -0.71
CA THR A 22 -4.17 -14.82 -1.39
C THR A 22 -3.61 -14.53 -2.78
N LYS A 23 -2.30 -14.73 -2.93
CA LYS A 23 -1.64 -14.48 -4.20
C LYS A 23 -1.99 -15.56 -5.22
N GLU A 24 -2.58 -15.15 -6.34
CA GLU A 24 -2.96 -16.09 -7.40
C GLU A 24 -2.45 -15.62 -8.75
N THR A 25 -2.66 -14.34 -9.05
CA THR A 25 -2.22 -13.77 -10.31
C THR A 25 -1.22 -12.64 -10.09
N GLY A 26 -1.48 -11.83 -9.07
CA GLY A 26 -0.59 -10.72 -8.78
C GLY A 26 -1.30 -9.57 -8.09
N LEU A 27 -0.53 -8.59 -7.63
CA LEU A 27 -1.10 -7.43 -6.95
C LEU A 27 -2.25 -6.84 -7.75
N GLY A 28 -1.93 -6.34 -8.94
CA GLY A 28 -2.95 -5.76 -9.80
C GLY A 28 -3.69 -4.62 -9.12
N LEU A 29 -2.93 -3.70 -8.52
CA LEU A 29 -3.51 -2.56 -7.83
C LEU A 29 -2.92 -1.25 -8.35
N LYS A 30 -3.72 -0.20 -8.33
CA LYS A 30 -3.28 1.12 -8.81
C LYS A 30 -3.06 2.06 -7.63
N ILE A 31 -1.91 2.72 -7.62
CA ILE A 31 -1.58 3.67 -6.55
C ILE A 31 -1.67 5.11 -7.04
N LEU A 32 -1.71 6.04 -6.10
CA LEU A 32 -1.81 7.46 -6.43
C LEU A 32 -0.91 8.29 -5.52
N GLY A 33 -0.59 9.51 -5.95
CA GLY A 33 0.25 10.39 -5.16
C GLY A 33 1.70 10.31 -5.58
N GLY A 34 2.60 10.70 -4.66
CA GLY A 34 4.02 10.68 -4.96
C GLY A 34 4.70 11.99 -4.66
N ILE A 35 5.79 11.93 -3.89
CA ILE A 35 6.53 13.13 -3.53
C ILE A 35 6.60 14.12 -4.70
N ASN A 36 6.57 13.57 -5.91
CA ASN A 36 6.63 14.40 -7.12
C ASN A 36 5.24 14.70 -7.65
N ARG A 37 4.33 13.74 -7.46
CA ARG A 37 2.95 13.90 -7.92
C ARG A 37 2.21 14.93 -7.07
N ASN A 38 1.00 15.29 -7.51
CA ASN A 38 0.19 16.28 -6.79
C ASN A 38 -0.60 15.60 -5.68
N GLU A 39 -0.99 14.35 -5.91
CA GLU A 39 -1.76 13.59 -4.94
C GLU A 39 -0.92 13.26 -3.70
N GLY A 40 0.40 13.24 -3.89
CA GLY A 40 1.30 12.94 -2.80
C GLY A 40 1.31 14.03 -1.73
N PRO A 41 2.35 14.03 -0.89
CA PRO A 41 3.43 13.04 -0.96
C PRO A 41 2.97 11.64 -0.55
N LEU A 42 1.81 11.57 0.08
CA LEU A 42 1.26 10.30 0.52
C LEU A 42 0.89 9.41 -0.67
N VAL A 43 0.84 8.10 -0.43
CA VAL A 43 0.50 7.16 -1.49
C VAL A 43 -0.79 6.41 -1.17
N TYR A 44 -1.80 6.59 -2.00
CA TYR A 44 -3.09 5.94 -1.81
C TYR A 44 -3.37 4.94 -2.93
N ILE A 45 -4.48 4.23 -2.81
CA ILE A 45 -4.87 3.25 -3.81
C ILE A 45 -5.71 3.88 -4.91
N HIS A 46 -5.07 4.22 -6.02
CA HIS A 46 -5.75 4.84 -7.15
C HIS A 46 -7.03 4.08 -7.48
N GLU A 47 -6.92 2.76 -7.64
CA GLU A 47 -8.07 1.93 -7.96
C GLU A 47 -7.65 0.47 -8.15
N VAL A 48 -8.32 -0.42 -7.44
CA VAL A 48 -8.02 -1.85 -7.52
C VAL A 48 -8.56 -2.44 -8.82
N ILE A 49 -7.66 -2.80 -9.73
CA ILE A 49 -8.05 -3.38 -11.01
C ILE A 49 -8.96 -4.59 -10.80
N PRO A 50 -10.01 -4.69 -11.63
CA PRO A 50 -10.97 -5.80 -11.56
C PRO A 50 -10.37 -7.12 -12.01
N GLY A 51 -10.26 -8.06 -11.08
CA GLY A 51 -9.69 -9.36 -11.40
C GLY A 51 -8.30 -9.55 -10.84
N GLY A 52 -7.99 -8.81 -9.77
CA GLY A 52 -6.68 -8.92 -9.15
C GLY A 52 -6.71 -9.74 -7.88
N ASP A 53 -5.69 -9.56 -7.04
CA ASP A 53 -5.60 -10.30 -5.79
C ASP A 53 -6.48 -9.68 -4.72
N CYS A 54 -6.40 -8.36 -4.59
CA CYS A 54 -7.19 -7.64 -3.60
C CYS A 54 -8.64 -7.47 -4.07
N TYR A 55 -8.80 -7.08 -5.33
CA TYR A 55 -10.13 -6.88 -5.90
C TYR A 55 -11.09 -7.96 -5.42
N LYS A 56 -10.72 -9.21 -5.64
CA LYS A 56 -11.55 -10.34 -5.22
C LYS A 56 -11.73 -10.36 -3.70
N ASP A 57 -10.64 -10.12 -2.98
CA ASP A 57 -10.68 -10.11 -1.52
C ASP A 57 -11.69 -9.08 -1.01
N GLY A 58 -11.45 -7.81 -1.34
CA GLY A 58 -12.35 -6.76 -0.91
C GLY A 58 -11.85 -6.04 0.33
N ARG A 59 -11.13 -6.77 1.18
CA ARG A 59 -10.59 -6.20 2.41
C ARG A 59 -10.04 -4.80 2.17
N LEU A 60 -9.46 -4.60 1.00
CA LEU A 60 -8.88 -3.30 0.65
C LEU A 60 -9.86 -2.49 -0.20
N LYS A 61 -9.40 -1.33 -0.68
CA LYS A 61 -10.23 -0.47 -1.50
C LYS A 61 -9.50 0.82 -1.83
N PRO A 62 -9.99 1.53 -2.86
CA PRO A 62 -9.40 2.80 -3.31
C PRO A 62 -9.61 3.93 -2.31
N GLY A 63 -8.57 4.71 -2.06
CA GLY A 63 -8.67 5.81 -1.13
C GLY A 63 -7.84 5.58 0.13
N ASP A 64 -7.49 4.33 0.38
CA ASP A 64 -6.70 3.98 1.55
C ASP A 64 -5.23 4.37 1.35
N GLN A 65 -4.55 4.68 2.46
CA GLN A 65 -3.15 5.07 2.40
C GLN A 65 -2.24 3.86 2.58
N LEU A 66 -1.47 3.54 1.54
CA LEU A 66 -0.56 2.40 1.59
C LEU A 66 0.65 2.71 2.47
N VAL A 67 1.24 1.66 3.04
CA VAL A 67 2.41 1.81 3.90
C VAL A 67 3.61 1.06 3.35
N SER A 68 3.36 -0.12 2.79
CA SER A 68 4.41 -0.96 2.22
C SER A 68 3.84 -2.26 1.67
N ILE A 69 4.38 -2.70 0.54
CA ILE A 69 3.93 -3.93 -0.10
C ILE A 69 5.09 -4.92 -0.25
N ASN A 70 4.83 -6.18 0.08
CA ASN A 70 5.85 -7.22 -0.03
C ASN A 70 6.95 -7.01 1.01
N LYS A 71 7.74 -5.96 0.80
CA LYS A 71 8.83 -5.65 1.72
C LYS A 71 9.53 -4.35 1.32
N GLU A 72 8.75 -3.40 0.81
CA GLU A 72 9.29 -2.12 0.39
C GLU A 72 8.63 -0.97 1.16
N SER A 73 9.00 0.26 0.81
CA SER A 73 8.45 1.43 1.46
C SER A 73 7.49 2.18 0.53
N MET A 74 6.39 2.67 1.09
CA MET A 74 5.40 3.40 0.31
C MET A 74 5.26 4.82 0.81
N ILE A 75 5.52 5.03 2.10
CA ILE A 75 5.42 6.35 2.70
C ILE A 75 6.56 7.25 2.22
N GLY A 76 6.21 8.44 1.75
CA GLY A 76 7.21 9.37 1.27
C GLY A 76 8.09 8.78 0.18
N VAL A 77 7.46 8.23 -0.85
CA VAL A 77 8.18 7.63 -1.95
C VAL A 77 7.75 8.22 -3.29
N SER A 78 8.50 7.92 -4.34
CA SER A 78 8.19 8.42 -5.67
C SER A 78 7.08 7.60 -6.32
N PHE A 79 6.12 8.29 -6.92
CA PHE A 79 4.99 7.62 -7.57
C PHE A 79 5.46 6.42 -8.38
N GLU A 80 6.40 6.66 -9.29
CA GLU A 80 6.93 5.59 -10.13
C GLU A 80 7.44 4.43 -9.28
N GLU A 81 8.10 4.77 -8.17
CA GLU A 81 8.65 3.76 -7.27
C GLU A 81 7.54 2.89 -6.69
N ALA A 82 6.68 3.49 -5.90
CA ALA A 82 5.57 2.77 -5.28
C ALA A 82 4.85 1.89 -6.31
N LYS A 83 4.73 2.40 -7.52
CA LYS A 83 4.06 1.66 -8.60
C LYS A 83 4.97 0.55 -9.13
N SER A 84 6.27 0.84 -9.21
CA SER A 84 7.23 -0.13 -9.72
C SER A 84 7.32 -1.34 -8.79
N ILE A 85 7.43 -1.08 -7.49
CA ILE A 85 7.51 -2.15 -6.50
C ILE A 85 6.47 -3.22 -6.76
N ILE A 86 5.22 -2.80 -6.91
CA ILE A 86 4.13 -3.73 -7.16
C ILE A 86 4.37 -4.53 -8.44
N THR A 87 4.40 -3.82 -9.58
CA THR A 87 4.63 -4.46 -10.86
C THR A 87 5.98 -5.15 -10.91
N ARG A 88 6.84 -4.82 -9.95
CA ARG A 88 8.17 -5.42 -9.88
C ARG A 88 8.14 -6.70 -9.05
N ALA A 89 7.11 -6.86 -8.24
CA ALA A 89 6.97 -8.04 -7.41
C ALA A 89 7.23 -9.32 -8.20
N LYS A 90 7.47 -10.42 -7.50
CA LYS A 90 7.72 -11.69 -8.14
C LYS A 90 6.44 -12.28 -8.74
N LEU A 91 5.30 -11.84 -8.21
CA LEU A 91 4.01 -12.31 -8.69
C LEU A 91 4.14 -13.70 -9.31
N ARG A 92 4.60 -14.66 -8.52
CA ARG A 92 4.76 -16.02 -8.99
C ARG A 92 5.35 -16.91 -7.89
N SER A 93 4.90 -16.70 -6.66
CA SER A 93 5.39 -17.48 -5.52
C SER A 93 4.23 -17.97 -4.67
N GLU A 94 4.52 -18.93 -3.79
CA GLU A 94 3.49 -19.49 -2.91
C GLU A 94 3.03 -18.47 -1.89
N SER A 95 3.99 -17.82 -1.23
CA SER A 95 3.68 -16.81 -0.23
C SER A 95 2.66 -15.81 -0.76
N PRO A 96 1.67 -15.45 0.09
CA PRO A 96 0.62 -14.49 -0.27
C PRO A 96 1.17 -13.07 -0.40
N TRP A 97 0.26 -12.12 -0.58
CA TRP A 97 0.63 -10.72 -0.72
C TRP A 97 0.55 -10.00 0.62
N GLU A 98 1.63 -9.33 0.99
CA GLU A 98 1.68 -8.60 2.25
C GLU A 98 1.20 -7.16 2.07
N ILE A 99 -0.03 -6.90 2.48
CA ILE A 99 -0.61 -5.55 2.37
C ILE A 99 -0.57 -4.82 3.70
N ALA A 100 0.08 -3.67 3.72
CA ALA A 100 0.19 -2.87 4.93
C ALA A 100 -0.34 -1.45 4.70
N PHE A 101 -1.41 -1.10 5.40
CA PHE A 101 -2.02 0.22 5.27
C PHE A 101 -2.70 0.64 6.58
N ILE A 102 -3.38 1.78 6.54
CA ILE A 102 -4.08 2.28 7.71
C ILE A 102 -5.58 2.15 7.56
N ARG A 103 -6.18 1.32 8.41
CA ARG A 103 -7.62 1.10 8.37
C ARG A 103 -8.31 1.74 9.57
N SER A 104 -9.31 2.58 9.30
CA SER A 104 -10.04 3.26 10.35
C SER A 104 -11.26 3.99 9.79
N GLY A 105 -12.44 3.63 10.29
CA GLY A 105 -13.66 4.26 9.82
C GLY A 105 -14.45 4.91 10.95
N PRO A 106 -15.46 5.71 10.58
CA PRO A 106 -16.31 6.41 11.56
C PRO A 106 -17.21 5.44 12.33
N SER A 107 -16.99 4.15 12.14
CA SER A 107 -17.78 3.13 12.81
C SER A 107 -17.56 3.18 14.31
N SER A 108 -18.43 2.50 15.05
CA SER A 108 -18.34 2.47 16.51
C SER A 108 -17.59 1.22 16.98
N GLY A 109 -16.27 1.36 17.13
CA GLY A 109 -15.46 0.24 17.56
C GLY A 109 -14.95 0.41 18.98
N GLY A 1 16.49 6.25 -1.93
CA GLY A 1 17.21 5.64 -0.83
C GLY A 1 17.88 6.67 0.07
N SER A 2 18.78 6.20 0.93
CA SER A 2 19.49 7.09 1.85
C SER A 2 20.47 6.30 2.71
N SER A 3 20.00 5.21 3.30
CA SER A 3 20.83 4.37 4.14
C SER A 3 21.29 5.14 5.38
N GLY A 4 20.68 4.82 6.52
CA GLY A 4 21.02 5.50 7.76
C GLY A 4 19.88 5.50 8.76
N SER A 5 20.11 4.93 9.93
CA SER A 5 19.09 4.87 10.97
C SER A 5 19.46 5.78 12.14
N SER A 6 18.60 6.76 12.41
CA SER A 6 18.83 7.71 13.50
C SER A 6 17.58 7.86 14.36
N GLY A 7 16.44 8.03 13.69
CA GLY A 7 15.18 8.19 14.40
C GLY A 7 14.20 9.07 13.64
N SER A 8 13.14 8.45 13.16
CA SER A 8 12.11 9.18 12.40
C SER A 8 11.40 10.19 13.29
N PRO A 9 11.05 11.35 12.71
CA PRO A 9 10.36 12.42 13.43
C PRO A 9 8.92 12.05 13.79
N LEU A 10 8.20 11.52 12.81
CA LEU A 10 6.82 11.11 13.01
C LEU A 10 6.67 9.60 12.96
N ASP A 11 6.04 9.03 13.99
CA ASP A 11 5.83 7.59 14.05
C ASP A 11 4.62 7.17 13.22
N ARG A 12 4.42 5.87 13.09
CA ARG A 12 3.31 5.34 12.31
C ARG A 12 1.98 5.69 12.96
N ASP A 13 0.91 5.56 12.20
CA ASP A 13 -0.43 5.87 12.70
C ASP A 13 -0.90 4.78 13.68
N PRO A 14 -1.77 5.19 14.63
CA PRO A 14 -2.31 4.28 15.64
C PRO A 14 -3.29 3.26 15.04
N ALA A 15 -3.93 3.65 13.95
CA ALA A 15 -4.89 2.77 13.28
C ALA A 15 -4.22 1.98 12.16
N PHE A 16 -2.91 1.79 12.28
CA PHE A 16 -2.16 1.05 11.27
C PHE A 16 -2.47 -0.44 11.33
N ARG A 17 -3.07 -0.95 10.26
CA ARG A 17 -3.44 -2.36 10.19
C ARG A 17 -2.69 -3.06 9.05
N VAL A 18 -2.42 -4.34 9.23
CA VAL A 18 -1.71 -5.13 8.23
C VAL A 18 -2.45 -6.42 7.91
N ILE A 19 -2.78 -6.62 6.64
CA ILE A 19 -3.49 -7.82 6.22
C ILE A 19 -2.76 -8.50 5.06
N THR A 20 -3.09 -9.77 4.83
CA THR A 20 -2.48 -10.54 3.74
C THR A 20 -3.51 -10.94 2.71
N VAL A 21 -3.14 -10.83 1.43
CA VAL A 21 -4.04 -11.18 0.34
C VAL A 21 -3.51 -12.38 -0.44
N THR A 22 -4.34 -13.41 -0.57
CA THR A 22 -3.94 -14.61 -1.30
C THR A 22 -3.33 -14.26 -2.65
N LYS A 23 -2.06 -14.63 -2.85
CA LYS A 23 -1.38 -14.35 -4.10
C LYS A 23 -1.58 -15.49 -5.10
N GLU A 24 -2.21 -15.19 -6.23
CA GLU A 24 -2.46 -16.19 -7.25
C GLU A 24 -2.06 -15.66 -8.63
N THR A 25 -2.59 -14.50 -9.00
CA THR A 25 -2.29 -13.89 -10.29
C THR A 25 -1.28 -12.75 -10.14
N GLY A 26 -1.46 -11.95 -9.10
CA GLY A 26 -0.56 -10.83 -8.86
C GLY A 26 -1.23 -9.69 -8.12
N LEU A 27 -0.45 -8.67 -7.78
CA LEU A 27 -0.98 -7.51 -7.06
C LEU A 27 -2.16 -6.91 -7.80
N GLY A 28 -1.89 -6.32 -8.97
CA GLY A 28 -2.93 -5.71 -9.75
C GLY A 28 -3.67 -4.63 -9.00
N LEU A 29 -2.95 -3.56 -8.65
CA LEU A 29 -3.55 -2.45 -7.92
C LEU A 29 -2.93 -1.12 -8.36
N LYS A 30 -3.76 -0.09 -8.42
CA LYS A 30 -3.31 1.24 -8.83
C LYS A 30 -3.11 2.14 -7.61
N ILE A 31 -1.98 2.85 -7.58
CA ILE A 31 -1.68 3.75 -6.46
C ILE A 31 -1.78 5.21 -6.90
N LEU A 32 -1.81 6.10 -5.93
CA LEU A 32 -1.90 7.54 -6.21
C LEU A 32 -0.98 8.33 -5.29
N GLY A 33 -0.60 9.52 -5.74
CA GLY A 33 0.29 10.36 -4.95
C GLY A 33 1.72 10.31 -5.42
N GLY A 34 2.65 10.66 -4.54
CA GLY A 34 4.06 10.65 -4.89
C GLY A 34 4.76 11.94 -4.56
N ILE A 35 5.89 11.85 -3.87
CA ILE A 35 6.65 13.02 -3.47
C ILE A 35 6.71 14.03 -4.61
N ASN A 36 6.57 13.55 -5.83
CA ASN A 36 6.61 14.41 -7.01
C ASN A 36 5.20 14.73 -7.50
N ARG A 37 4.28 13.80 -7.28
CA ARG A 37 2.90 13.98 -7.69
C ARG A 37 2.19 14.99 -6.80
N ASN A 38 0.97 15.37 -7.19
CA ASN A 38 0.19 16.33 -6.43
C ASN A 38 -0.60 15.63 -5.32
N GLU A 39 -0.97 14.38 -5.57
CA GLU A 39 -1.73 13.61 -4.59
C GLU A 39 -0.86 13.22 -3.40
N GLY A 40 0.46 13.21 -3.62
CA GLY A 40 1.38 12.86 -2.56
C GLY A 40 1.45 13.92 -1.47
N PRO A 41 2.50 13.86 -0.65
CA PRO A 41 3.55 12.84 -0.77
C PRO A 41 3.05 11.46 -0.38
N LEU A 42 1.91 11.41 0.30
CA LEU A 42 1.32 10.14 0.73
C LEU A 42 0.94 9.29 -0.48
N VAL A 43 0.95 7.97 -0.29
CA VAL A 43 0.60 7.04 -1.36
C VAL A 43 -0.68 6.28 -1.03
N TYR A 44 -1.70 6.49 -1.84
CA TYR A 44 -2.99 5.83 -1.63
C TYR A 44 -3.29 4.88 -2.79
N ILE A 45 -4.45 4.21 -2.71
CA ILE A 45 -4.87 3.27 -3.73
C ILE A 45 -5.74 3.95 -4.78
N HIS A 46 -5.16 4.19 -5.96
CA HIS A 46 -5.89 4.84 -7.05
C HIS A 46 -7.15 4.06 -7.39
N GLU A 47 -7.00 2.76 -7.62
CA GLU A 47 -8.13 1.91 -7.95
C GLU A 47 -7.68 0.46 -8.14
N VAL A 48 -8.36 -0.46 -7.46
CA VAL A 48 -8.03 -1.87 -7.54
C VAL A 48 -8.59 -2.49 -8.83
N ILE A 49 -7.76 -2.49 -9.88
CA ILE A 49 -8.17 -3.06 -11.16
C ILE A 49 -9.11 -4.25 -10.97
N PRO A 50 -10.24 -4.23 -11.68
CA PRO A 50 -11.24 -5.30 -11.62
C PRO A 50 -10.74 -6.59 -12.25
N GLY A 51 -10.33 -7.54 -11.41
CA GLY A 51 -9.84 -8.81 -11.90
C GLY A 51 -8.50 -9.19 -11.29
N GLY A 52 -8.09 -8.45 -10.27
CA GLY A 52 -6.83 -8.73 -9.62
C GLY A 52 -6.99 -9.60 -8.39
N ASP A 53 -5.96 -9.65 -7.55
CA ASP A 53 -5.99 -10.45 -6.34
C ASP A 53 -6.83 -9.77 -5.25
N CYS A 54 -6.42 -8.56 -4.87
CA CYS A 54 -7.12 -7.80 -3.85
C CYS A 54 -8.58 -7.60 -4.23
N TYR A 55 -8.82 -7.21 -5.47
CA TYR A 55 -10.18 -6.98 -5.95
C TYR A 55 -11.13 -8.04 -5.42
N LYS A 56 -10.88 -9.29 -5.77
CA LYS A 56 -11.71 -10.40 -5.32
C LYS A 56 -11.81 -10.42 -3.79
N ASP A 57 -10.70 -10.12 -3.13
CA ASP A 57 -10.65 -10.10 -1.67
C ASP A 57 -11.66 -9.09 -1.11
N GLY A 58 -11.39 -7.81 -1.35
CA GLY A 58 -12.29 -6.77 -0.86
C GLY A 58 -11.79 -6.15 0.42
N ARG A 59 -10.86 -6.83 1.09
CA ARG A 59 -10.31 -6.33 2.34
C ARG A 59 -9.81 -4.89 2.19
N LEU A 60 -9.33 -4.57 0.99
CA LEU A 60 -8.82 -3.23 0.71
C LEU A 60 -9.79 -2.46 -0.18
N LYS A 61 -9.37 -1.26 -0.59
CA LYS A 61 -10.20 -0.42 -1.45
C LYS A 61 -9.48 0.88 -1.79
N PRO A 62 -9.97 1.57 -2.84
CA PRO A 62 -9.38 2.83 -3.29
C PRO A 62 -9.63 3.98 -2.30
N GLY A 63 -8.58 4.74 -2.02
CA GLY A 63 -8.70 5.85 -1.09
C GLY A 63 -7.93 5.62 0.19
N ASP A 64 -7.50 4.39 0.42
CA ASP A 64 -6.74 4.05 1.61
C ASP A 64 -5.28 4.44 1.46
N GLN A 65 -4.65 4.80 2.58
CA GLN A 65 -3.25 5.20 2.57
C GLN A 65 -2.34 3.99 2.73
N LEU A 66 -1.59 3.67 1.68
CA LEU A 66 -0.68 2.54 1.70
C LEU A 66 0.53 2.83 2.58
N VAL A 67 1.27 1.79 2.94
CA VAL A 67 2.45 1.94 3.77
C VAL A 67 3.64 1.16 3.19
N SER A 68 3.35 -0.04 2.68
CA SER A 68 4.38 -0.88 2.10
C SER A 68 3.79 -2.15 1.51
N ILE A 69 4.32 -2.57 0.37
CA ILE A 69 3.83 -3.78 -0.30
C ILE A 69 4.96 -4.79 -0.49
N ASN A 70 4.66 -6.05 -0.19
CA ASN A 70 5.65 -7.12 -0.34
C ASN A 70 6.74 -6.99 0.71
N LYS A 71 7.56 -5.94 0.58
CA LYS A 71 8.66 -5.71 1.51
C LYS A 71 9.39 -4.41 1.16
N GLU A 72 8.65 -3.43 0.66
CA GLU A 72 9.23 -2.14 0.30
C GLU A 72 8.62 -1.01 1.11
N SER A 73 9.07 0.21 0.86
CA SER A 73 8.57 1.38 1.57
C SER A 73 7.76 2.27 0.63
N MET A 74 6.50 2.49 0.98
CA MET A 74 5.61 3.33 0.18
C MET A 74 5.54 4.73 0.75
N ILE A 75 5.80 4.86 2.05
CA ILE A 75 5.75 6.16 2.72
C ILE A 75 6.84 7.09 2.17
N GLY A 76 6.43 8.29 1.79
CA GLY A 76 7.37 9.26 1.26
C GLY A 76 8.22 8.69 0.15
N VAL A 77 7.56 8.18 -0.89
CA VAL A 77 8.26 7.60 -2.03
C VAL A 77 7.79 8.21 -3.35
N SER A 78 8.49 7.89 -4.43
CA SER A 78 8.14 8.42 -5.74
C SER A 78 7.00 7.61 -6.36
N PHE A 79 6.05 8.32 -6.98
CA PHE A 79 4.92 7.67 -7.61
C PHE A 79 5.37 6.49 -8.47
N GLU A 80 6.41 6.71 -9.27
CA GLU A 80 6.93 5.67 -10.15
C GLU A 80 7.43 4.47 -9.33
N GLU A 81 8.16 4.76 -8.27
CA GLU A 81 8.71 3.72 -7.41
C GLU A 81 7.59 2.82 -6.88
N ALA A 82 6.70 3.40 -6.08
CA ALA A 82 5.58 2.65 -5.52
C ALA A 82 4.97 1.71 -6.55
N LYS A 83 4.70 2.24 -7.74
CA LYS A 83 4.11 1.45 -8.81
C LYS A 83 5.13 0.49 -9.40
N SER A 84 6.41 0.88 -9.34
CA SER A 84 7.48 0.04 -9.87
C SER A 84 7.64 -1.23 -9.06
N ILE A 85 7.42 -1.12 -7.75
CA ILE A 85 7.53 -2.27 -6.85
C ILE A 85 6.47 -3.32 -7.16
N ILE A 86 5.22 -2.88 -7.28
CA ILE A 86 4.11 -3.78 -7.57
C ILE A 86 4.45 -4.68 -8.75
N THR A 87 4.75 -4.07 -9.89
CA THR A 87 5.09 -4.83 -11.09
C THR A 87 6.36 -5.63 -10.91
N ARG A 88 7.24 -5.14 -10.03
CA ARG A 88 8.50 -5.81 -9.76
C ARG A 88 8.31 -6.95 -8.78
N ALA A 89 7.07 -7.10 -8.28
CA ALA A 89 6.75 -8.16 -7.33
C ALA A 89 7.02 -9.54 -7.94
N LYS A 90 7.20 -10.53 -7.07
CA LYS A 90 7.46 -11.90 -7.52
C LYS A 90 6.22 -12.52 -8.14
N LEU A 91 5.05 -12.12 -7.64
CA LEU A 91 3.78 -12.64 -8.14
C LEU A 91 3.92 -14.09 -8.57
N ARG A 92 4.77 -14.83 -7.86
CA ARG A 92 4.99 -16.25 -8.16
C ARG A 92 5.99 -16.86 -7.18
N SER A 93 5.71 -16.71 -5.90
CA SER A 93 6.59 -17.25 -4.86
C SER A 93 5.79 -18.00 -3.81
N GLU A 94 4.55 -18.34 -4.15
CA GLU A 94 3.67 -19.06 -3.23
C GLU A 94 3.19 -18.15 -2.10
N SER A 95 4.13 -17.46 -1.47
CA SER A 95 3.80 -16.55 -0.37
C SER A 95 2.73 -15.56 -0.79
N PRO A 96 1.82 -15.24 0.14
CA PRO A 96 0.72 -14.29 -0.10
C PRO A 96 1.22 -12.86 -0.25
N TRP A 97 0.29 -11.93 -0.39
CA TRP A 97 0.63 -10.52 -0.54
C TRP A 97 0.56 -9.79 0.80
N GLU A 98 1.66 -9.14 1.17
CA GLU A 98 1.72 -8.41 2.43
C GLU A 98 1.20 -6.97 2.26
N ILE A 99 -0.04 -6.75 2.66
CA ILE A 99 -0.66 -5.43 2.54
C ILE A 99 -0.60 -4.69 3.87
N ALA A 100 0.07 -3.55 3.89
CA ALA A 100 0.19 -2.74 5.09
C ALA A 100 -0.38 -1.34 4.88
N PHE A 101 -1.44 -1.03 5.62
CA PHE A 101 -2.08 0.28 5.51
C PHE A 101 -2.76 0.66 6.83
N ILE A 102 -3.46 1.80 6.81
CA ILE A 102 -4.15 2.27 8.00
C ILE A 102 -5.65 2.07 7.89
N ARG A 103 -6.22 1.34 8.85
CA ARG A 103 -7.66 1.08 8.86
C ARG A 103 -8.34 1.82 10.01
N SER A 104 -9.41 2.53 9.68
CA SER A 104 -10.15 3.29 10.68
C SER A 104 -11.43 3.88 10.09
N GLY A 105 -11.99 3.17 9.11
CA GLY A 105 -13.21 3.64 8.47
C GLY A 105 -14.42 3.54 9.38
N PRO A 106 -15.52 4.17 8.97
CA PRO A 106 -16.77 4.17 9.74
C PRO A 106 -17.45 2.80 9.76
N SER A 107 -16.75 1.80 9.22
CA SER A 107 -17.28 0.44 9.16
C SER A 107 -17.32 -0.19 10.55
N SER A 108 -16.22 -0.06 11.27
CA SER A 108 -16.11 -0.62 12.61
C SER A 108 -16.16 0.48 13.67
N GLY A 109 -16.98 0.27 14.70
CA GLY A 109 -17.11 1.25 15.76
C GLY A 109 -17.16 2.67 15.23
N GLY A 1 15.07 21.43 8.05
CA GLY A 1 15.67 22.25 9.09
C GLY A 1 15.80 21.51 10.40
N SER A 2 15.49 22.20 11.50
CA SER A 2 15.58 21.60 12.82
C SER A 2 16.98 21.06 13.08
N SER A 3 17.77 21.79 13.85
CA SER A 3 19.14 21.38 14.17
C SER A 3 19.29 21.09 15.66
N GLY A 4 20.32 20.31 16.00
CA GLY A 4 20.55 19.97 17.39
C GLY A 4 20.20 18.53 17.70
N SER A 5 18.92 18.18 17.55
CA SER A 5 18.46 16.83 17.83
C SER A 5 18.38 16.01 16.54
N SER A 6 18.02 14.74 16.67
CA SER A 6 17.92 13.85 15.52
C SER A 6 17.37 12.48 15.94
N GLY A 7 16.90 11.73 14.96
CA GLY A 7 16.35 10.41 15.25
C GLY A 7 15.16 10.07 14.36
N SER A 8 14.27 9.23 14.88
CA SER A 8 13.08 8.82 14.14
C SER A 8 11.84 9.48 14.71
N PRO A 9 11.55 10.72 14.26
CA PRO A 9 10.39 11.48 14.71
C PRO A 9 9.07 10.88 14.20
N LEU A 10 9.00 10.65 12.90
CA LEU A 10 7.81 10.09 12.29
C LEU A 10 7.50 8.70 12.86
N ASP A 11 6.22 8.43 13.11
CA ASP A 11 5.80 7.14 13.64
C ASP A 11 4.52 6.67 12.97
N ARG A 12 4.44 5.36 12.73
CA ARG A 12 3.26 4.78 12.09
C ARG A 12 1.98 5.20 12.81
N ASP A 13 0.94 5.49 12.04
CA ASP A 13 -0.33 5.91 12.60
C ASP A 13 -0.88 4.85 13.55
N PRO A 14 -1.81 5.27 14.43
CA PRO A 14 -2.43 4.36 15.40
C PRO A 14 -3.36 3.35 14.75
N ALA A 15 -4.11 3.79 13.75
CA ALA A 15 -5.05 2.92 13.04
C ALA A 15 -4.33 2.12 11.97
N PHE A 16 -3.00 2.03 12.07
CA PHE A 16 -2.19 1.29 11.11
C PHE A 16 -2.44 -0.21 11.23
N ARG A 17 -3.05 -0.79 10.21
CA ARG A 17 -3.35 -2.21 10.20
C ARG A 17 -2.57 -2.93 9.11
N VAL A 18 -2.41 -4.24 9.26
CA VAL A 18 -1.67 -5.04 8.29
C VAL A 18 -2.43 -6.31 7.94
N ILE A 19 -2.70 -6.50 6.65
CA ILE A 19 -3.42 -7.68 6.19
C ILE A 19 -2.65 -8.39 5.07
N THR A 20 -3.11 -9.58 4.70
CA THR A 20 -2.47 -10.36 3.65
C THR A 20 -3.50 -10.89 2.66
N VAL A 21 -3.27 -10.63 1.37
CA VAL A 21 -4.17 -11.08 0.32
C VAL A 21 -3.60 -12.29 -0.40
N THR A 22 -4.43 -13.33 -0.55
CA THR A 22 -4.02 -14.55 -1.23
C THR A 22 -3.45 -14.25 -2.60
N LYS A 23 -2.17 -14.56 -2.78
CA LYS A 23 -1.50 -14.33 -4.06
C LYS A 23 -1.76 -15.48 -5.03
N GLU A 24 -2.53 -15.20 -6.08
CA GLU A 24 -2.85 -16.21 -7.08
C GLU A 24 -2.49 -15.72 -8.48
N THR A 25 -2.93 -14.51 -8.82
CA THR A 25 -2.68 -13.93 -10.12
C THR A 25 -1.65 -12.80 -10.03
N GLY A 26 -1.76 -12.00 -8.98
CA GLY A 26 -0.83 -10.89 -8.78
C GLY A 26 -1.49 -9.70 -8.12
N LEU A 27 -0.66 -8.79 -7.61
CA LEU A 27 -1.17 -7.60 -6.95
C LEU A 27 -2.29 -6.96 -7.75
N GLY A 28 -1.96 -6.48 -8.95
CA GLY A 28 -2.95 -5.85 -9.80
C GLY A 28 -3.69 -4.72 -9.10
N LEU A 29 -2.94 -3.74 -8.62
CA LEU A 29 -3.52 -2.61 -7.93
C LEU A 29 -2.86 -1.30 -8.36
N LYS A 30 -3.64 -0.22 -8.37
CA LYS A 30 -3.13 1.09 -8.76
C LYS A 30 -2.83 1.94 -7.54
N ILE A 31 -1.75 2.73 -7.61
CA ILE A 31 -1.37 3.59 -6.51
C ILE A 31 -1.57 5.07 -6.87
N LEU A 32 -1.72 5.90 -5.86
CA LEU A 32 -1.91 7.33 -6.06
C LEU A 32 -0.91 8.14 -5.25
N GLY A 33 -0.82 9.44 -5.56
CA GLY A 33 0.10 10.30 -4.84
C GLY A 33 1.47 10.36 -5.49
N GLY A 34 2.48 10.70 -4.71
CA GLY A 34 3.83 10.78 -5.22
C GLY A 34 4.51 12.10 -4.89
N ILE A 35 5.66 12.02 -4.24
CA ILE A 35 6.40 13.21 -3.86
C ILE A 35 6.35 14.27 -4.96
N ASN A 36 6.22 13.82 -6.19
CA ASN A 36 6.16 14.72 -7.34
C ASN A 36 4.71 14.98 -7.74
N ARG A 37 3.85 13.99 -7.52
CA ARG A 37 2.44 14.12 -7.86
C ARG A 37 1.73 15.07 -6.90
N ASN A 38 0.47 15.37 -7.18
CA ASN A 38 -0.32 16.26 -6.36
C ASN A 38 -1.02 15.50 -5.23
N GLU A 39 -1.33 14.24 -5.49
CA GLU A 39 -2.00 13.40 -4.49
C GLU A 39 -1.05 13.04 -3.37
N GLY A 40 0.26 13.13 -3.64
CA GLY A 40 1.25 12.81 -2.63
C GLY A 40 1.37 13.87 -1.56
N PRO A 41 2.47 13.83 -0.80
CA PRO A 41 3.51 12.81 -0.96
C PRO A 41 3.05 11.43 -0.54
N LEU A 42 1.98 11.38 0.25
CA LEU A 42 1.44 10.12 0.73
C LEU A 42 0.84 9.31 -0.43
N VAL A 43 0.89 7.98 -0.30
CA VAL A 43 0.35 7.11 -1.33
C VAL A 43 -0.93 6.43 -0.86
N TYR A 44 -1.84 6.18 -1.80
CA TYR A 44 -3.11 5.54 -1.48
C TYR A 44 -3.63 4.75 -2.68
N ILE A 45 -4.19 3.58 -2.41
CA ILE A 45 -4.74 2.72 -3.46
C ILE A 45 -5.53 3.55 -4.48
N HIS A 46 -4.93 3.80 -5.63
CA HIS A 46 -5.59 4.58 -6.68
C HIS A 46 -6.86 3.88 -7.16
N GLU A 47 -6.74 2.57 -7.41
CA GLU A 47 -7.88 1.79 -7.87
C GLU A 47 -7.48 0.33 -8.09
N VAL A 48 -8.25 -0.58 -7.51
CA VAL A 48 -7.99 -2.01 -7.65
C VAL A 48 -8.52 -2.55 -8.97
N ILE A 49 -7.64 -2.65 -9.96
CA ILE A 49 -8.02 -3.16 -11.27
C ILE A 49 -8.95 -4.36 -11.15
N PRO A 50 -10.03 -4.36 -11.93
CA PRO A 50 -11.02 -5.45 -11.94
C PRO A 50 -10.45 -6.73 -12.54
N GLY A 51 -10.21 -7.72 -11.68
CA GLY A 51 -9.67 -8.99 -12.16
C GLY A 51 -8.31 -9.31 -11.57
N GLY A 52 -8.09 -8.85 -10.34
CA GLY A 52 -6.82 -9.08 -9.69
C GLY A 52 -6.96 -9.93 -8.44
N ASP A 53 -6.04 -9.75 -7.49
CA ASP A 53 -6.07 -10.50 -6.24
C ASP A 53 -6.92 -9.79 -5.19
N CYS A 54 -6.54 -8.56 -4.86
CA CYS A 54 -7.27 -7.78 -3.87
C CYS A 54 -8.69 -7.51 -4.33
N TYR A 55 -8.86 -7.32 -5.64
CA TYR A 55 -10.16 -7.04 -6.21
C TYR A 55 -11.20 -8.07 -5.74
N LYS A 56 -10.86 -9.34 -5.90
CA LYS A 56 -11.74 -10.43 -5.49
C LYS A 56 -11.91 -10.45 -3.97
N ASP A 57 -10.82 -10.22 -3.26
CA ASP A 57 -10.85 -10.20 -1.80
C ASP A 57 -11.88 -9.20 -1.28
N GLY A 58 -11.62 -7.92 -1.52
CA GLY A 58 -12.53 -6.89 -1.08
C GLY A 58 -12.07 -6.21 0.20
N ARG A 59 -11.23 -6.90 0.96
CA ARG A 59 -10.71 -6.37 2.22
C ARG A 59 -10.21 -4.94 2.03
N LEU A 60 -9.37 -4.74 1.02
CA LEU A 60 -8.81 -3.43 0.72
C LEU A 60 -9.78 -2.60 -0.12
N LYS A 61 -9.35 -1.41 -0.51
CA LYS A 61 -10.17 -0.53 -1.33
C LYS A 61 -9.41 0.75 -1.69
N PRO A 62 -9.86 1.42 -2.76
CA PRO A 62 -9.24 2.66 -3.23
C PRO A 62 -9.48 3.83 -2.27
N GLY A 63 -8.42 4.56 -1.96
CA GLY A 63 -8.53 5.69 -1.05
C GLY A 63 -7.83 5.45 0.27
N ASP A 64 -7.42 4.21 0.50
CA ASP A 64 -6.74 3.84 1.74
C ASP A 64 -5.24 4.08 1.62
N GLN A 65 -4.69 4.86 2.55
CA GLN A 65 -3.26 5.16 2.54
C GLN A 65 -2.44 3.88 2.53
N LEU A 66 -1.27 3.93 1.88
CA LEU A 66 -0.39 2.77 1.80
C LEU A 66 0.80 2.93 2.74
N VAL A 67 1.43 1.81 3.09
CA VAL A 67 2.58 1.82 3.98
C VAL A 67 3.73 1.00 3.40
N SER A 68 3.39 -0.04 2.67
CA SER A 68 4.38 -0.91 2.06
C SER A 68 3.73 -2.13 1.41
N ILE A 69 4.38 -2.67 0.38
CA ILE A 69 3.86 -3.83 -0.32
C ILE A 69 4.89 -4.96 -0.35
N ASN A 70 4.49 -6.13 0.12
CA ASN A 70 5.38 -7.29 0.15
C ASN A 70 6.46 -7.12 1.22
N LYS A 71 7.33 -6.14 1.02
CA LYS A 71 8.41 -5.87 1.96
C LYS A 71 9.24 -4.67 1.52
N GLU A 72 8.56 -3.66 0.98
CA GLU A 72 9.24 -2.45 0.52
C GLU A 72 8.68 -1.21 1.22
N SER A 73 9.20 -0.05 0.85
CA SER A 73 8.76 1.21 1.44
C SER A 73 7.99 2.05 0.42
N MET A 74 6.97 2.75 0.90
CA MET A 74 6.16 3.60 0.04
C MET A 74 6.16 5.05 0.54
N ILE A 75 6.20 5.21 1.85
CA ILE A 75 6.20 6.54 2.45
C ILE A 75 7.32 7.40 1.87
N GLY A 76 6.96 8.63 1.49
CA GLY A 76 7.94 9.53 0.92
C GLY A 76 8.74 8.90 -0.20
N VAL A 77 8.04 8.35 -1.19
CA VAL A 77 8.70 7.71 -2.33
C VAL A 77 8.20 8.29 -3.64
N SER A 78 8.91 8.00 -4.72
CA SER A 78 8.55 8.49 -6.04
C SER A 78 7.37 7.70 -6.61
N PHE A 79 6.41 8.41 -7.20
CA PHE A 79 5.23 7.77 -7.77
C PHE A 79 5.62 6.53 -8.56
N GLU A 80 6.60 6.68 -9.46
CA GLU A 80 7.07 5.57 -10.28
C GLU A 80 7.53 4.41 -9.41
N GLU A 81 8.29 4.72 -8.37
CA GLU A 81 8.80 3.70 -7.45
C GLU A 81 7.66 2.86 -6.88
N ALA A 82 6.76 3.50 -6.16
CA ALA A 82 5.63 2.81 -5.55
C ALA A 82 4.96 1.88 -6.56
N LYS A 83 4.70 2.40 -7.75
CA LYS A 83 4.07 1.62 -8.81
C LYS A 83 5.03 0.60 -9.40
N SER A 84 6.33 0.91 -9.30
CA SER A 84 7.36 0.02 -9.83
C SER A 84 7.45 -1.26 -9.00
N ILE A 85 7.30 -1.13 -7.68
CA ILE A 85 7.36 -2.28 -6.79
C ILE A 85 6.27 -3.29 -7.12
N ILE A 86 5.03 -2.83 -7.14
CA ILE A 86 3.90 -3.70 -7.45
C ILE A 86 4.17 -4.53 -8.69
N THR A 87 4.49 -3.86 -9.79
CA THR A 87 4.77 -4.53 -11.05
C THR A 87 6.09 -5.28 -10.99
N ARG A 88 6.94 -4.91 -10.02
CA ARG A 88 8.24 -5.54 -9.86
C ARG A 88 8.14 -6.72 -8.90
N ALA A 89 6.96 -6.93 -8.33
CA ALA A 89 6.74 -8.03 -7.40
C ALA A 89 7.02 -9.38 -8.06
N LYS A 90 7.24 -10.40 -7.24
CA LYS A 90 7.52 -11.74 -7.74
C LYS A 90 6.27 -12.37 -8.33
N LEU A 91 5.11 -12.02 -7.77
CA LEU A 91 3.84 -12.55 -8.23
C LEU A 91 3.99 -14.00 -8.70
N ARG A 92 4.83 -14.74 -8.00
CA ARG A 92 5.06 -16.15 -8.34
C ARG A 92 6.01 -16.79 -7.34
N SER A 93 5.56 -16.93 -6.11
CA SER A 93 6.38 -17.53 -5.05
C SER A 93 5.50 -18.22 -4.01
N GLU A 94 4.22 -18.38 -4.35
CA GLU A 94 3.27 -19.03 -3.44
C GLU A 94 2.87 -18.09 -2.31
N SER A 95 3.87 -17.50 -1.66
CA SER A 95 3.62 -16.58 -0.55
C SER A 95 2.55 -15.56 -0.92
N PRO A 96 1.70 -15.21 0.05
CA PRO A 96 0.62 -14.25 -0.15
C PRO A 96 1.14 -12.82 -0.34
N TRP A 97 0.22 -11.86 -0.40
CA TRP A 97 0.59 -10.47 -0.58
C TRP A 97 0.53 -9.72 0.75
N GLU A 98 1.70 -9.25 1.21
CA GLU A 98 1.78 -8.53 2.47
C GLU A 98 1.41 -7.05 2.27
N ILE A 99 0.16 -6.71 2.55
CA ILE A 99 -0.32 -5.35 2.41
C ILE A 99 -0.42 -4.65 3.76
N ALA A 100 0.15 -3.46 3.86
CA ALA A 100 0.12 -2.69 5.10
C ALA A 100 -0.49 -1.32 4.86
N PHE A 101 -1.65 -1.08 5.46
CA PHE A 101 -2.34 0.20 5.33
C PHE A 101 -2.96 0.64 6.65
N ILE A 102 -3.60 1.79 6.65
CA ILE A 102 -4.24 2.33 7.85
C ILE A 102 -5.76 2.21 7.76
N ARG A 103 -6.33 1.36 8.60
CA ARG A 103 -7.78 1.16 8.62
C ARG A 103 -8.40 1.81 9.86
N SER A 104 -9.27 2.79 9.63
CA SER A 104 -9.93 3.49 10.72
C SER A 104 -11.24 4.12 10.25
N GLY A 105 -12.35 3.59 10.74
CA GLY A 105 -13.65 4.10 10.36
C GLY A 105 -14.79 3.33 11.01
N PRO A 106 -16.03 3.77 10.73
CA PRO A 106 -17.23 3.13 11.27
C PRO A 106 -17.48 1.74 10.67
N SER A 107 -17.45 0.71 11.51
CA SER A 107 -17.67 -0.65 11.06
C SER A 107 -19.01 -1.19 11.57
N SER A 108 -20.08 -0.85 10.87
CA SER A 108 -21.42 -1.30 11.26
C SER A 108 -21.39 -2.76 11.70
N GLY A 109 -20.76 -3.60 10.89
CA GLY A 109 -20.69 -5.02 11.21
C GLY A 109 -20.16 -5.26 12.60
N GLY A 1 25.82 4.07 26.47
CA GLY A 1 26.52 5.28 26.05
C GLY A 1 26.40 6.40 27.06
N SER A 2 26.99 7.55 26.76
CA SER A 2 26.96 8.70 27.65
C SER A 2 25.52 9.16 27.87
N SER A 3 24.86 9.55 26.79
CA SER A 3 23.49 10.03 26.86
C SER A 3 22.55 9.15 26.03
N GLY A 4 21.30 9.05 26.45
CA GLY A 4 20.33 8.24 25.73
C GLY A 4 19.34 9.08 24.96
N SER A 5 19.05 8.66 23.73
CA SER A 5 18.10 9.38 22.88
C SER A 5 17.46 8.44 21.87
N SER A 6 18.27 7.60 21.24
CA SER A 6 17.78 6.65 20.25
C SER A 6 16.84 5.63 20.89
N GLY A 7 16.16 4.85 20.05
CA GLY A 7 15.24 3.84 20.55
C GLY A 7 14.03 3.67 19.67
N SER A 8 13.49 4.79 19.18
CA SER A 8 12.31 4.77 18.32
C SER A 8 12.33 5.93 17.34
N PRO A 9 13.06 5.77 16.23
CA PRO A 9 13.17 6.79 15.19
C PRO A 9 11.87 6.99 14.43
N LEU A 10 11.25 5.88 14.03
CA LEU A 10 9.99 5.93 13.28
C LEU A 10 8.83 5.44 14.15
N ASP A 11 7.69 6.13 14.04
CA ASP A 11 6.51 5.76 14.81
C ASP A 11 5.31 5.60 13.89
N ARG A 12 5.09 4.37 13.41
CA ARG A 12 3.98 4.09 12.52
C ARG A 12 2.69 4.72 13.04
N ASP A 13 1.69 4.82 12.17
CA ASP A 13 0.41 5.41 12.54
C ASP A 13 -0.33 4.53 13.53
N PRO A 14 -1.24 5.13 14.31
CA PRO A 14 -2.03 4.41 15.31
C PRO A 14 -3.06 3.49 14.67
N ALA A 15 -3.61 3.90 13.54
CA ALA A 15 -4.61 3.12 12.83
C ALA A 15 -3.97 2.29 11.72
N PHE A 16 -2.66 2.04 11.85
CA PHE A 16 -1.93 1.26 10.86
C PHE A 16 -2.36 -0.20 10.88
N ARG A 17 -3.07 -0.61 9.84
CA ARG A 17 -3.55 -2.00 9.73
C ARG A 17 -2.68 -2.81 8.78
N VAL A 18 -2.62 -4.11 9.01
CA VAL A 18 -1.82 -5.00 8.17
C VAL A 18 -2.58 -6.29 7.85
N ILE A 19 -2.94 -6.45 6.59
CA ILE A 19 -3.68 -7.65 6.16
C ILE A 19 -2.91 -8.40 5.08
N THR A 20 -3.44 -9.54 4.69
CA THR A 20 -2.80 -10.37 3.65
C THR A 20 -3.80 -10.76 2.57
N VAL A 21 -3.30 -10.94 1.35
CA VAL A 21 -4.16 -11.32 0.23
C VAL A 21 -3.59 -12.53 -0.49
N THR A 22 -4.43 -13.55 -0.68
CA THR A 22 -4.02 -14.77 -1.35
C THR A 22 -3.31 -14.47 -2.67
N LYS A 23 -2.03 -14.81 -2.74
CA LYS A 23 -1.24 -14.56 -3.94
C LYS A 23 -1.43 -15.69 -4.95
N GLU A 24 -2.05 -15.37 -6.08
CA GLU A 24 -2.30 -16.35 -7.13
C GLU A 24 -1.88 -15.81 -8.49
N THR A 25 -2.44 -14.66 -8.86
CA THR A 25 -2.12 -14.04 -10.15
C THR A 25 -1.11 -12.92 -9.97
N GLY A 26 -1.37 -12.02 -9.03
CA GLY A 26 -0.47 -10.91 -8.78
C GLY A 26 -1.17 -9.72 -8.15
N LEU A 27 -0.38 -8.79 -7.62
CA LEU A 27 -0.93 -7.60 -6.98
C LEU A 27 -2.04 -6.99 -7.82
N GLY A 28 -1.68 -6.55 -9.02
CA GLY A 28 -2.66 -5.95 -9.91
C GLY A 28 -3.44 -4.82 -9.26
N LEU A 29 -2.72 -3.82 -8.78
CA LEU A 29 -3.35 -2.68 -8.11
C LEU A 29 -2.70 -1.37 -8.55
N LYS A 30 -3.41 -0.27 -8.35
CA LYS A 30 -2.90 1.05 -8.72
C LYS A 30 -2.69 1.91 -7.48
N ILE A 31 -1.74 2.84 -7.57
CA ILE A 31 -1.44 3.74 -6.46
C ILE A 31 -1.55 5.20 -6.89
N LEU A 32 -1.59 6.10 -5.91
CA LEU A 32 -1.69 7.53 -6.18
C LEU A 32 -0.76 8.32 -5.27
N GLY A 33 -0.57 9.60 -5.59
CA GLY A 33 0.29 10.45 -4.79
C GLY A 33 1.75 10.36 -5.21
N GLY A 34 2.64 10.75 -4.30
CA GLY A 34 4.05 10.71 -4.61
C GLY A 34 4.78 12.00 -4.23
N ILE A 35 5.87 11.87 -3.49
CA ILE A 35 6.65 13.02 -3.05
C ILE A 35 6.69 14.09 -4.15
N ASN A 36 6.60 13.65 -5.39
CA ASN A 36 6.63 14.57 -6.53
C ASN A 36 5.22 14.88 -7.02
N ARG A 37 4.33 13.90 -6.91
CA ARG A 37 2.95 14.06 -7.33
C ARG A 37 2.20 15.04 -6.42
N ASN A 38 1.01 15.45 -6.84
CA ASN A 38 0.21 16.37 -6.06
C ASN A 38 -0.55 15.64 -4.95
N GLU A 39 -0.91 14.40 -5.21
CA GLU A 39 -1.64 13.59 -4.24
C GLU A 39 -0.72 13.15 -3.10
N GLY A 40 0.58 13.29 -3.32
CA GLY A 40 1.55 12.91 -2.30
C GLY A 40 1.53 13.84 -1.10
N PRO A 41 2.61 13.80 -0.31
CA PRO A 41 3.75 12.92 -0.55
C PRO A 41 3.40 11.44 -0.33
N LEU A 42 2.41 11.20 0.52
CA LEU A 42 1.98 9.85 0.82
C LEU A 42 1.42 9.16 -0.41
N VAL A 43 1.13 7.87 -0.30
CA VAL A 43 0.58 7.10 -1.42
C VAL A 43 -0.73 6.43 -1.03
N TYR A 44 -1.66 6.37 -1.98
CA TYR A 44 -2.96 5.75 -1.75
C TYR A 44 -3.36 4.86 -2.91
N ILE A 45 -4.30 3.96 -2.66
CA ILE A 45 -4.78 3.04 -3.69
C ILE A 45 -5.58 3.78 -4.75
N HIS A 46 -4.96 4.03 -5.89
CA HIS A 46 -5.62 4.73 -6.99
C HIS A 46 -6.93 4.03 -7.37
N GLU A 47 -6.85 2.72 -7.57
CA GLU A 47 -8.03 1.94 -7.94
C GLU A 47 -7.71 0.45 -7.93
N VAL A 48 -8.70 -0.36 -7.57
CA VAL A 48 -8.53 -1.80 -7.52
C VAL A 48 -8.85 -2.44 -8.86
N ILE A 49 -7.82 -2.62 -9.68
CA ILE A 49 -7.99 -3.22 -11.00
C ILE A 49 -8.86 -4.47 -10.93
N PRO A 50 -9.97 -4.47 -11.70
CA PRO A 50 -10.91 -5.59 -11.74
C PRO A 50 -10.31 -6.82 -12.43
N GLY A 51 -9.64 -7.67 -11.64
CA GLY A 51 -9.03 -8.86 -12.19
C GLY A 51 -7.68 -9.16 -11.58
N GLY A 52 -7.53 -8.85 -10.30
CA GLY A 52 -6.28 -9.10 -9.61
C GLY A 52 -6.45 -9.99 -8.39
N ASP A 53 -5.49 -9.92 -7.48
CA ASP A 53 -5.53 -10.72 -6.26
C ASP A 53 -6.38 -10.04 -5.19
N CYS A 54 -6.05 -8.78 -4.89
CA CYS A 54 -6.78 -8.02 -3.89
C CYS A 54 -8.22 -7.79 -4.31
N TYR A 55 -8.43 -7.64 -5.62
CA TYR A 55 -9.76 -7.41 -6.16
C TYR A 55 -10.78 -8.38 -5.56
N LYS A 56 -10.44 -9.67 -5.61
CA LYS A 56 -11.32 -10.71 -5.06
C LYS A 56 -11.47 -10.56 -3.55
N ASP A 57 -10.35 -10.34 -2.87
CA ASP A 57 -10.36 -10.18 -1.42
C ASP A 57 -11.46 -9.22 -0.99
N GLY A 58 -11.38 -7.98 -1.47
CA GLY A 58 -12.37 -6.99 -1.12
C GLY A 58 -12.02 -6.23 0.14
N ARG A 59 -11.18 -6.83 0.98
CA ARG A 59 -10.76 -6.20 2.22
C ARG A 59 -10.19 -4.82 1.97
N LEU A 60 -9.45 -4.68 0.87
CA LEU A 60 -8.85 -3.40 0.51
C LEU A 60 -9.77 -2.59 -0.39
N LYS A 61 -9.40 -1.34 -0.63
CA LYS A 61 -10.20 -0.45 -1.48
C LYS A 61 -9.42 0.81 -1.84
N PRO A 62 -9.91 1.54 -2.85
CA PRO A 62 -9.27 2.78 -3.30
C PRO A 62 -9.40 3.91 -2.29
N GLY A 63 -8.33 4.69 -2.14
CA GLY A 63 -8.36 5.80 -1.21
C GLY A 63 -7.61 5.48 0.08
N ASP A 64 -7.19 4.23 0.22
CA ASP A 64 -6.47 3.80 1.42
C ASP A 64 -4.97 4.06 1.26
N GLN A 65 -4.39 4.75 2.24
CA GLN A 65 -2.97 5.07 2.21
C GLN A 65 -2.12 3.82 2.44
N LEU A 66 -1.37 3.42 1.42
CA LEU A 66 -0.52 2.24 1.52
C LEU A 66 0.66 2.50 2.44
N VAL A 67 1.34 1.43 2.84
CA VAL A 67 2.50 1.54 3.72
C VAL A 67 3.69 0.76 3.16
N SER A 68 3.42 -0.45 2.68
CA SER A 68 4.47 -1.29 2.11
C SER A 68 3.87 -2.52 1.44
N ILE A 69 4.44 -2.90 0.30
CA ILE A 69 3.97 -4.06 -0.44
C ILE A 69 5.06 -5.13 -0.54
N ASN A 70 4.69 -6.35 -0.16
CA ASN A 70 5.64 -7.47 -0.19
C ASN A 70 6.75 -7.29 0.83
N LYS A 71 7.62 -6.32 0.59
CA LYS A 71 8.74 -6.04 1.49
C LYS A 71 9.38 -4.70 1.16
N GLU A 72 8.60 -3.80 0.59
CA GLU A 72 9.09 -2.47 0.22
C GLU A 72 8.48 -1.40 1.12
N SER A 73 8.74 -0.14 0.79
CA SER A 73 8.23 0.98 1.58
C SER A 73 7.77 2.12 0.66
N MET A 74 6.53 2.54 0.81
CA MET A 74 5.98 3.62 0.00
C MET A 74 6.12 4.96 0.72
N ILE A 75 6.39 4.91 2.02
CA ILE A 75 6.56 6.12 2.81
C ILE A 75 7.71 6.97 2.30
N GLY A 76 7.39 8.19 1.89
CA GLY A 76 8.41 9.10 1.38
C GLY A 76 9.15 8.51 0.19
N VAL A 77 8.41 8.07 -0.81
CA VAL A 77 9.00 7.48 -2.01
C VAL A 77 8.43 8.12 -3.27
N SER A 78 9.08 7.87 -4.40
CA SER A 78 8.65 8.42 -5.67
C SER A 78 7.45 7.66 -6.23
N PHE A 79 6.45 8.39 -6.70
CA PHE A 79 5.24 7.78 -7.25
C PHE A 79 5.59 6.57 -8.11
N GLU A 80 6.49 6.77 -9.07
CA GLU A 80 6.91 5.69 -9.96
C GLU A 80 7.39 4.49 -9.17
N GLU A 81 8.20 4.75 -8.13
CA GLU A 81 8.74 3.68 -7.30
C GLU A 81 7.61 2.86 -6.68
N ALA A 82 6.80 3.49 -5.86
CA ALA A 82 5.68 2.82 -5.19
C ALA A 82 4.86 2.02 -6.20
N LYS A 83 4.57 2.64 -7.34
CA LYS A 83 3.79 1.99 -8.38
C LYS A 83 4.66 1.07 -9.23
N SER A 84 5.98 1.18 -9.05
CA SER A 84 6.93 0.36 -9.79
C SER A 84 7.16 -0.98 -9.09
N ILE A 85 7.17 -0.95 -7.76
CA ILE A 85 7.38 -2.15 -6.97
C ILE A 85 6.26 -3.16 -7.19
N ILE A 86 5.02 -2.69 -7.08
CA ILE A 86 3.86 -3.55 -7.26
C ILE A 86 3.96 -4.32 -8.57
N THR A 87 4.18 -3.59 -9.66
CA THR A 87 4.29 -4.22 -10.98
C THR A 87 5.40 -5.24 -11.01
N ARG A 88 6.30 -5.17 -10.03
CA ARG A 88 7.43 -6.09 -9.95
C ARG A 88 7.07 -7.29 -9.08
N ALA A 89 6.76 -7.03 -7.80
CA ALA A 89 6.41 -8.09 -6.88
C ALA A 89 7.23 -9.34 -7.12
N LYS A 90 6.71 -10.49 -6.69
CA LYS A 90 7.40 -11.76 -6.87
C LYS A 90 6.52 -12.76 -7.63
N LEU A 91 5.22 -12.74 -7.33
CA LEU A 91 4.28 -13.64 -7.98
C LEU A 91 4.95 -14.95 -8.36
N ARG A 92 5.49 -15.65 -7.37
CA ARG A 92 6.16 -16.92 -7.61
C ARG A 92 6.68 -17.52 -6.30
N SER A 93 5.84 -17.46 -5.26
CA SER A 93 6.22 -17.99 -3.96
C SER A 93 5.00 -18.62 -3.27
N GLU A 94 5.22 -19.11 -2.05
CA GLU A 94 4.16 -19.74 -1.28
C GLU A 94 3.49 -18.74 -0.35
N SER A 95 4.21 -17.66 -0.05
CA SER A 95 3.68 -16.63 0.85
C SER A 95 2.74 -15.69 0.09
N PRO A 96 1.64 -15.32 0.75
CA PRO A 96 0.64 -14.42 0.17
C PRO A 96 1.14 -13.00 0.02
N TRP A 97 0.23 -12.06 -0.25
CA TRP A 97 0.59 -10.66 -0.42
C TRP A 97 0.47 -9.91 0.90
N GLU A 98 1.54 -9.21 1.28
CA GLU A 98 1.55 -8.45 2.52
C GLU A 98 1.07 -7.02 2.28
N ILE A 99 -0.18 -6.75 2.62
CA ILE A 99 -0.74 -5.42 2.44
C ILE A 99 -0.79 -4.65 3.75
N ALA A 100 -0.04 -3.56 3.82
CA ALA A 100 0.02 -2.74 5.03
C ALA A 100 -0.48 -1.32 4.74
N PHE A 101 -1.60 -0.96 5.37
CA PHE A 101 -2.17 0.37 5.18
C PHE A 101 -2.65 0.95 6.51
N ILE A 102 -3.30 2.10 6.44
CA ILE A 102 -3.81 2.76 7.65
C ILE A 102 -5.33 2.83 7.62
N ARG A 103 -5.97 2.10 8.53
CA ARG A 103 -7.43 2.09 8.61
C ARG A 103 -7.89 2.50 10.01
N SER A 104 -8.79 3.47 10.06
CA SER A 104 -9.32 3.95 11.33
C SER A 104 -10.77 3.53 11.52
N GLY A 105 -10.96 2.34 12.10
CA GLY A 105 -12.30 1.84 12.33
C GLY A 105 -13.21 2.86 12.97
N PRO A 106 -14.52 2.55 13.04
CA PRO A 106 -15.52 3.45 13.62
C PRO A 106 -15.37 3.56 15.14
N SER A 107 -16.20 4.40 15.74
CA SER A 107 -16.16 4.60 17.18
C SER A 107 -17.51 5.09 17.70
N SER A 108 -18.23 4.21 18.39
CA SER A 108 -19.54 4.54 18.93
C SER A 108 -20.37 5.30 17.91
N GLY A 109 -21.12 4.56 17.09
CA GLY A 109 -21.95 5.19 16.08
C GLY A 109 -21.99 4.39 14.79
N GLY A 1 15.90 9.01 -6.41
CA GLY A 1 16.07 8.21 -5.21
C GLY A 1 17.25 8.65 -4.38
N SER A 2 16.98 9.34 -3.27
CA SER A 2 18.04 9.82 -2.40
C SER A 2 18.16 8.95 -1.15
N SER A 3 19.17 9.21 -0.34
CA SER A 3 19.40 8.44 0.88
C SER A 3 18.41 8.85 1.96
N GLY A 4 18.42 8.11 3.07
CA GLY A 4 17.52 8.41 4.17
C GLY A 4 18.24 8.97 5.38
N SER A 5 17.67 8.73 6.56
CA SER A 5 18.26 9.22 7.80
C SER A 5 18.53 8.08 8.77
N SER A 6 17.48 7.62 9.44
CA SER A 6 17.60 6.52 10.40
C SER A 6 16.23 5.88 10.65
N GLY A 7 16.15 4.57 10.40
CA GLY A 7 14.90 3.85 10.61
C GLY A 7 13.78 4.41 9.76
N SER A 8 12.75 4.93 10.42
CA SER A 8 11.60 5.49 9.72
C SER A 8 11.37 6.94 10.13
N PRO A 9 11.30 7.84 9.13
CA PRO A 9 11.07 9.26 9.36
C PRO A 9 9.66 9.56 9.86
N LEU A 10 8.68 9.02 9.15
CA LEU A 10 7.28 9.23 9.51
C LEU A 10 6.81 8.18 10.50
N ASP A 11 6.40 8.63 11.68
CA ASP A 11 5.92 7.73 12.72
C ASP A 11 4.62 7.06 12.31
N ARG A 12 4.56 5.74 12.44
CA ARG A 12 3.37 4.98 12.08
C ARG A 12 2.15 5.47 12.86
N ASP A 13 1.04 5.66 12.16
CA ASP A 13 -0.19 6.13 12.79
C ASP A 13 -0.78 5.04 13.68
N PRO A 14 -1.65 5.46 14.62
CA PRO A 14 -2.31 4.55 15.56
C PRO A 14 -3.33 3.65 14.87
N ALA A 15 -3.83 4.11 13.72
CA ALA A 15 -4.82 3.36 12.97
C ALA A 15 -4.16 2.51 11.88
N PHE A 16 -2.91 2.12 12.13
CA PHE A 16 -2.16 1.30 11.18
C PHE A 16 -2.75 -0.10 11.08
N ARG A 17 -3.22 -0.46 9.89
CA ARG A 17 -3.81 -1.77 9.67
C ARG A 17 -3.21 -2.43 8.42
N VAL A 18 -2.66 -3.62 8.58
CA VAL A 18 -2.06 -4.35 7.48
C VAL A 18 -2.66 -5.75 7.35
N ILE A 19 -2.98 -6.14 6.13
CA ILE A 19 -3.56 -7.45 5.87
C ILE A 19 -2.73 -8.23 4.85
N THR A 20 -3.22 -9.40 4.47
CA THR A 20 -2.53 -10.24 3.51
C THR A 20 -3.49 -10.81 2.48
N VAL A 21 -3.18 -10.60 1.21
CA VAL A 21 -4.02 -11.10 0.11
C VAL A 21 -3.41 -12.34 -0.53
N THR A 22 -4.19 -13.41 -0.55
CA THR A 22 -3.73 -14.67 -1.14
C THR A 22 -3.11 -14.43 -2.52
N LYS A 23 -1.82 -14.72 -2.65
CA LYS A 23 -1.12 -14.54 -3.92
C LYS A 23 -1.40 -15.72 -4.86
N GLU A 24 -1.88 -15.39 -6.05
CA GLU A 24 -2.18 -16.42 -7.05
C GLU A 24 -1.89 -15.92 -8.46
N THR A 25 -2.47 -14.77 -8.80
CA THR A 25 -2.28 -14.18 -10.11
C THR A 25 -1.32 -12.99 -10.05
N GLY A 26 -1.45 -12.17 -9.01
CA GLY A 26 -0.60 -11.02 -8.85
C GLY A 26 -1.27 -9.89 -8.10
N LEU A 27 -0.51 -8.83 -7.83
CA LEU A 27 -1.04 -7.69 -7.10
C LEU A 27 -2.24 -7.08 -7.83
N GLY A 28 -1.98 -6.45 -8.98
CA GLY A 28 -3.04 -5.85 -9.75
C GLY A 28 -3.72 -4.71 -9.02
N LEU A 29 -2.94 -3.81 -8.45
CA LEU A 29 -3.47 -2.68 -7.71
C LEU A 29 -2.83 -1.37 -8.17
N LYS A 30 -3.58 -0.28 -8.07
CA LYS A 30 -3.09 1.03 -8.47
C LYS A 30 -2.92 1.95 -7.26
N ILE A 31 -1.84 2.71 -7.25
CA ILE A 31 -1.57 3.63 -6.15
C ILE A 31 -1.74 5.08 -6.60
N LEU A 32 -1.86 5.98 -5.62
CA LEU A 32 -2.02 7.41 -5.91
C LEU A 32 -1.07 8.24 -5.06
N GLY A 33 -0.95 9.52 -5.41
CA GLY A 33 -0.07 10.41 -4.68
C GLY A 33 1.37 10.29 -5.11
N GLY A 34 2.28 10.74 -4.25
CA GLY A 34 3.70 10.68 -4.58
C GLY A 34 4.43 11.97 -4.25
N ILE A 35 5.55 11.86 -3.57
CA ILE A 35 6.34 13.03 -3.19
C ILE A 35 6.41 14.03 -4.33
N ASN A 36 6.22 13.54 -5.55
CA ASN A 36 6.26 14.40 -6.73
C ASN A 36 4.85 14.70 -7.24
N ARG A 37 3.95 13.76 -7.02
CA ARG A 37 2.55 13.92 -7.45
C ARG A 37 1.83 14.94 -6.57
N ASN A 38 0.57 15.22 -6.90
CA ASN A 38 -0.23 16.17 -6.14
C ASN A 38 -0.97 15.48 -5.00
N GLU A 39 -1.31 14.21 -5.21
CA GLU A 39 -2.03 13.44 -4.19
C GLU A 39 -1.08 13.03 -3.07
N GLY A 40 0.21 13.30 -3.25
CA GLY A 40 1.20 12.93 -2.25
C GLY A 40 1.23 13.92 -1.10
N PRO A 41 2.31 13.88 -0.30
CA PRO A 41 3.41 12.94 -0.52
C PRO A 41 3.01 11.49 -0.23
N LEU A 42 2.02 11.32 0.64
CA LEU A 42 1.54 10.00 1.01
C LEU A 42 0.96 9.27 -0.19
N VAL A 43 0.87 7.95 -0.11
CA VAL A 43 0.33 7.14 -1.19
C VAL A 43 -0.96 6.44 -0.77
N TYR A 44 -1.88 6.30 -1.70
CA TYR A 44 -3.16 5.64 -1.43
C TYR A 44 -3.58 4.76 -2.60
N ILE A 45 -4.39 3.74 -2.29
CA ILE A 45 -4.87 2.83 -3.32
C ILE A 45 -5.70 3.55 -4.37
N HIS A 46 -5.08 3.85 -5.51
CA HIS A 46 -5.77 4.55 -6.58
C HIS A 46 -7.05 3.82 -6.98
N GLU A 47 -6.93 2.52 -7.23
CA GLU A 47 -8.08 1.71 -7.61
C GLU A 47 -7.67 0.27 -7.85
N VAL A 48 -8.35 -0.66 -7.19
CA VAL A 48 -8.05 -2.08 -7.34
C VAL A 48 -8.60 -2.62 -8.65
N ILE A 49 -7.76 -2.60 -9.69
CA ILE A 49 -8.15 -3.09 -11.00
C ILE A 49 -9.03 -4.34 -10.88
N PRO A 50 -10.12 -4.36 -11.65
CA PRO A 50 -11.06 -5.49 -11.66
C PRO A 50 -10.46 -6.74 -12.30
N GLY A 51 -10.10 -7.71 -11.47
CA GLY A 51 -9.52 -8.94 -11.97
C GLY A 51 -8.19 -9.27 -11.32
N GLY A 52 -7.95 -8.70 -10.14
CA GLY A 52 -6.70 -8.93 -9.45
C GLY A 52 -6.89 -9.81 -8.22
N ASP A 53 -5.84 -9.89 -7.40
CA ASP A 53 -5.89 -10.70 -6.19
C ASP A 53 -6.73 -10.02 -5.11
N CYS A 54 -6.38 -8.78 -4.80
CA CYS A 54 -7.11 -8.02 -3.78
C CYS A 54 -8.58 -7.85 -4.17
N TYR A 55 -8.80 -7.42 -5.40
CA TYR A 55 -10.17 -7.20 -5.90
C TYR A 55 -11.10 -8.28 -5.38
N LYS A 56 -10.80 -9.53 -5.73
CA LYS A 56 -11.61 -10.67 -5.30
C LYS A 56 -11.70 -10.73 -3.78
N ASP A 57 -10.65 -10.28 -3.10
CA ASP A 57 -10.61 -10.28 -1.65
C ASP A 57 -11.68 -9.34 -1.07
N GLY A 58 -11.61 -8.07 -1.47
CA GLY A 58 -12.58 -7.10 -0.98
C GLY A 58 -12.07 -6.34 0.22
N ARG A 59 -11.31 -7.01 1.08
CA ARG A 59 -10.77 -6.39 2.28
C ARG A 59 -10.25 -4.98 1.97
N LEU A 60 -9.25 -4.91 1.11
CA LEU A 60 -8.66 -3.63 0.73
C LEU A 60 -9.58 -2.86 -0.21
N LYS A 61 -9.38 -1.54 -0.29
CA LYS A 61 -10.19 -0.70 -1.15
C LYS A 61 -9.46 0.60 -1.48
N PRO A 62 -9.94 1.31 -2.52
CA PRO A 62 -9.34 2.57 -2.94
C PRO A 62 -9.58 3.70 -1.95
N GLY A 63 -8.54 4.48 -1.69
CA GLY A 63 -8.66 5.58 -0.75
C GLY A 63 -7.88 5.34 0.53
N ASP A 64 -7.41 4.11 0.72
CA ASP A 64 -6.66 3.73 1.90
C ASP A 64 -5.17 3.96 1.68
N GLN A 65 -4.56 4.81 2.53
CA GLN A 65 -3.14 5.11 2.41
C GLN A 65 -2.30 3.84 2.62
N LEU A 66 -1.58 3.45 1.59
CA LEU A 66 -0.73 2.26 1.65
C LEU A 66 0.48 2.51 2.54
N VAL A 67 1.26 1.46 2.78
CA VAL A 67 2.45 1.55 3.62
C VAL A 67 3.64 0.86 2.97
N SER A 68 3.41 -0.36 2.48
CA SER A 68 4.46 -1.15 1.83
C SER A 68 3.88 -2.40 1.21
N ILE A 69 4.47 -2.81 0.08
CA ILE A 69 4.02 -4.01 -0.62
C ILE A 69 5.09 -5.09 -0.61
N ASN A 70 4.72 -6.28 -0.14
CA ASN A 70 5.65 -7.40 -0.08
C ASN A 70 6.73 -7.14 0.97
N LYS A 71 7.65 -6.22 0.66
CA LYS A 71 8.74 -5.90 1.58
C LYS A 71 9.43 -4.60 1.15
N GLU A 72 8.63 -3.61 0.76
CA GLU A 72 9.17 -2.32 0.32
C GLU A 72 8.79 -1.23 1.31
N SER A 73 8.88 0.02 0.86
CA SER A 73 8.55 1.16 1.70
C SER A 73 7.88 2.27 0.89
N MET A 74 6.56 2.28 0.90
CA MET A 74 5.79 3.28 0.17
C MET A 74 5.93 4.65 0.82
N ILE A 75 6.08 4.67 2.13
CA ILE A 75 6.23 5.92 2.87
C ILE A 75 7.44 6.71 2.38
N GLY A 76 7.23 8.00 2.11
CA GLY A 76 8.31 8.84 1.63
C GLY A 76 9.03 8.25 0.45
N VAL A 77 8.27 7.84 -0.56
CA VAL A 77 8.84 7.23 -1.76
C VAL A 77 8.32 7.92 -3.02
N SER A 78 9.02 7.71 -4.14
CA SER A 78 8.62 8.30 -5.41
C SER A 78 7.47 7.53 -6.04
N PHE A 79 6.47 8.25 -6.53
CA PHE A 79 5.32 7.63 -7.16
C PHE A 79 5.75 6.50 -8.09
N GLU A 80 6.72 6.78 -8.96
CA GLU A 80 7.22 5.79 -9.90
C GLU A 80 7.71 4.54 -9.16
N GLU A 81 8.31 4.75 -7.99
CA GLU A 81 8.83 3.65 -7.19
C GLU A 81 7.70 2.80 -6.64
N ALA A 82 6.80 3.43 -5.89
CA ALA A 82 5.67 2.72 -5.30
C ALA A 82 4.92 1.92 -6.35
N LYS A 83 4.95 2.38 -7.59
CA LYS A 83 4.28 1.70 -8.69
C LYS A 83 5.23 0.75 -9.40
N SER A 84 6.53 1.00 -9.27
CA SER A 84 7.54 0.17 -9.91
C SER A 84 7.76 -1.11 -9.12
N ILE A 85 7.37 -1.10 -7.85
CA ILE A 85 7.52 -2.26 -6.99
C ILE A 85 6.43 -3.30 -7.27
N ILE A 86 5.18 -2.87 -7.23
CA ILE A 86 4.04 -3.75 -7.49
C ILE A 86 4.26 -4.55 -8.76
N THR A 87 4.50 -3.85 -9.87
CA THR A 87 4.72 -4.49 -11.15
C THR A 87 5.79 -5.56 -11.06
N ARG A 88 6.70 -5.40 -10.10
CA ARG A 88 7.79 -6.36 -9.90
C ARG A 88 7.33 -7.52 -9.03
N ALA A 89 6.94 -7.21 -7.79
CA ALA A 89 6.48 -8.24 -6.86
C ALA A 89 7.37 -9.47 -6.92
N LYS A 90 6.79 -10.62 -6.62
CA LYS A 90 7.53 -11.88 -6.64
C LYS A 90 6.60 -13.05 -6.91
N LEU A 91 5.70 -12.89 -7.89
CA LEU A 91 4.75 -13.94 -8.24
C LEU A 91 5.37 -15.32 -8.04
N ARG A 92 6.67 -15.43 -8.28
CA ARG A 92 7.37 -16.69 -8.13
C ARG A 92 7.68 -16.97 -6.65
N SER A 93 6.62 -17.07 -5.85
CA SER A 93 6.77 -17.33 -4.42
C SER A 93 5.54 -18.05 -3.87
N GLU A 94 5.66 -18.53 -2.63
CA GLU A 94 4.56 -19.24 -1.99
C GLU A 94 3.87 -18.35 -0.94
N SER A 95 4.56 -17.29 -0.54
CA SER A 95 4.03 -16.37 0.46
C SER A 95 2.99 -15.44 -0.17
N PRO A 96 1.95 -15.13 0.61
CA PRO A 96 0.85 -14.25 0.16
C PRO A 96 1.31 -12.80 0.02
N TRP A 97 0.40 -11.94 -0.45
CA TRP A 97 0.71 -10.53 -0.64
C TRP A 97 0.56 -9.77 0.67
N GLU A 98 1.68 -9.23 1.17
CA GLU A 98 1.66 -8.47 2.42
C GLU A 98 1.37 -7.00 2.16
N ILE A 99 0.11 -6.61 2.40
CA ILE A 99 -0.30 -5.23 2.19
C ILE A 99 -0.46 -4.50 3.52
N ALA A 100 0.25 -3.39 3.67
CA ALA A 100 0.19 -2.59 4.89
C ALA A 100 -0.37 -1.20 4.62
N PHE A 101 -1.36 -0.80 5.40
CA PHE A 101 -1.98 0.51 5.25
C PHE A 101 -2.50 1.03 6.58
N ILE A 102 -3.20 2.17 6.53
CA ILE A 102 -3.74 2.77 7.73
C ILE A 102 -5.26 2.92 7.64
N ARG A 103 -5.97 2.30 8.58
CA ARG A 103 -7.43 2.36 8.60
C ARG A 103 -7.92 3.16 9.81
N SER A 104 -8.54 4.30 9.53
CA SER A 104 -9.06 5.16 10.59
C SER A 104 -10.46 5.66 10.25
N GLY A 105 -11.23 4.82 9.55
CA GLY A 105 -12.58 5.19 9.19
C GLY A 105 -13.52 3.99 9.14
N PRO A 106 -14.82 4.26 9.06
CA PRO A 106 -15.85 3.21 9.01
C PRO A 106 -15.84 2.45 7.68
N SER A 107 -16.55 1.34 7.64
CA SER A 107 -16.62 0.52 6.44
C SER A 107 -17.68 -0.57 6.57
N SER A 108 -17.98 -1.23 5.47
CA SER A 108 -18.99 -2.30 5.46
C SER A 108 -19.07 -2.96 4.10
N GLY A 109 -18.21 -3.95 3.87
CA GLY A 109 -18.19 -4.65 2.60
C GLY A 109 -17.01 -4.26 1.73
N GLY A 1 18.44 -0.26 1.63
CA GLY A 1 18.41 0.18 3.02
C GLY A 1 19.78 0.56 3.54
N SER A 2 20.41 -0.34 4.28
CA SER A 2 21.73 -0.10 4.85
C SER A 2 21.69 1.09 5.81
N SER A 3 22.73 1.21 6.63
CA SER A 3 22.82 2.30 7.59
C SER A 3 21.47 2.54 8.26
N GLY A 4 21.22 1.84 9.36
CA GLY A 4 19.97 1.99 10.07
C GLY A 4 20.12 1.81 11.57
N SER A 5 19.37 0.89 12.14
CA SER A 5 19.42 0.63 13.57
C SER A 5 19.05 1.88 14.36
N SER A 6 17.90 1.85 15.01
CA SER A 6 17.43 2.99 15.81
C SER A 6 17.36 4.25 14.95
N GLY A 7 16.28 4.40 14.20
CA GLY A 7 16.10 5.56 13.36
C GLY A 7 14.89 5.46 12.46
N SER A 8 13.71 5.72 13.04
CA SER A 8 12.47 5.66 12.28
C SER A 8 11.85 7.03 12.12
N PRO A 9 12.07 7.65 10.95
CA PRO A 9 11.55 8.98 10.64
C PRO A 9 10.03 8.99 10.48
N LEU A 10 9.54 8.09 9.64
CA LEU A 10 8.09 7.99 9.39
C LEU A 10 7.34 7.64 10.67
N ASP A 11 6.15 8.22 10.82
CA ASP A 11 5.34 7.97 12.00
C ASP A 11 4.06 7.22 11.63
N ARG A 12 4.02 5.94 11.99
CA ARG A 12 2.86 5.10 11.69
C ARG A 12 1.62 5.60 12.44
N ASP A 13 0.50 5.63 11.74
CA ASP A 13 -0.76 6.09 12.33
C ASP A 13 -1.31 5.05 13.30
N PRO A 14 -2.23 5.48 14.17
CA PRO A 14 -2.86 4.61 15.18
C PRO A 14 -3.78 3.59 14.54
N ALA A 15 -4.37 3.95 13.41
CA ALA A 15 -5.28 3.04 12.70
C ALA A 15 -4.55 2.23 11.64
N PHE A 16 -3.26 2.00 11.88
CA PHE A 16 -2.45 1.22 10.94
C PHE A 16 -2.84 -0.25 10.95
N ARG A 17 -3.38 -0.71 9.82
CA ARG A 17 -3.80 -2.10 9.70
C ARG A 17 -3.24 -2.73 8.43
N VAL A 18 -2.54 -3.86 8.60
CA VAL A 18 -1.96 -4.56 7.46
C VAL A 18 -2.57 -5.94 7.30
N ILE A 19 -2.92 -6.29 6.07
CA ILE A 19 -3.51 -7.59 5.78
C ILE A 19 -2.68 -8.36 4.76
N THR A 20 -3.16 -9.55 4.40
CA THR A 20 -2.46 -10.38 3.43
C THR A 20 -3.42 -10.99 2.42
N VAL A 21 -3.22 -10.68 1.15
CA VAL A 21 -4.07 -11.19 0.09
C VAL A 21 -3.44 -12.40 -0.60
N THR A 22 -4.16 -13.52 -0.62
CA THR A 22 -3.66 -14.74 -1.25
C THR A 22 -3.17 -14.47 -2.66
N LYS A 23 -1.87 -14.65 -2.86
CA LYS A 23 -1.26 -14.42 -4.18
C LYS A 23 -1.48 -15.62 -5.09
N GLU A 24 -1.96 -15.37 -6.30
CA GLU A 24 -2.22 -16.42 -7.26
C GLU A 24 -1.75 -16.02 -8.66
N THR A 25 -2.21 -14.86 -9.12
CA THR A 25 -1.83 -14.36 -10.43
C THR A 25 -0.93 -13.14 -10.32
N GLY A 26 -1.30 -12.20 -9.45
CA GLY A 26 -0.51 -11.00 -9.26
C GLY A 26 -1.26 -9.92 -8.51
N LEU A 27 -0.54 -8.90 -8.07
CA LEU A 27 -1.15 -7.79 -7.33
C LEU A 27 -2.33 -7.22 -8.09
N GLY A 28 -2.05 -6.52 -9.19
CA GLY A 28 -3.10 -5.93 -9.99
C GLY A 28 -3.77 -4.76 -9.30
N LEU A 29 -2.97 -3.95 -8.60
CA LEU A 29 -3.49 -2.79 -7.88
C LEU A 29 -2.82 -1.51 -8.37
N LYS A 30 -3.44 -0.37 -8.07
CA LYS A 30 -2.90 0.92 -8.47
C LYS A 30 -2.59 1.78 -7.24
N ILE A 31 -1.60 2.66 -7.38
CA ILE A 31 -1.21 3.54 -6.29
C ILE A 31 -1.42 5.00 -6.66
N LEU A 32 -1.62 5.85 -5.66
CA LEU A 32 -1.83 7.27 -5.88
C LEU A 32 -0.85 8.11 -5.06
N GLY A 33 -0.61 9.34 -5.49
CA GLY A 33 0.29 10.22 -4.78
C GLY A 33 1.65 10.30 -5.44
N GLY A 34 2.67 10.63 -4.66
CA GLY A 34 4.02 10.75 -5.20
C GLY A 34 4.67 12.08 -4.88
N ILE A 35 5.83 12.03 -4.24
CA ILE A 35 6.55 13.24 -3.87
C ILE A 35 6.45 14.30 -4.97
N ASN A 36 6.30 13.83 -6.21
CA ASN A 36 6.20 14.73 -7.35
C ASN A 36 4.74 15.00 -7.70
N ARG A 37 3.89 14.00 -7.50
CA ARG A 37 2.46 14.14 -7.78
C ARG A 37 1.80 15.08 -6.78
N ASN A 38 0.51 15.35 -7.01
CA ASN A 38 -0.24 16.24 -6.13
C ASN A 38 -0.87 15.45 -4.99
N GLU A 39 -1.22 14.20 -5.25
CA GLU A 39 -1.84 13.34 -4.24
C GLU A 39 -0.83 12.98 -3.15
N GLY A 40 0.45 13.00 -3.50
CA GLY A 40 1.48 12.67 -2.54
C GLY A 40 1.59 13.71 -1.44
N PRO A 41 2.73 13.72 -0.73
CA PRO A 41 3.83 12.78 -0.99
C PRO A 41 3.47 11.35 -0.60
N LEU A 42 2.53 11.21 0.33
CA LEU A 42 2.09 9.90 0.79
C LEU A 42 1.45 9.11 -0.34
N VAL A 43 1.48 7.78 -0.22
CA VAL A 43 0.89 6.92 -1.24
C VAL A 43 -0.41 6.29 -0.73
N TYR A 44 -1.36 6.11 -1.64
CA TYR A 44 -2.65 5.52 -1.28
C TYR A 44 -3.25 4.78 -2.48
N ILE A 45 -3.90 3.65 -2.20
CA ILE A 45 -4.52 2.85 -3.25
C ILE A 45 -5.27 3.73 -4.24
N HIS A 46 -4.79 3.75 -5.48
CA HIS A 46 -5.41 4.55 -6.53
C HIS A 46 -6.76 3.96 -6.94
N GLU A 47 -6.77 2.65 -7.20
CA GLU A 47 -8.00 1.96 -7.60
C GLU A 47 -7.79 0.45 -7.61
N VAL A 48 -8.82 -0.28 -7.18
CA VAL A 48 -8.76 -1.73 -7.13
C VAL A 48 -9.18 -2.34 -8.47
N ILE A 49 -8.20 -2.60 -9.33
CA ILE A 49 -8.47 -3.19 -10.64
C ILE A 49 -9.30 -4.46 -10.51
N PRO A 50 -10.43 -4.50 -11.22
CA PRO A 50 -11.33 -5.66 -11.21
C PRO A 50 -10.74 -6.86 -11.91
N GLY A 51 -10.36 -7.87 -11.12
CA GLY A 51 -9.78 -9.08 -11.69
C GLY A 51 -8.42 -9.39 -11.10
N GLY A 52 -8.11 -8.78 -9.96
CA GLY A 52 -6.83 -9.02 -9.32
C GLY A 52 -6.96 -9.81 -8.04
N ASP A 53 -5.85 -9.97 -7.32
CA ASP A 53 -5.84 -10.71 -6.07
C ASP A 53 -6.61 -9.96 -4.98
N CYS A 54 -6.20 -8.72 -4.74
CA CYS A 54 -6.85 -7.89 -3.72
C CYS A 54 -8.33 -7.70 -4.04
N TYR A 55 -8.62 -7.39 -5.30
CA TYR A 55 -10.00 -7.18 -5.75
C TYR A 55 -10.93 -8.23 -5.14
N LYS A 56 -10.56 -9.49 -5.28
CA LYS A 56 -11.36 -10.59 -4.74
C LYS A 56 -11.52 -10.45 -3.24
N ASP A 57 -10.46 -10.06 -2.56
CA ASP A 57 -10.49 -9.88 -1.11
C ASP A 57 -11.58 -8.89 -0.70
N GLY A 58 -11.38 -7.63 -1.07
CA GLY A 58 -12.35 -6.60 -0.74
C GLY A 58 -11.96 -5.82 0.50
N ARG A 59 -11.18 -6.45 1.38
CA ARG A 59 -10.75 -5.81 2.61
C ARG A 59 -10.10 -4.46 2.32
N LEU A 60 -9.49 -4.34 1.15
CA LEU A 60 -8.83 -3.10 0.75
C LEU A 60 -9.79 -2.20 -0.01
N LYS A 61 -9.30 -1.03 -0.44
CA LYS A 61 -10.11 -0.08 -1.18
C LYS A 61 -9.30 1.16 -1.55
N PRO A 62 -9.77 1.89 -2.57
CA PRO A 62 -9.10 3.11 -3.04
C PRO A 62 -9.20 4.25 -2.03
N GLY A 63 -8.07 4.90 -1.77
CA GLY A 63 -8.05 6.01 -0.83
C GLY A 63 -7.32 5.66 0.45
N ASP A 64 -7.21 4.37 0.74
CA ASP A 64 -6.53 3.91 1.95
C ASP A 64 -5.03 4.13 1.84
N GLN A 65 -4.52 5.06 2.66
CA GLN A 65 -3.10 5.37 2.66
C GLN A 65 -2.26 4.10 2.76
N LEU A 66 -1.42 3.86 1.75
CA LEU A 66 -0.56 2.68 1.73
C LEU A 66 0.57 2.81 2.74
N VAL A 67 1.26 1.70 2.98
CA VAL A 67 2.37 1.69 3.92
C VAL A 67 3.56 0.91 3.38
N SER A 68 3.27 -0.18 2.66
CA SER A 68 4.31 -1.01 2.08
C SER A 68 3.70 -2.28 1.47
N ILE A 69 4.27 -2.71 0.34
CA ILE A 69 3.79 -3.90 -0.34
C ILE A 69 4.83 -5.02 -0.28
N ASN A 70 4.39 -6.20 0.14
CA ASN A 70 5.28 -7.36 0.24
C ASN A 70 6.39 -7.09 1.26
N LYS A 71 7.36 -6.27 0.86
CA LYS A 71 8.48 -5.94 1.73
C LYS A 71 9.18 -4.67 1.25
N GLU A 72 8.41 -3.74 0.71
CA GLU A 72 8.96 -2.49 0.21
C GLU A 72 8.39 -1.29 0.99
N SER A 73 8.75 -0.09 0.55
CA SER A 73 8.28 1.12 1.21
C SER A 73 7.50 2.01 0.22
N MET A 74 6.57 2.78 0.76
CA MET A 74 5.76 3.67 -0.07
C MET A 74 5.79 5.09 0.47
N ILE A 75 5.92 5.22 1.79
CA ILE A 75 5.96 6.52 2.44
C ILE A 75 7.12 7.36 1.91
N GLY A 76 6.83 8.60 1.51
CA GLY A 76 7.86 9.47 1.00
C GLY A 76 8.65 8.84 -0.13
N VAL A 77 7.95 8.32 -1.14
CA VAL A 77 8.60 7.69 -2.27
C VAL A 77 8.08 8.25 -3.59
N SER A 78 8.81 7.99 -4.66
CA SER A 78 8.44 8.48 -5.99
C SER A 78 7.25 7.69 -6.53
N PHE A 79 6.28 8.40 -7.11
CA PHE A 79 5.10 7.76 -7.68
C PHE A 79 5.48 6.52 -8.49
N GLU A 80 6.44 6.69 -9.40
CA GLU A 80 6.89 5.59 -10.24
C GLU A 80 7.39 4.42 -9.38
N GLU A 81 8.12 4.75 -8.33
CA GLU A 81 8.67 3.74 -7.43
C GLU A 81 7.55 2.90 -6.81
N ALA A 82 6.63 3.56 -6.13
CA ALA A 82 5.51 2.88 -5.48
C ALA A 82 4.79 1.97 -6.48
N LYS A 83 4.61 2.47 -7.70
CA LYS A 83 3.93 1.71 -8.74
C LYS A 83 4.84 0.62 -9.32
N SER A 84 6.14 0.90 -9.29
CA SER A 84 7.14 -0.05 -9.81
C SER A 84 7.20 -1.29 -8.93
N ILE A 85 7.13 -1.09 -7.62
CA ILE A 85 7.17 -2.20 -6.67
C ILE A 85 6.17 -3.29 -7.04
N ILE A 86 4.90 -2.90 -7.15
CA ILE A 86 3.85 -3.85 -7.49
C ILE A 86 4.21 -4.65 -8.74
N THR A 87 4.44 -3.95 -9.84
CA THR A 87 4.80 -4.58 -11.10
C THR A 87 6.15 -5.29 -11.00
N ARG A 88 6.97 -4.85 -10.03
CA ARG A 88 8.28 -5.44 -9.83
C ARG A 88 8.18 -6.70 -8.98
N ALA A 89 7.06 -6.88 -8.32
CA ALA A 89 6.83 -8.05 -7.48
C ALA A 89 7.12 -9.34 -8.23
N LYS A 90 7.32 -10.42 -7.49
CA LYS A 90 7.60 -11.72 -8.10
C LYS A 90 6.36 -12.30 -8.76
N LEU A 91 5.21 -12.06 -8.15
CA LEU A 91 3.95 -12.55 -8.69
C LEU A 91 4.14 -13.89 -9.40
N ARG A 92 4.64 -14.88 -8.67
CA ARG A 92 4.88 -16.20 -9.23
C ARG A 92 5.44 -17.14 -8.18
N SER A 93 4.96 -17.00 -6.95
CA SER A 93 5.42 -17.83 -5.84
C SER A 93 4.27 -18.16 -4.89
N GLU A 94 4.59 -18.84 -3.79
CA GLU A 94 3.58 -19.21 -2.80
C GLU A 94 3.25 -18.02 -1.90
N SER A 95 4.27 -17.45 -1.28
CA SER A 95 4.10 -16.31 -0.39
C SER A 95 2.98 -15.40 -0.88
N PRO A 96 2.03 -15.08 0.01
CA PRO A 96 0.90 -14.22 -0.30
C PRO A 96 1.32 -12.77 -0.53
N TRP A 97 0.33 -11.89 -0.64
CA TRP A 97 0.59 -10.47 -0.85
C TRP A 97 0.48 -9.69 0.46
N GLU A 98 1.60 -9.13 0.91
CA GLU A 98 1.63 -8.36 2.15
C GLU A 98 1.17 -6.92 1.90
N ILE A 99 -0.09 -6.65 2.21
CA ILE A 99 -0.65 -5.31 2.04
C ILE A 99 -0.76 -4.59 3.37
N ALA A 100 -0.08 -3.46 3.49
CA ALA A 100 -0.12 -2.66 4.71
C ALA A 100 -0.73 -1.29 4.46
N PHE A 101 -1.76 -0.96 5.22
CA PHE A 101 -2.44 0.32 5.07
C PHE A 101 -3.00 0.80 6.41
N ILE A 102 -3.74 1.89 6.38
CA ILE A 102 -4.32 2.46 7.59
C ILE A 102 -5.85 2.42 7.54
N ARG A 103 -6.44 1.59 8.40
CA ARG A 103 -7.89 1.46 8.45
C ARG A 103 -8.45 2.08 9.72
N SER A 104 -9.37 3.03 9.56
CA SER A 104 -9.98 3.70 10.69
C SER A 104 -11.48 3.92 10.46
N GLY A 105 -12.30 3.15 11.16
CA GLY A 105 -13.74 3.27 11.02
C GLY A 105 -14.22 2.81 9.66
N PRO A 106 -15.51 2.42 9.59
CA PRO A 106 -16.12 1.95 8.35
C PRO A 106 -16.29 3.06 7.32
N SER A 107 -15.39 3.09 6.33
CA SER A 107 -15.44 4.10 5.29
C SER A 107 -15.69 3.47 3.93
N SER A 108 -16.57 4.08 3.15
CA SER A 108 -16.90 3.57 1.82
C SER A 108 -17.63 2.23 1.91
N GLY A 109 -18.53 1.98 0.96
CA GLY A 109 -19.28 0.74 0.96
C GLY A 109 -18.45 -0.44 1.41
N GLY A 1 15.74 21.23 27.66
CA GLY A 1 14.56 20.97 26.87
C GLY A 1 14.89 20.50 25.47
N SER A 2 15.08 19.20 25.31
CA SER A 2 15.41 18.63 24.01
C SER A 2 16.62 19.33 23.39
N SER A 3 17.07 18.84 22.24
CA SER A 3 18.21 19.42 21.55
C SER A 3 18.14 19.14 20.05
N GLY A 4 17.91 17.86 19.71
CA GLY A 4 17.83 17.49 18.31
C GLY A 4 17.74 15.98 18.12
N SER A 5 16.52 15.47 18.13
CA SER A 5 16.30 14.03 17.97
C SER A 5 16.63 13.59 16.54
N SER A 6 17.60 12.68 16.42
CA SER A 6 18.02 12.18 15.12
C SER A 6 16.92 11.33 14.49
N GLY A 7 16.53 11.68 13.26
CA GLY A 7 15.49 10.94 12.57
C GLY A 7 14.45 11.85 11.96
N SER A 8 13.27 11.30 11.71
CA SER A 8 12.17 12.06 11.12
C SER A 8 10.94 12.05 12.03
N PRO A 9 10.18 13.16 12.01
CA PRO A 9 8.97 13.29 12.82
C PRO A 9 7.85 12.38 12.35
N LEU A 10 7.97 11.87 11.12
CA LEU A 10 6.97 10.99 10.55
C LEU A 10 6.97 9.63 11.26
N ASP A 11 5.84 9.28 11.86
CA ASP A 11 5.71 8.01 12.56
C ASP A 11 4.45 7.28 12.13
N ARG A 12 4.39 5.98 12.42
CA ARG A 12 3.24 5.16 12.06
C ARG A 12 1.96 5.77 12.61
N ASP A 13 0.86 5.55 11.90
CA ASP A 13 -0.44 6.07 12.31
C ASP A 13 -1.09 5.17 13.35
N PRO A 14 -2.05 5.72 14.11
CA PRO A 14 -2.76 4.97 15.15
C PRO A 14 -3.69 3.90 14.58
N ALA A 15 -4.25 4.18 13.40
CA ALA A 15 -5.16 3.24 12.75
C ALA A 15 -4.40 2.39 11.73
N PHE A 16 -3.10 2.22 11.93
CA PHE A 16 -2.27 1.43 11.03
C PHE A 16 -2.64 -0.04 11.11
N ARG A 17 -3.19 -0.57 10.03
CA ARG A 17 -3.58 -1.97 9.97
C ARG A 17 -3.04 -2.65 8.72
N VAL A 18 -2.31 -3.74 8.91
CA VAL A 18 -1.72 -4.48 7.80
C VAL A 18 -2.29 -5.90 7.71
N ILE A 19 -2.58 -6.34 6.50
CA ILE A 19 -3.12 -7.68 6.29
C ILE A 19 -2.36 -8.42 5.20
N THR A 20 -2.85 -9.61 4.84
CA THR A 20 -2.21 -10.41 3.81
C THR A 20 -3.24 -11.00 2.85
N VAL A 21 -3.07 -10.74 1.56
CA VAL A 21 -3.99 -11.24 0.55
C VAL A 21 -3.43 -12.50 -0.11
N THR A 22 -4.27 -13.52 -0.23
CA THR A 22 -3.87 -14.78 -0.84
C THR A 22 -3.37 -14.56 -2.27
N LYS A 23 -2.13 -14.97 -2.52
CA LYS A 23 -1.53 -14.81 -3.84
C LYS A 23 -1.94 -15.96 -4.76
N GLU A 24 -2.37 -15.62 -5.97
CA GLU A 24 -2.80 -16.62 -6.94
C GLU A 24 -2.36 -16.22 -8.35
N THR A 25 -2.58 -14.97 -8.71
CA THR A 25 -2.22 -14.47 -10.03
C THR A 25 -1.18 -13.34 -9.93
N GLY A 26 -1.37 -12.46 -8.95
CA GLY A 26 -0.45 -11.36 -8.76
C GLY A 26 -1.08 -10.20 -8.03
N LEU A 27 -0.31 -9.14 -7.80
CA LEU A 27 -0.79 -7.96 -7.11
C LEU A 27 -1.94 -7.30 -7.87
N GLY A 28 -1.61 -6.69 -9.01
CA GLY A 28 -2.62 -6.04 -9.82
C GLY A 28 -3.33 -4.93 -9.07
N LEU A 29 -2.58 -3.90 -8.69
CA LEU A 29 -3.13 -2.77 -7.96
C LEU A 29 -2.47 -1.46 -8.40
N LYS A 30 -3.22 -0.37 -8.31
CA LYS A 30 -2.71 0.94 -8.69
C LYS A 30 -2.50 1.82 -7.47
N ILE A 31 -1.51 2.71 -7.54
CA ILE A 31 -1.21 3.61 -6.43
C ILE A 31 -1.29 5.06 -6.88
N LEU A 32 -1.42 5.96 -5.90
CA LEU A 32 -1.52 7.39 -6.19
C LEU A 32 -0.60 8.20 -5.27
N GLY A 33 -0.40 9.46 -5.61
CA GLY A 33 0.46 10.31 -4.81
C GLY A 33 1.90 10.29 -5.27
N GLY A 34 2.82 10.61 -4.37
CA GLY A 34 4.23 10.62 -4.71
C GLY A 34 4.91 11.93 -4.36
N ILE A 35 6.00 11.85 -3.60
CA ILE A 35 6.73 13.04 -3.20
C ILE A 35 6.75 14.08 -4.31
N ASN A 36 6.80 13.61 -5.55
CA ASN A 36 6.84 14.49 -6.70
C ASN A 36 5.43 14.80 -7.20
N ARG A 37 4.54 13.81 -7.09
CA ARG A 37 3.16 13.98 -7.51
C ARG A 37 2.42 14.98 -6.62
N ASN A 38 1.20 15.33 -7.01
CA ASN A 38 0.40 16.27 -6.24
C ASN A 38 -0.39 15.56 -5.15
N GLU A 39 -0.78 14.32 -5.44
CA GLU A 39 -1.55 13.53 -4.48
C GLU A 39 -0.70 13.16 -3.28
N GLY A 40 0.62 13.12 -3.47
CA GLY A 40 1.52 12.78 -2.39
C GLY A 40 1.58 13.85 -1.32
N PRO A 41 2.65 13.84 -0.52
CA PRO A 41 3.73 12.86 -0.66
C PRO A 41 3.29 11.46 -0.26
N LEU A 42 2.11 11.35 0.32
CA LEU A 42 1.58 10.07 0.75
C LEU A 42 1.16 9.21 -0.44
N VAL A 43 0.93 7.92 -0.19
CA VAL A 43 0.53 7.01 -1.24
C VAL A 43 -0.81 6.36 -0.93
N TYR A 44 -1.73 6.42 -1.89
CA TYR A 44 -3.05 5.84 -1.71
C TYR A 44 -3.42 4.95 -2.89
N ILE A 45 -4.14 3.87 -2.60
CA ILE A 45 -4.55 2.93 -3.63
C ILE A 45 -5.37 3.62 -4.71
N HIS A 46 -4.73 3.90 -5.85
CA HIS A 46 -5.40 4.57 -6.95
C HIS A 46 -6.67 3.83 -7.35
N GLU A 47 -6.54 2.52 -7.60
CA GLU A 47 -7.68 1.70 -7.98
C GLU A 47 -7.26 0.26 -8.19
N VAL A 48 -7.96 -0.66 -7.52
CA VAL A 48 -7.66 -2.08 -7.63
C VAL A 48 -8.16 -2.66 -8.94
N ILE A 49 -7.30 -2.68 -9.94
CA ILE A 49 -7.65 -3.20 -11.26
C ILE A 49 -8.55 -4.44 -11.13
N PRO A 50 -9.63 -4.47 -11.92
CA PRO A 50 -10.57 -5.60 -11.91
C PRO A 50 -9.98 -6.86 -12.52
N GLY A 51 -9.65 -7.82 -11.66
CA GLY A 51 -9.07 -9.07 -12.12
C GLY A 51 -7.80 -9.43 -11.39
N GLY A 52 -7.52 -8.72 -10.30
CA GLY A 52 -6.32 -8.99 -9.52
C GLY A 52 -6.60 -9.86 -8.32
N ASP A 53 -5.62 -9.96 -7.42
CA ASP A 53 -5.77 -10.77 -6.22
C ASP A 53 -6.62 -10.06 -5.18
N CYS A 54 -6.27 -8.81 -4.87
CA CYS A 54 -7.00 -8.02 -3.89
C CYS A 54 -8.43 -7.79 -4.35
N TYR A 55 -8.59 -7.37 -5.60
CA TYR A 55 -9.90 -7.10 -6.17
C TYR A 55 -10.91 -8.13 -5.68
N LYS A 56 -10.60 -9.40 -5.89
CA LYS A 56 -11.48 -10.49 -5.48
C LYS A 56 -11.72 -10.45 -3.98
N ASP A 57 -10.65 -10.34 -3.21
CA ASP A 57 -10.74 -10.28 -1.75
C ASP A 57 -11.74 -9.21 -1.31
N GLY A 58 -11.41 -7.95 -1.56
CA GLY A 58 -12.29 -6.86 -1.18
C GLY A 58 -11.86 -6.21 0.12
N ARG A 59 -11.12 -6.94 0.94
CA ARG A 59 -10.65 -6.42 2.22
C ARG A 59 -10.10 -5.02 2.07
N LEU A 60 -9.46 -4.75 0.93
CA LEU A 60 -8.88 -3.45 0.65
C LEU A 60 -9.75 -2.66 -0.32
N LYS A 61 -9.33 -1.44 -0.61
CA LYS A 61 -10.06 -0.57 -1.54
C LYS A 61 -9.27 0.70 -1.85
N PRO A 62 -9.68 1.40 -2.92
CA PRO A 62 -9.02 2.64 -3.34
C PRO A 62 -9.28 3.78 -2.37
N GLY A 63 -8.23 4.57 -2.09
CA GLY A 63 -8.36 5.69 -1.18
C GLY A 63 -7.62 5.46 0.11
N ASP A 64 -7.34 4.21 0.43
CA ASP A 64 -6.62 3.86 1.65
C ASP A 64 -5.13 4.13 1.50
N GLN A 65 -4.53 4.71 2.54
CA GLN A 65 -3.10 5.01 2.52
C GLN A 65 -2.27 3.76 2.76
N LEU A 66 -1.54 3.33 1.73
CA LEU A 66 -0.70 2.14 1.83
C LEU A 66 0.51 2.41 2.70
N VAL A 67 1.30 1.36 2.95
CA VAL A 67 2.50 1.49 3.77
C VAL A 67 3.68 0.75 3.13
N SER A 68 3.45 -0.50 2.76
CA SER A 68 4.49 -1.31 2.14
C SER A 68 3.90 -2.54 1.46
N ILE A 69 4.53 -2.97 0.37
CA ILE A 69 4.06 -4.14 -0.38
C ILE A 69 5.15 -5.20 -0.47
N ASN A 70 4.82 -6.42 -0.08
CA ASN A 70 5.76 -7.52 -0.13
C ASN A 70 6.88 -7.34 0.90
N LYS A 71 7.74 -6.36 0.65
CA LYS A 71 8.85 -6.07 1.55
C LYS A 71 9.57 -4.79 1.13
N GLU A 72 8.80 -3.78 0.77
CA GLU A 72 9.37 -2.50 0.35
C GLU A 72 8.76 -1.34 1.14
N SER A 73 9.15 -0.12 0.78
CA SER A 73 8.64 1.07 1.45
C SER A 73 7.78 1.90 0.50
N MET A 74 6.73 2.52 1.05
CA MET A 74 5.84 3.35 0.25
C MET A 74 5.78 4.77 0.81
N ILE A 75 6.03 4.90 2.10
CA ILE A 75 6.01 6.21 2.75
C ILE A 75 7.16 7.09 2.27
N GLY A 76 6.83 8.29 1.81
CA GLY A 76 7.85 9.20 1.34
C GLY A 76 8.67 8.62 0.19
N VAL A 77 7.98 8.12 -0.83
CA VAL A 77 8.64 7.54 -1.98
C VAL A 77 8.15 8.16 -3.29
N SER A 78 8.88 7.90 -4.37
CA SER A 78 8.52 8.45 -5.68
C SER A 78 7.31 7.71 -6.26
N PHE A 79 6.40 8.46 -6.85
CA PHE A 79 5.20 7.87 -7.45
C PHE A 79 5.55 6.63 -8.26
N GLU A 80 6.55 6.76 -9.14
CA GLU A 80 6.98 5.65 -9.98
C GLU A 80 7.42 4.46 -9.12
N GLU A 81 8.23 4.73 -8.10
CA GLU A 81 8.71 3.68 -7.22
C GLU A 81 7.55 2.87 -6.65
N ALA A 82 6.63 3.55 -5.97
CA ALA A 82 5.48 2.89 -5.38
C ALA A 82 4.74 2.03 -6.41
N LYS A 83 4.51 2.60 -7.58
CA LYS A 83 3.83 1.89 -8.65
C LYS A 83 4.68 0.74 -9.19
N SER A 84 6.00 0.89 -9.07
CA SER A 84 6.92 -0.13 -9.54
C SER A 84 6.86 -1.37 -8.65
N ILE A 85 7.09 -1.18 -7.36
CA ILE A 85 7.05 -2.28 -6.40
C ILE A 85 5.92 -3.26 -6.72
N ILE A 86 4.75 -2.71 -7.00
CA ILE A 86 3.58 -3.52 -7.33
C ILE A 86 3.73 -4.17 -8.69
N THR A 87 3.74 -3.35 -9.74
CA THR A 87 3.88 -3.84 -11.10
C THR A 87 5.04 -4.83 -11.21
N ARG A 88 5.97 -4.75 -10.28
CA ARG A 88 7.13 -5.63 -10.27
C ARG A 88 6.84 -6.90 -9.48
N ALA A 89 6.55 -6.73 -8.18
CA ALA A 89 6.25 -7.86 -7.33
C ALA A 89 7.19 -9.03 -7.59
N LYS A 90 6.83 -10.21 -7.09
CA LYS A 90 7.65 -11.40 -7.28
C LYS A 90 6.79 -12.66 -7.30
N LEU A 91 5.90 -12.74 -8.29
CA LEU A 91 5.01 -13.89 -8.42
C LEU A 91 5.80 -15.17 -8.65
N ARG A 92 5.15 -16.16 -9.24
CA ARG A 92 5.79 -17.44 -9.53
C ARG A 92 6.44 -18.01 -8.28
N SER A 93 5.82 -17.76 -7.12
CA SER A 93 6.35 -18.24 -5.85
C SER A 93 5.28 -19.01 -5.07
N GLU A 94 4.75 -18.37 -4.03
CA GLU A 94 3.72 -18.98 -3.21
C GLU A 94 3.30 -18.05 -2.07
N SER A 95 4.28 -17.42 -1.43
CA SER A 95 4.01 -16.51 -0.33
C SER A 95 2.90 -15.54 -0.69
N PRO A 96 2.04 -15.22 0.29
CA PRO A 96 0.92 -14.31 0.11
C PRO A 96 1.38 -12.86 -0.09
N TRP A 97 0.42 -11.97 -0.32
CA TRP A 97 0.72 -10.55 -0.53
C TRP A 97 0.58 -9.77 0.77
N GLU A 98 1.68 -9.24 1.27
CA GLU A 98 1.67 -8.48 2.51
C GLU A 98 1.31 -7.02 2.24
N ILE A 99 0.05 -6.68 2.48
CA ILE A 99 -0.44 -5.32 2.27
C ILE A 99 -0.61 -4.58 3.60
N ALA A 100 0.14 -3.50 3.76
CA ALA A 100 0.07 -2.69 4.98
C ALA A 100 -0.51 -1.31 4.70
N PHE A 101 -1.57 -0.97 5.41
CA PHE A 101 -2.22 0.32 5.24
C PHE A 101 -2.82 0.81 6.56
N ILE A 102 -3.55 1.93 6.49
CA ILE A 102 -4.17 2.50 7.67
C ILE A 102 -5.69 2.46 7.56
N ARG A 103 -6.33 1.69 8.43
CA ARG A 103 -7.78 1.56 8.43
C ARG A 103 -8.41 2.37 9.56
N SER A 104 -9.19 3.38 9.21
CA SER A 104 -9.83 4.24 10.19
C SER A 104 -11.34 3.99 10.22
N GLY A 105 -11.73 2.76 9.92
CA GLY A 105 -13.15 2.41 9.92
C GLY A 105 -13.73 2.39 8.53
N PRO A 106 -14.93 1.81 8.39
CA PRO A 106 -15.63 1.71 7.11
C PRO A 106 -16.13 3.07 6.61
N SER A 107 -15.48 3.59 5.58
CA SER A 107 -15.86 4.88 5.01
C SER A 107 -16.26 4.74 3.55
N SER A 108 -15.42 4.06 2.77
CA SER A 108 -15.69 3.86 1.35
C SER A 108 -15.72 5.19 0.61
N GLY A 109 -15.59 5.13 -0.71
CA GLY A 109 -15.61 6.33 -1.51
C GLY A 109 -17.01 6.88 -1.70
N GLY A 1 30.11 4.14 3.17
CA GLY A 1 28.81 4.32 3.80
C GLY A 1 28.93 4.65 5.27
N SER A 2 28.57 3.69 6.13
CA SER A 2 28.63 3.89 7.57
C SER A 2 27.69 5.01 8.01
N SER A 3 26.93 4.76 9.07
CA SER A 3 25.99 5.75 9.59
C SER A 3 24.98 6.14 8.52
N GLY A 4 23.76 5.62 8.65
CA GLY A 4 22.71 5.93 7.69
C GLY A 4 22.38 7.40 7.65
N SER A 5 21.17 7.72 7.23
CA SER A 5 20.73 9.11 7.14
C SER A 5 19.28 9.25 7.62
N SER A 6 19.09 10.02 8.70
CA SER A 6 17.76 10.22 9.26
C SER A 6 16.93 8.95 9.19
N GLY A 7 17.01 8.14 10.24
CA GLY A 7 16.27 6.89 10.28
C GLY A 7 14.78 7.13 10.38
N SER A 8 14.16 6.54 11.41
CA SER A 8 12.72 6.68 11.62
C SER A 8 12.34 6.27 13.03
N PRO A 9 12.61 7.16 14.00
CA PRO A 9 12.30 6.91 15.41
C PRO A 9 10.80 6.94 15.69
N LEU A 10 10.07 7.67 14.85
CA LEU A 10 8.62 7.77 15.01
C LEU A 10 7.94 6.42 14.74
N ASP A 11 6.83 6.19 15.42
CA ASP A 11 6.08 4.94 15.25
C ASP A 11 4.94 5.12 14.25
N ARG A 12 4.77 4.14 13.38
CA ARG A 12 3.72 4.19 12.37
C ARG A 12 2.40 4.68 12.97
N ASP A 13 1.47 5.09 12.12
CA ASP A 13 0.18 5.57 12.57
C ASP A 13 -0.44 4.60 13.57
N PRO A 14 -1.34 5.12 14.42
CA PRO A 14 -2.03 4.32 15.44
C PRO A 14 -3.02 3.33 14.83
N ALA A 15 -3.64 3.73 13.74
CA ALA A 15 -4.61 2.88 13.06
C ALA A 15 -3.96 2.09 11.93
N PHE A 16 -2.66 1.85 12.06
CA PHE A 16 -1.91 1.10 11.05
C PHE A 16 -2.28 -0.38 11.09
N ARG A 17 -2.95 -0.85 10.05
CA ARG A 17 -3.36 -2.24 9.96
C ARG A 17 -2.63 -2.96 8.84
N VAL A 18 -2.40 -4.26 9.02
CA VAL A 18 -1.70 -5.06 8.02
C VAL A 18 -2.44 -6.36 7.75
N ILE A 19 -2.78 -6.60 6.48
CA ILE A 19 -3.48 -7.80 6.09
C ILE A 19 -2.74 -8.55 4.99
N THR A 20 -3.29 -9.68 4.57
CA THR A 20 -2.67 -10.49 3.52
C THR A 20 -3.71 -10.92 2.49
N VAL A 21 -3.31 -10.94 1.22
CA VAL A 21 -4.20 -11.34 0.14
C VAL A 21 -3.65 -12.56 -0.60
N THR A 22 -4.54 -13.50 -0.93
CA THR A 22 -4.15 -14.70 -1.64
C THR A 22 -3.54 -14.38 -2.99
N LYS A 23 -2.22 -14.52 -3.10
CA LYS A 23 -1.51 -14.24 -4.34
C LYS A 23 -1.57 -15.44 -5.28
N GLU A 24 -2.15 -15.23 -6.47
CA GLU A 24 -2.26 -16.28 -7.46
C GLU A 24 -1.71 -15.83 -8.80
N THR A 25 -2.19 -14.69 -9.28
CA THR A 25 -1.76 -14.15 -10.56
C THR A 25 -0.81 -12.96 -10.36
N GLY A 26 -1.07 -12.18 -9.32
CA GLY A 26 -0.24 -11.01 -9.04
C GLY A 26 -1.00 -9.94 -8.29
N LEU A 27 -0.34 -8.80 -8.08
CA LEU A 27 -0.95 -7.67 -7.37
C LEU A 27 -2.10 -7.09 -8.18
N GLY A 28 -1.77 -6.41 -9.27
CA GLY A 28 -2.79 -5.81 -10.11
C GLY A 28 -3.50 -4.66 -9.42
N LEU A 29 -2.75 -3.86 -8.68
CA LEU A 29 -3.32 -2.72 -7.96
C LEU A 29 -2.74 -1.41 -8.48
N LYS A 30 -3.47 -0.33 -8.27
CA LYS A 30 -3.04 0.99 -8.72
C LYS A 30 -2.80 1.92 -7.53
N ILE A 31 -1.77 2.75 -7.64
CA ILE A 31 -1.43 3.70 -6.57
C ILE A 31 -1.56 5.13 -7.05
N LEU A 32 -1.63 6.06 -6.10
CA LEU A 32 -1.75 7.48 -6.43
C LEU A 32 -0.86 8.32 -5.51
N GLY A 33 -0.41 9.46 -6.01
CA GLY A 33 0.43 10.34 -5.24
C GLY A 33 1.89 10.31 -5.67
N GLY A 34 2.79 10.63 -4.76
CA GLY A 34 4.20 10.64 -5.08
C GLY A 34 4.88 11.93 -4.71
N ILE A 35 5.94 11.84 -3.90
CA ILE A 35 6.67 13.01 -3.48
C ILE A 35 6.77 14.05 -4.60
N ASN A 36 6.81 13.56 -5.84
CA ASN A 36 6.90 14.44 -6.99
C ASN A 36 5.51 14.77 -7.53
N ARG A 37 4.60 13.79 -7.45
CA ARG A 37 3.23 13.98 -7.93
C ARG A 37 2.49 15.00 -7.08
N ASN A 38 1.28 15.33 -7.50
CA ASN A 38 0.45 16.29 -6.78
C ASN A 38 -0.40 15.60 -5.71
N GLU A 39 -0.77 14.36 -5.98
CA GLU A 39 -1.58 13.59 -5.04
C GLU A 39 -0.78 13.24 -3.79
N GLY A 40 0.54 13.18 -3.94
CA GLY A 40 1.40 12.85 -2.82
C GLY A 40 1.43 13.94 -1.77
N PRO A 41 2.47 13.94 -0.92
CA PRO A 41 3.55 12.94 -1.00
C PRO A 41 3.09 11.55 -0.59
N LEU A 42 1.94 11.50 0.08
CA LEU A 42 1.40 10.22 0.54
C LEU A 42 0.94 9.37 -0.65
N VAL A 43 0.98 8.05 -0.46
CA VAL A 43 0.57 7.13 -1.51
C VAL A 43 -0.74 6.43 -1.15
N TYR A 44 -1.70 6.47 -2.07
CA TYR A 44 -3.00 5.85 -1.84
C TYR A 44 -3.34 4.87 -2.97
N ILE A 45 -4.46 4.17 -2.82
CA ILE A 45 -4.89 3.22 -3.82
C ILE A 45 -5.72 3.90 -4.91
N HIS A 46 -5.07 4.20 -6.03
CA HIS A 46 -5.75 4.86 -7.15
C HIS A 46 -7.08 4.18 -7.45
N GLU A 47 -7.03 2.87 -7.66
CA GLU A 47 -8.24 2.09 -7.96
C GLU A 47 -7.93 0.60 -7.98
N VAL A 48 -8.87 -0.20 -7.49
CA VAL A 48 -8.71 -1.65 -7.46
C VAL A 48 -9.09 -2.27 -8.79
N ILE A 49 -8.10 -2.50 -9.64
CA ILE A 49 -8.33 -3.08 -10.95
C ILE A 49 -9.19 -4.34 -10.84
N PRO A 50 -10.27 -4.38 -11.63
CA PRO A 50 -11.20 -5.52 -11.64
C PRO A 50 -10.59 -6.77 -12.27
N GLY A 51 -10.06 -7.65 -11.43
CA GLY A 51 -9.45 -8.87 -11.92
C GLY A 51 -8.08 -9.12 -11.31
N GLY A 52 -7.87 -8.60 -10.10
CA GLY A 52 -6.60 -8.79 -9.43
C GLY A 52 -6.71 -9.66 -8.19
N ASP A 53 -5.61 -9.80 -7.47
CA ASP A 53 -5.59 -10.62 -6.26
C ASP A 53 -6.40 -9.95 -5.14
N CYS A 54 -6.18 -8.66 -4.95
CA CYS A 54 -6.88 -7.92 -3.91
C CYS A 54 -8.34 -7.67 -4.32
N TYR A 55 -8.55 -7.43 -5.61
CA TYR A 55 -9.90 -7.18 -6.11
C TYR A 55 -10.90 -8.15 -5.50
N LYS A 56 -10.53 -9.42 -5.42
CA LYS A 56 -11.41 -10.44 -4.84
C LYS A 56 -11.52 -10.26 -3.33
N ASP A 57 -10.38 -10.02 -2.68
CA ASP A 57 -10.36 -9.84 -1.23
C ASP A 57 -11.49 -8.91 -0.78
N GLY A 58 -11.47 -7.69 -1.30
CA GLY A 58 -12.50 -6.72 -0.94
C GLY A 58 -12.14 -5.93 0.30
N ARG A 59 -11.34 -6.53 1.17
CA ARG A 59 -10.92 -5.87 2.41
C ARG A 59 -10.33 -4.49 2.12
N LEU A 60 -9.58 -4.40 1.03
CA LEU A 60 -8.95 -3.14 0.64
C LEU A 60 -9.88 -2.32 -0.25
N LYS A 61 -9.61 -1.02 -0.35
CA LYS A 61 -10.42 -0.13 -1.17
C LYS A 61 -9.59 1.05 -1.66
N PRO A 62 -10.09 1.74 -2.70
CA PRO A 62 -9.42 2.90 -3.28
C PRO A 62 -9.46 4.10 -2.35
N GLY A 63 -8.32 4.78 -2.21
CA GLY A 63 -8.25 5.95 -1.35
C GLY A 63 -7.46 5.68 -0.09
N ASP A 64 -7.31 4.41 0.26
CA ASP A 64 -6.57 4.03 1.46
C ASP A 64 -5.08 4.32 1.30
N GLN A 65 -4.46 4.80 2.37
CA GLN A 65 -3.03 5.13 2.35
C GLN A 65 -2.19 3.88 2.56
N LEU A 66 -1.39 3.53 1.56
CA LEU A 66 -0.53 2.36 1.64
C LEU A 66 0.70 2.64 2.50
N VAL A 67 1.35 1.58 2.97
CA VAL A 67 2.54 1.71 3.79
C VAL A 67 3.70 0.90 3.22
N SER A 68 3.39 -0.26 2.67
CA SER A 68 4.40 -1.13 2.09
C SER A 68 3.77 -2.34 1.41
N ILE A 69 4.39 -2.80 0.34
CA ILE A 69 3.89 -3.95 -0.41
C ILE A 69 4.92 -5.07 -0.45
N ASN A 70 4.52 -6.25 0.00
CA ASN A 70 5.41 -7.40 0.01
C ASN A 70 6.51 -7.24 1.05
N LYS A 71 7.44 -6.33 0.79
CA LYS A 71 8.55 -6.07 1.70
C LYS A 71 9.33 -4.83 1.28
N GLU A 72 8.61 -3.82 0.79
CA GLU A 72 9.25 -2.59 0.35
C GLU A 72 8.62 -1.38 1.05
N SER A 73 9.09 -0.18 0.70
CA SER A 73 8.59 1.05 1.29
C SER A 73 7.63 1.75 0.35
N MET A 74 6.64 2.45 0.92
CA MET A 74 5.65 3.16 0.13
C MET A 74 5.53 4.61 0.60
N ILE A 75 5.73 4.83 1.90
CA ILE A 75 5.65 6.16 2.47
C ILE A 75 6.80 7.04 2.01
N GLY A 76 6.51 8.29 1.71
CA GLY A 76 7.53 9.22 1.27
C GLY A 76 8.38 8.64 0.15
N VAL A 77 7.71 8.13 -0.89
CA VAL A 77 8.41 7.53 -2.03
C VAL A 77 7.93 8.16 -3.33
N SER A 78 8.71 7.96 -4.40
CA SER A 78 8.37 8.50 -5.71
C SER A 78 7.25 7.70 -6.35
N PHE A 79 6.29 8.41 -6.94
CA PHE A 79 5.15 7.76 -7.60
C PHE A 79 5.61 6.53 -8.37
N GLU A 80 6.65 6.69 -9.18
CA GLU A 80 7.18 5.58 -9.98
C GLU A 80 7.52 4.39 -9.09
N GLU A 81 8.16 4.67 -7.96
CA GLU A 81 8.55 3.61 -7.02
C GLU A 81 7.32 2.84 -6.54
N ALA A 82 6.43 3.51 -5.83
CA ALA A 82 5.22 2.89 -5.32
C ALA A 82 4.56 2.00 -6.39
N LYS A 83 4.28 2.59 -7.54
CA LYS A 83 3.65 1.87 -8.64
C LYS A 83 4.57 0.75 -9.13
N SER A 84 5.85 0.86 -8.84
CA SER A 84 6.83 -0.15 -9.25
C SER A 84 6.81 -1.34 -8.31
N ILE A 85 7.05 -1.08 -7.03
CA ILE A 85 7.05 -2.13 -6.02
C ILE A 85 6.02 -3.21 -6.34
N ILE A 86 4.93 -2.80 -6.99
CA ILE A 86 3.86 -3.73 -7.35
C ILE A 86 4.25 -4.55 -8.57
N THR A 87 4.34 -3.90 -9.73
CA THR A 87 4.71 -4.57 -10.96
C THR A 87 5.97 -5.39 -10.79
N ARG A 88 6.95 -4.84 -10.08
CA ARG A 88 8.21 -5.53 -9.83
C ARG A 88 7.99 -6.77 -8.96
N ALA A 89 6.97 -6.71 -8.12
CA ALA A 89 6.65 -7.83 -7.23
C ALA A 89 6.94 -9.17 -7.91
N LYS A 90 7.63 -10.05 -7.20
CA LYS A 90 7.97 -11.36 -7.72
C LYS A 90 6.74 -12.05 -8.32
N LEU A 91 5.59 -11.85 -7.68
CA LEU A 91 4.35 -12.44 -8.15
C LEU A 91 4.56 -13.89 -8.56
N ARG A 92 3.53 -14.49 -9.17
CA ARG A 92 3.61 -15.88 -9.62
C ARG A 92 4.40 -16.72 -8.63
N SER A 93 3.98 -16.69 -7.36
CA SER A 93 4.65 -17.45 -6.31
C SER A 93 3.64 -18.16 -5.43
N GLU A 94 4.07 -18.50 -4.21
CA GLU A 94 3.20 -19.19 -3.27
C GLU A 94 2.79 -18.26 -2.13
N SER A 95 3.76 -17.53 -1.58
CA SER A 95 3.51 -16.61 -0.49
C SER A 95 2.48 -15.56 -0.89
N PRO A 96 1.56 -15.24 0.04
CA PRO A 96 0.51 -14.26 -0.19
C PRO A 96 1.06 -12.84 -0.28
N TRP A 97 0.20 -11.89 -0.63
CA TRP A 97 0.59 -10.50 -0.74
C TRP A 97 0.49 -9.79 0.61
N GLU A 98 1.59 -9.16 1.03
CA GLU A 98 1.61 -8.45 2.30
C GLU A 98 1.15 -7.01 2.12
N ILE A 99 -0.11 -6.75 2.47
CA ILE A 99 -0.68 -5.42 2.36
C ILE A 99 -0.62 -4.68 3.68
N ALA A 100 0.10 -3.57 3.70
CA ALA A 100 0.24 -2.75 4.90
C ALA A 100 -0.33 -1.36 4.70
N PHE A 101 -1.43 -1.07 5.38
CA PHE A 101 -2.07 0.25 5.27
C PHE A 101 -2.63 0.69 6.62
N ILE A 102 -3.34 1.82 6.61
CA ILE A 102 -3.93 2.35 7.84
C ILE A 102 -5.45 2.25 7.81
N ARG A 103 -6.00 1.45 8.70
CA ARG A 103 -7.45 1.27 8.78
C ARG A 103 -8.04 2.03 9.98
N SER A 104 -8.80 3.06 9.70
CA SER A 104 -9.42 3.86 10.76
C SER A 104 -10.77 4.40 10.30
N GLY A 105 -11.46 3.62 9.48
CA GLY A 105 -12.77 4.03 8.99
C GLY A 105 -13.89 3.20 9.59
N PRO A 106 -15.13 3.48 9.17
CA PRO A 106 -16.32 2.77 9.65
C PRO A 106 -16.37 1.33 9.13
N SER A 107 -16.45 0.38 10.07
CA SER A 107 -16.50 -1.04 9.71
C SER A 107 -16.68 -1.89 10.95
N SER A 108 -15.84 -1.66 11.95
CA SER A 108 -15.90 -2.42 13.19
C SER A 108 -16.42 -1.56 14.34
N GLY A 109 -17.69 -1.74 14.69
CA GLY A 109 -18.28 -0.96 15.76
C GLY A 109 -18.65 0.45 15.33
N GLY A 1 18.62 1.58 21.03
CA GLY A 1 19.00 2.91 21.47
C GLY A 1 19.50 3.78 20.34
N SER A 2 19.55 5.09 20.56
CA SER A 2 20.01 6.02 19.55
C SER A 2 20.93 7.07 20.16
N SER A 3 21.73 7.71 19.31
CA SER A 3 22.66 8.73 19.76
C SER A 3 21.93 10.04 20.05
N GLY A 4 21.41 10.17 21.26
CA GLY A 4 20.69 11.37 21.64
C GLY A 4 19.53 11.08 22.57
N SER A 5 18.32 11.38 22.10
CA SER A 5 17.11 11.15 22.91
C SER A 5 16.61 9.72 22.74
N SER A 6 16.12 9.15 23.84
CA SER A 6 15.61 7.78 23.82
C SER A 6 14.18 7.74 23.28
N GLY A 7 14.02 7.18 22.09
CA GLY A 7 12.71 7.09 21.48
C GLY A 7 12.48 5.77 20.77
N SER A 8 11.30 5.62 20.17
CA SER A 8 10.97 4.39 19.46
C SER A 8 11.61 4.37 18.07
N PRO A 9 12.20 3.23 17.71
CA PRO A 9 12.86 3.06 16.41
C PRO A 9 11.87 3.01 15.26
N LEU A 10 10.68 2.50 15.53
CA LEU A 10 9.63 2.39 14.52
C LEU A 10 8.45 3.30 14.86
N ASP A 11 7.42 2.71 15.46
CA ASP A 11 6.23 3.45 15.85
C ASP A 11 5.55 4.06 14.63
N ARG A 12 4.44 3.44 14.21
CA ARG A 12 3.70 3.92 13.06
C ARG A 12 2.34 4.49 13.48
N ASP A 13 1.50 4.79 12.49
CA ASP A 13 0.18 5.34 12.76
C ASP A 13 -0.59 4.46 13.74
N PRO A 14 -1.51 5.07 14.49
CA PRO A 14 -2.33 4.36 15.48
C PRO A 14 -3.35 3.43 14.83
N ALA A 15 -3.86 3.84 13.67
CA ALA A 15 -4.84 3.04 12.95
C ALA A 15 -4.18 2.20 11.86
N PHE A 16 -2.86 2.03 11.99
CA PHE A 16 -2.10 1.25 11.01
C PHE A 16 -2.47 -0.23 11.09
N ARG A 17 -3.08 -0.73 10.02
CA ARG A 17 -3.49 -2.14 9.96
C ARG A 17 -2.78 -2.86 8.82
N VAL A 18 -2.40 -4.11 9.07
CA VAL A 18 -1.71 -4.91 8.06
C VAL A 18 -2.45 -6.23 7.82
N ILE A 19 -2.79 -6.48 6.56
CA ILE A 19 -3.49 -7.71 6.19
C ILE A 19 -2.76 -8.46 5.09
N THR A 20 -3.26 -9.64 4.74
CA THR A 20 -2.64 -10.45 3.70
C THR A 20 -3.67 -10.86 2.65
N VAL A 21 -3.30 -10.72 1.39
CA VAL A 21 -4.18 -11.08 0.28
C VAL A 21 -3.68 -12.32 -0.46
N THR A 22 -4.58 -13.28 -0.68
CA THR A 22 -4.22 -14.50 -1.37
C THR A 22 -3.62 -14.21 -2.74
N LYS A 23 -2.37 -14.63 -2.92
CA LYS A 23 -1.68 -14.41 -4.19
C LYS A 23 -2.05 -15.49 -5.21
N GLU A 24 -2.87 -15.11 -6.19
CA GLU A 24 -3.30 -16.03 -7.22
C GLU A 24 -2.59 -15.75 -8.54
N THR A 25 -2.70 -14.51 -9.00
CA THR A 25 -2.07 -14.10 -10.26
C THR A 25 -1.06 -12.98 -10.02
N GLY A 26 -1.34 -12.12 -9.05
CA GLY A 26 -0.44 -11.02 -8.75
C GLY A 26 -1.16 -9.85 -8.09
N LEU A 27 -0.38 -8.85 -7.68
CA LEU A 27 -0.95 -7.67 -7.01
C LEU A 27 -2.10 -7.10 -7.84
N GLY A 28 -1.78 -6.58 -9.01
CA GLY A 28 -2.80 -5.99 -9.88
C GLY A 28 -3.56 -4.86 -9.20
N LEU A 29 -2.83 -3.83 -8.80
CA LEU A 29 -3.44 -2.69 -8.13
C LEU A 29 -2.76 -1.39 -8.56
N LYS A 30 -3.47 -0.27 -8.36
CA LYS A 30 -2.93 1.04 -8.72
C LYS A 30 -2.64 1.88 -7.47
N ILE A 31 -1.63 2.73 -7.57
CA ILE A 31 -1.25 3.60 -6.45
C ILE A 31 -1.44 5.06 -6.80
N LEU A 32 -1.66 5.88 -5.77
CA LEU A 32 -1.85 7.32 -5.97
C LEU A 32 -0.84 8.11 -5.16
N GLY A 33 -0.73 9.41 -5.46
CA GLY A 33 0.20 10.27 -4.75
C GLY A 33 1.56 10.33 -5.42
N GLY A 34 2.59 10.64 -4.64
CA GLY A 34 3.93 10.73 -5.19
C GLY A 34 4.61 12.04 -4.84
N ILE A 35 5.76 11.94 -4.17
CA ILE A 35 6.52 13.12 -3.77
C ILE A 35 6.45 14.20 -4.84
N ASN A 36 6.28 13.79 -6.09
CA ASN A 36 6.21 14.73 -7.21
C ASN A 36 4.75 15.02 -7.57
N ARG A 37 3.90 14.01 -7.41
CA ARG A 37 2.48 14.16 -7.72
C ARG A 37 1.80 15.10 -6.73
N ASN A 38 0.52 15.38 -6.98
CA ASN A 38 -0.23 16.27 -6.11
C ASN A 38 -0.91 15.49 -4.99
N GLU A 39 -1.22 14.22 -5.26
CA GLU A 39 -1.88 13.37 -4.27
C GLU A 39 -0.89 12.98 -3.17
N GLY A 40 0.40 13.05 -3.48
CA GLY A 40 1.41 12.69 -2.51
C GLY A 40 1.54 13.71 -1.40
N PRO A 41 2.68 13.67 -0.68
CA PRO A 41 3.74 12.71 -0.93
C PRO A 41 3.35 11.29 -0.56
N LEU A 42 2.35 11.16 0.31
CA LEU A 42 1.86 9.87 0.76
C LEU A 42 1.24 9.09 -0.40
N VAL A 43 1.24 7.76 -0.29
CA VAL A 43 0.67 6.91 -1.32
C VAL A 43 -0.61 6.25 -0.85
N TYR A 44 -1.56 6.07 -1.76
CA TYR A 44 -2.84 5.45 -1.42
C TYR A 44 -3.43 4.73 -2.65
N ILE A 45 -4.08 3.61 -2.40
CA ILE A 45 -4.70 2.83 -3.47
C ILE A 45 -5.41 3.74 -4.46
N HIS A 46 -4.89 3.82 -5.67
CA HIS A 46 -5.48 4.66 -6.71
C HIS A 46 -6.82 4.08 -7.17
N GLU A 47 -6.83 2.78 -7.45
CA GLU A 47 -8.04 2.10 -7.90
C GLU A 47 -7.82 0.60 -7.99
N VAL A 48 -8.82 -0.17 -7.59
CA VAL A 48 -8.75 -1.63 -7.63
C VAL A 48 -9.06 -2.16 -9.02
N ILE A 49 -8.04 -2.62 -9.72
CA ILE A 49 -8.22 -3.16 -11.06
C ILE A 49 -9.06 -4.44 -11.04
N PRO A 50 -10.15 -4.43 -11.81
CA PRO A 50 -11.07 -5.57 -11.90
C PRO A 50 -10.45 -6.75 -12.63
N GLY A 51 -10.00 -7.74 -11.87
CA GLY A 51 -9.39 -8.92 -12.46
C GLY A 51 -8.04 -9.24 -11.84
N GLY A 52 -7.84 -8.81 -10.60
CA GLY A 52 -6.59 -9.08 -9.91
C GLY A 52 -6.77 -9.96 -8.68
N ASP A 53 -5.84 -9.86 -7.75
CA ASP A 53 -5.90 -10.64 -6.52
C ASP A 53 -6.76 -9.95 -5.47
N CYS A 54 -6.38 -8.72 -5.12
CA CYS A 54 -7.12 -7.96 -4.12
C CYS A 54 -8.55 -7.70 -4.59
N TYR A 55 -8.72 -7.53 -5.89
CA TYR A 55 -10.05 -7.28 -6.45
C TYR A 55 -11.09 -8.23 -5.86
N LYS A 56 -10.73 -9.51 -5.81
CA LYS A 56 -11.63 -10.52 -5.27
C LYS A 56 -11.75 -10.39 -3.75
N ASP A 57 -10.63 -10.08 -3.11
CA ASP A 57 -10.60 -9.92 -1.65
C ASP A 57 -11.71 -8.98 -1.19
N GLY A 58 -11.57 -7.71 -1.55
CA GLY A 58 -12.57 -6.72 -1.16
C GLY A 58 -12.19 -5.98 0.11
N ARG A 59 -11.27 -6.57 0.87
CA ARG A 59 -10.82 -5.96 2.12
C ARG A 59 -10.19 -4.59 1.86
N LEU A 60 -9.52 -4.46 0.74
CA LEU A 60 -8.87 -3.19 0.37
C LEU A 60 -9.74 -2.40 -0.59
N LYS A 61 -9.52 -1.09 -0.64
CA LYS A 61 -10.29 -0.22 -1.53
C LYS A 61 -9.48 1.04 -1.88
N PRO A 62 -9.97 1.79 -2.87
CA PRO A 62 -9.33 3.03 -3.31
C PRO A 62 -9.43 4.15 -2.28
N GLY A 63 -8.30 4.84 -2.05
CA GLY A 63 -8.29 5.93 -1.09
C GLY A 63 -7.56 5.55 0.18
N ASP A 64 -7.22 4.28 0.33
CA ASP A 64 -6.52 3.79 1.51
C ASP A 64 -5.03 4.14 1.43
N GLN A 65 -4.52 4.76 2.48
CA GLN A 65 -3.12 5.15 2.53
C GLN A 65 -2.22 3.93 2.67
N LEU A 66 -1.37 3.71 1.67
CA LEU A 66 -0.45 2.58 1.68
C LEU A 66 0.70 2.81 2.66
N VAL A 67 1.36 1.73 3.05
CA VAL A 67 2.48 1.81 3.98
C VAL A 67 3.68 1.03 3.46
N SER A 68 3.41 -0.03 2.71
CA SER A 68 4.46 -0.88 2.16
C SER A 68 3.88 -2.13 1.51
N ILE A 69 4.59 -2.66 0.52
CA ILE A 69 4.14 -3.85 -0.18
C ILE A 69 5.22 -4.94 -0.15
N ASN A 70 4.84 -6.11 0.33
CA ASN A 70 5.78 -7.24 0.42
C ASN A 70 6.84 -6.99 1.48
N LYS A 71 7.73 -6.04 1.22
CA LYS A 71 8.79 -5.71 2.15
C LYS A 71 9.54 -4.46 1.70
N GLU A 72 8.81 -3.49 1.15
CA GLU A 72 9.41 -2.25 0.67
C GLU A 72 8.76 -1.04 1.34
N SER A 73 9.26 0.15 1.01
CA SER A 73 8.73 1.38 1.57
C SER A 73 8.03 2.22 0.51
N MET A 74 6.96 2.90 0.90
CA MET A 74 6.20 3.74 -0.02
C MET A 74 6.09 5.16 0.52
N ILE A 75 6.09 5.29 1.83
CA ILE A 75 5.97 6.61 2.46
C ILE A 75 6.93 7.61 1.83
N GLY A 76 6.39 8.74 1.40
CA GLY A 76 7.20 9.76 0.78
C GLY A 76 8.12 9.21 -0.29
N VAL A 77 7.55 8.45 -1.23
CA VAL A 77 8.33 7.86 -2.30
C VAL A 77 7.90 8.39 -3.66
N SER A 78 8.64 8.04 -4.69
CA SER A 78 8.34 8.48 -6.05
C SER A 78 7.21 7.65 -6.66
N PHE A 79 6.26 8.33 -7.29
CA PHE A 79 5.13 7.66 -7.92
C PHE A 79 5.58 6.40 -8.65
N GLU A 80 6.48 6.57 -9.61
CA GLU A 80 7.00 5.45 -10.38
C GLU A 80 7.42 4.30 -9.46
N GLU A 81 7.94 4.66 -8.29
CA GLU A 81 8.39 3.66 -7.33
C GLU A 81 7.20 2.90 -6.74
N ALA A 82 6.35 3.62 -6.03
CA ALA A 82 5.17 3.02 -5.41
C ALA A 82 4.40 2.16 -6.41
N LYS A 83 4.53 2.50 -7.69
CA LYS A 83 3.85 1.75 -8.75
C LYS A 83 4.77 0.68 -9.34
N SER A 84 6.07 0.84 -9.11
CA SER A 84 7.05 -0.12 -9.62
C SER A 84 7.11 -1.37 -8.75
N ILE A 85 7.31 -1.16 -7.45
CA ILE A 85 7.37 -2.26 -6.50
C ILE A 85 6.28 -3.28 -6.77
N ILE A 86 5.06 -2.80 -6.97
CA ILE A 86 3.93 -3.67 -7.23
C ILE A 86 4.13 -4.48 -8.52
N THR A 87 4.29 -3.76 -9.63
CA THR A 87 4.49 -4.39 -10.93
C THR A 87 5.88 -5.04 -11.01
N ARG A 88 6.69 -4.80 -9.99
CA ARG A 88 8.04 -5.35 -9.94
C ARG A 88 8.07 -6.65 -9.12
N ALA A 89 6.93 -7.00 -8.55
CA ALA A 89 6.82 -8.20 -7.74
C ALA A 89 7.28 -9.43 -8.51
N LYS A 90 6.97 -10.61 -8.00
CA LYS A 90 7.35 -11.86 -8.64
C LYS A 90 6.12 -12.69 -8.98
N LEU A 91 4.96 -12.26 -8.50
CA LEU A 91 3.71 -12.97 -8.76
C LEU A 91 3.96 -14.46 -8.94
N ARG A 92 4.85 -15.01 -8.12
CA ARG A 92 5.18 -16.43 -8.19
C ARG A 92 6.16 -16.82 -7.08
N SER A 93 5.67 -16.83 -5.85
CA SER A 93 6.50 -17.17 -4.70
C SER A 93 5.72 -18.01 -3.69
N GLU A 94 4.50 -18.38 -4.07
CA GLU A 94 3.64 -19.19 -3.21
C GLU A 94 3.07 -18.34 -2.06
N SER A 95 3.95 -17.62 -1.38
CA SER A 95 3.52 -16.76 -0.27
C SER A 95 2.52 -15.72 -0.74
N PRO A 96 1.61 -15.33 0.18
CA PRO A 96 0.58 -14.33 -0.12
C PRO A 96 1.15 -12.93 -0.28
N TRP A 97 0.27 -11.94 -0.28
CA TRP A 97 0.70 -10.55 -0.43
C TRP A 97 0.56 -9.78 0.87
N GLU A 98 1.68 -9.25 1.37
CA GLU A 98 1.69 -8.50 2.62
C GLU A 98 1.25 -7.06 2.38
N ILE A 99 -0.03 -6.79 2.63
CA ILE A 99 -0.57 -5.45 2.44
C ILE A 99 -0.53 -4.66 3.74
N ALA A 100 0.15 -3.52 3.71
CA ALA A 100 0.26 -2.66 4.89
C ALA A 100 -0.33 -1.28 4.63
N PHE A 101 -1.40 -0.96 5.35
CA PHE A 101 -2.06 0.33 5.18
C PHE A 101 -2.69 0.80 6.50
N ILE A 102 -3.41 1.91 6.45
CA ILE A 102 -4.06 2.44 7.63
C ILE A 102 -5.57 2.36 7.52
N ARG A 103 -6.20 1.67 8.47
CA ARG A 103 -7.65 1.52 8.47
C ARG A 103 -8.27 2.20 9.68
N SER A 104 -9.15 3.16 9.44
CA SER A 104 -9.81 3.89 10.51
C SER A 104 -11.06 4.60 9.99
N GLY A 105 -12.22 4.12 10.41
CA GLY A 105 -13.47 4.71 9.98
C GLY A 105 -14.54 4.65 11.06
N PRO A 106 -15.62 5.44 10.87
CA PRO A 106 -16.73 5.49 11.82
C PRO A 106 -17.55 4.20 11.84
N SER A 107 -18.09 3.86 13.00
CA SER A 107 -18.90 2.66 13.14
C SER A 107 -20.39 2.98 13.15
N SER A 108 -21.06 2.65 12.05
CA SER A 108 -22.49 2.92 11.92
C SER A 108 -23.07 2.21 10.70
N GLY A 109 -24.21 1.56 10.89
CA GLY A 109 -24.85 0.85 9.78
C GLY A 109 -25.27 1.79 8.67
N GLY A 1 -5.69 12.97 30.66
CA GLY A 1 -6.01 13.13 29.25
C GLY A 1 -4.86 13.69 28.44
N SER A 2 -4.45 12.97 27.40
CA SER A 2 -3.34 13.39 26.56
C SER A 2 -3.71 14.66 25.77
N SER A 3 -3.49 15.81 26.39
CA SER A 3 -3.81 17.08 25.76
C SER A 3 -2.68 17.50 24.80
N GLY A 4 -2.17 16.54 24.05
CA GLY A 4 -1.10 16.83 23.11
C GLY A 4 -1.39 16.28 21.72
N SER A 5 -0.96 17.02 20.70
CA SER A 5 -1.18 16.60 19.32
C SER A 5 -0.05 15.67 18.85
N SER A 6 1.18 16.04 19.19
CA SER A 6 2.34 15.25 18.80
C SER A 6 2.42 15.10 17.28
N GLY A 7 3.45 14.40 16.81
CA GLY A 7 3.61 14.20 15.38
C GLY A 7 4.98 13.65 15.03
N SER A 8 5.18 12.36 15.27
CA SER A 8 6.46 11.73 14.99
C SER A 8 6.39 10.91 13.70
N PRO A 9 7.44 10.98 12.88
CA PRO A 9 7.52 10.27 11.61
C PRO A 9 7.66 8.76 11.81
N LEU A 10 8.61 8.35 12.64
CA LEU A 10 8.83 6.94 12.91
C LEU A 10 7.62 6.31 13.58
N ASP A 11 6.74 7.16 14.14
CA ASP A 11 5.55 6.68 14.81
C ASP A 11 4.36 6.66 13.84
N ARG A 12 4.06 5.48 13.30
CA ARG A 12 2.96 5.34 12.36
C ARG A 12 1.62 5.49 13.07
N ASP A 13 0.63 6.01 12.35
CA ASP A 13 -0.70 6.22 12.91
C ASP A 13 -1.13 5.02 13.74
N PRO A 14 -1.96 5.27 14.76
CA PRO A 14 -2.46 4.23 15.66
C PRO A 14 -3.44 3.29 14.97
N ALA A 15 -3.99 3.74 13.85
CA ALA A 15 -4.95 2.94 13.10
C ALA A 15 -4.24 2.12 12.02
N PHE A 16 -2.95 1.91 12.20
CA PHE A 16 -2.15 1.14 11.25
C PHE A 16 -2.57 -0.33 11.26
N ARG A 17 -3.08 -0.80 10.13
CA ARG A 17 -3.52 -2.18 10.00
C ARG A 17 -3.01 -2.80 8.71
N VAL A 18 -2.31 -3.92 8.83
CA VAL A 18 -1.76 -4.62 7.67
C VAL A 18 -2.45 -5.96 7.45
N ILE A 19 -2.90 -6.21 6.23
CA ILE A 19 -3.57 -7.46 5.90
C ILE A 19 -2.85 -8.19 4.77
N THR A 20 -3.20 -9.45 4.58
CA THR A 20 -2.58 -10.27 3.54
C THR A 20 -3.61 -10.70 2.50
N VAL A 21 -3.19 -10.70 1.23
CA VAL A 21 -4.08 -11.10 0.14
C VAL A 21 -3.55 -12.34 -0.57
N THR A 22 -4.41 -13.35 -0.69
CA THR A 22 -4.02 -14.59 -1.35
C THR A 22 -3.38 -14.32 -2.70
N LYS A 23 -2.07 -14.57 -2.78
CA LYS A 23 -1.32 -14.35 -4.02
C LYS A 23 -1.50 -15.53 -4.97
N GLU A 24 -1.94 -15.23 -6.19
CA GLU A 24 -2.16 -16.27 -7.20
C GLU A 24 -1.53 -15.87 -8.53
N THR A 25 -1.97 -14.72 -9.06
CA THR A 25 -1.45 -14.23 -10.33
C THR A 25 -0.54 -13.02 -10.12
N GLY A 26 -1.01 -12.04 -9.37
CA GLY A 26 -0.22 -10.86 -9.11
C GLY A 26 -0.99 -9.79 -8.35
N LEU A 27 -0.29 -8.80 -7.84
CA LEU A 27 -0.92 -7.71 -7.09
C LEU A 27 -2.09 -7.14 -7.87
N GLY A 28 -1.79 -6.42 -8.94
CA GLY A 28 -2.84 -5.82 -9.76
C GLY A 28 -3.55 -4.68 -9.05
N LEU A 29 -2.78 -3.83 -8.38
CA LEU A 29 -3.33 -2.70 -7.66
C LEU A 29 -2.69 -1.40 -8.11
N LYS A 30 -3.49 -0.34 -8.19
CA LYS A 30 -3.00 0.97 -8.60
C LYS A 30 -2.75 1.87 -7.40
N ILE A 31 -1.65 2.59 -7.42
CA ILE A 31 -1.30 3.50 -6.33
C ILE A 31 -1.45 4.95 -6.75
N LEU A 32 -1.62 5.84 -5.76
CA LEU A 32 -1.79 7.26 -6.02
C LEU A 32 -0.82 8.08 -5.18
N GLY A 33 -0.69 9.36 -5.53
CA GLY A 33 0.21 10.23 -4.80
C GLY A 33 1.60 10.27 -5.40
N GLY A 34 2.59 10.62 -4.59
CA GLY A 34 3.95 10.69 -5.08
C GLY A 34 4.62 12.02 -4.74
N ILE A 35 5.77 11.96 -4.07
CA ILE A 35 6.50 13.16 -3.70
C ILE A 35 6.48 14.18 -4.83
N ASN A 36 6.42 13.69 -6.06
CA ASN A 36 6.40 14.57 -7.23
C ASN A 36 4.97 14.83 -7.69
N ARG A 37 4.10 13.84 -7.50
CA ARG A 37 2.70 13.97 -7.89
C ARG A 37 1.97 14.95 -6.98
N ASN A 38 0.73 15.26 -7.34
CA ASN A 38 -0.08 16.19 -6.55
C ASN A 38 -0.80 15.46 -5.42
N GLU A 39 -1.14 14.20 -5.66
CA GLU A 39 -1.83 13.39 -4.65
C GLU A 39 -0.90 13.06 -3.49
N GLY A 40 0.40 13.12 -3.75
CA GLY A 40 1.37 12.82 -2.70
C GLY A 40 1.41 13.89 -1.63
N PRO A 41 2.50 13.88 -0.83
CA PRO A 41 3.58 12.90 -0.97
C PRO A 41 3.15 11.50 -0.57
N LEU A 42 2.14 11.41 0.28
CA LEU A 42 1.63 10.12 0.75
C LEU A 42 1.05 9.33 -0.41
N VAL A 43 0.93 8.01 -0.22
CA VAL A 43 0.38 7.14 -1.24
C VAL A 43 -0.93 6.50 -0.78
N TYR A 44 -1.81 6.22 -1.74
CA TYR A 44 -3.10 5.62 -1.43
C TYR A 44 -3.61 4.80 -2.61
N ILE A 45 -4.18 3.64 -2.31
CA ILE A 45 -4.72 2.76 -3.35
C ILE A 45 -5.49 3.55 -4.40
N HIS A 46 -4.84 3.79 -5.54
CA HIS A 46 -5.46 4.53 -6.63
C HIS A 46 -6.74 3.83 -7.11
N GLU A 47 -6.63 2.53 -7.35
CA GLU A 47 -7.76 1.74 -7.82
C GLU A 47 -7.37 0.29 -8.03
N VAL A 48 -8.07 -0.62 -7.34
CA VAL A 48 -7.79 -2.05 -7.46
C VAL A 48 -8.33 -2.61 -8.76
N ILE A 49 -7.45 -2.68 -9.77
CA ILE A 49 -7.84 -3.20 -11.07
C ILE A 49 -8.73 -4.44 -10.93
N PRO A 50 -9.84 -4.45 -11.69
CA PRO A 50 -10.79 -5.56 -11.67
C PRO A 50 -10.23 -6.83 -12.30
N GLY A 51 -9.89 -7.81 -11.47
CA GLY A 51 -9.34 -9.05 -11.97
C GLY A 51 -8.06 -9.45 -11.26
N GLY A 52 -7.66 -8.65 -10.27
CA GLY A 52 -6.45 -8.94 -9.53
C GLY A 52 -6.71 -9.73 -8.27
N ASP A 53 -5.70 -9.86 -7.43
CA ASP A 53 -5.82 -10.59 -6.18
C ASP A 53 -6.68 -9.82 -5.18
N CYS A 54 -6.26 -8.61 -4.85
CA CYS A 54 -6.98 -7.77 -3.91
C CYS A 54 -8.45 -7.64 -4.31
N TYR A 55 -8.68 -7.25 -5.56
CA TYR A 55 -10.03 -7.08 -6.07
C TYR A 55 -10.96 -8.16 -5.53
N LYS A 56 -10.69 -9.41 -5.91
CA LYS A 56 -11.50 -10.53 -5.47
C LYS A 56 -11.72 -10.49 -3.96
N ASP A 57 -10.64 -10.22 -3.22
CA ASP A 57 -10.71 -10.14 -1.77
C ASP A 57 -11.79 -9.16 -1.33
N GLY A 58 -11.62 -7.89 -1.70
CA GLY A 58 -12.60 -6.88 -1.33
C GLY A 58 -12.20 -6.12 -0.08
N ARG A 59 -11.57 -6.83 0.87
CA ARG A 59 -11.14 -6.22 2.12
C ARG A 59 -10.65 -4.79 1.89
N LEU A 60 -9.58 -4.66 1.11
CA LEU A 60 -9.00 -3.36 0.82
C LEU A 60 -9.91 -2.57 -0.12
N LYS A 61 -9.52 -1.32 -0.40
CA LYS A 61 -10.30 -0.46 -1.29
C LYS A 61 -9.52 0.80 -1.63
N PRO A 62 -9.91 1.45 -2.74
CA PRO A 62 -9.26 2.68 -3.21
C PRO A 62 -9.53 3.87 -2.28
N GLY A 63 -8.47 4.56 -1.89
CA GLY A 63 -8.60 5.71 -1.01
C GLY A 63 -7.88 5.52 0.31
N ASP A 64 -7.42 4.30 0.56
CA ASP A 64 -6.71 3.98 1.79
C ASP A 64 -5.22 4.25 1.65
N GLN A 65 -4.64 4.93 2.64
CA GLN A 65 -3.23 5.25 2.62
C GLN A 65 -2.38 3.97 2.60
N LEU A 66 -1.25 4.03 1.93
CA LEU A 66 -0.34 2.89 1.84
C LEU A 66 0.86 3.06 2.77
N VAL A 67 1.51 1.95 3.10
CA VAL A 67 2.67 1.98 3.98
C VAL A 67 3.81 1.14 3.41
N SER A 68 3.45 0.02 2.79
CA SER A 68 4.44 -0.87 2.20
C SER A 68 3.78 -2.08 1.56
N ILE A 69 4.39 -2.59 0.50
CA ILE A 69 3.85 -3.74 -0.21
C ILE A 69 4.94 -4.79 -0.48
N ASN A 70 4.63 -6.04 -0.20
CA ASN A 70 5.58 -7.13 -0.41
C ASN A 70 6.83 -6.92 0.43
N LYS A 71 6.69 -6.17 1.52
CA LYS A 71 7.82 -5.89 2.41
C LYS A 71 8.73 -4.82 1.82
N GLU A 72 8.13 -3.84 1.15
CA GLU A 72 8.89 -2.75 0.54
C GLU A 72 8.59 -1.43 1.24
N SER A 73 9.12 -0.34 0.68
CA SER A 73 8.92 0.99 1.24
C SER A 73 8.05 1.83 0.33
N MET A 74 7.08 2.52 0.91
CA MET A 74 6.17 3.38 0.15
C MET A 74 6.15 4.79 0.72
N ILE A 75 6.40 4.90 2.03
CA ILE A 75 6.41 6.20 2.68
C ILE A 75 7.47 7.12 2.08
N GLY A 76 7.07 8.36 1.77
CA GLY A 76 8.00 9.31 1.19
C GLY A 76 8.76 8.73 0.02
N VAL A 77 8.03 8.22 -0.96
CA VAL A 77 8.64 7.63 -2.16
C VAL A 77 8.09 8.26 -3.43
N SER A 78 8.68 7.90 -4.56
CA SER A 78 8.24 8.43 -5.85
C SER A 78 7.09 7.62 -6.42
N PHE A 79 6.12 8.30 -7.02
CA PHE A 79 4.96 7.64 -7.60
C PHE A 79 5.38 6.40 -8.39
N GLU A 80 6.19 6.61 -9.43
CA GLU A 80 6.66 5.51 -10.27
C GLU A 80 7.22 4.38 -9.41
N GLU A 81 8.05 4.74 -8.43
CA GLU A 81 8.65 3.74 -7.54
C GLU A 81 7.58 2.87 -6.89
N ALA A 82 6.72 3.49 -6.10
CA ALA A 82 5.65 2.77 -5.42
C ALA A 82 4.92 1.84 -6.38
N LYS A 83 4.61 2.35 -7.56
CA LYS A 83 3.92 1.56 -8.58
C LYS A 83 4.84 0.51 -9.18
N SER A 84 6.14 0.80 -9.17
CA SER A 84 7.14 -0.12 -9.72
C SER A 84 7.22 -1.40 -8.90
N ILE A 85 7.23 -1.24 -7.58
CA ILE A 85 7.30 -2.38 -6.67
C ILE A 85 6.25 -3.43 -7.02
N ILE A 86 5.00 -3.00 -7.13
CA ILE A 86 3.90 -3.89 -7.46
C ILE A 86 4.22 -4.69 -8.72
N THR A 87 4.33 -3.99 -9.84
CA THR A 87 4.63 -4.62 -11.13
C THR A 87 5.98 -5.33 -11.09
N ARG A 88 6.79 -5.00 -10.08
CA ARG A 88 8.11 -5.59 -9.94
C ARG A 88 8.06 -6.83 -9.06
N ALA A 89 6.94 -7.00 -8.36
CA ALA A 89 6.75 -8.16 -7.48
C ALA A 89 7.03 -9.46 -8.22
N LYS A 90 7.25 -10.53 -7.47
CA LYS A 90 7.54 -11.84 -8.04
C LYS A 90 6.27 -12.46 -8.61
N LEU A 91 5.12 -12.08 -8.07
CA LEU A 91 3.85 -12.60 -8.53
C LEU A 91 4.01 -13.99 -9.12
N ARG A 92 4.55 -14.91 -8.33
CA ARG A 92 4.76 -16.28 -8.77
C ARG A 92 5.40 -17.12 -7.67
N SER A 93 4.96 -16.90 -6.42
CA SER A 93 5.50 -17.63 -5.28
C SER A 93 4.39 -18.32 -4.51
N GLU A 94 4.68 -18.71 -3.27
CA GLU A 94 3.70 -19.38 -2.43
C GLU A 94 3.13 -18.42 -1.39
N SER A 95 4.02 -17.68 -0.73
CA SER A 95 3.60 -16.73 0.29
C SER A 95 2.61 -15.71 -0.27
N PRO A 96 1.61 -15.35 0.53
CA PRO A 96 0.58 -14.38 0.12
C PRO A 96 1.13 -12.97 0.01
N TRP A 97 0.28 -12.04 -0.42
CA TRP A 97 0.68 -10.65 -0.56
C TRP A 97 0.60 -9.91 0.78
N GLU A 98 1.54 -8.99 1.00
CA GLU A 98 1.57 -8.22 2.24
C GLU A 98 1.07 -6.79 2.00
N ILE A 99 -0.17 -6.54 2.37
CA ILE A 99 -0.76 -5.21 2.20
C ILE A 99 -0.81 -4.47 3.53
N ALA A 100 0.10 -3.52 3.71
CA ALA A 100 0.17 -2.73 4.93
C ALA A 100 -0.42 -1.34 4.71
N PHE A 101 -1.47 -1.03 5.47
CA PHE A 101 -2.13 0.27 5.36
C PHE A 101 -2.70 0.71 6.71
N ILE A 102 -3.43 1.82 6.70
CA ILE A 102 -4.03 2.34 7.92
C ILE A 102 -5.55 2.28 7.85
N ARG A 103 -6.15 1.51 8.74
CA ARG A 103 -7.60 1.37 8.78
C ARG A 103 -8.20 2.18 9.94
N SER A 104 -9.16 3.03 9.61
CA SER A 104 -9.81 3.87 10.61
C SER A 104 -11.25 3.45 10.82
N GLY A 105 -11.45 2.49 11.72
CA GLY A 105 -12.80 2.01 12.01
C GLY A 105 -12.80 0.90 13.04
N PRO A 106 -14.00 0.54 13.52
CA PRO A 106 -14.17 -0.51 14.52
C PRO A 106 -13.87 -1.90 13.97
N SER A 107 -13.92 -2.90 14.84
CA SER A 107 -13.63 -4.28 14.43
C SER A 107 -14.52 -4.68 13.25
N SER A 108 -15.76 -4.22 13.27
CA SER A 108 -16.72 -4.54 12.20
C SER A 108 -16.91 -6.04 12.08
N GLY A 109 -16.09 -6.68 11.25
CA GLY A 109 -16.19 -8.12 11.07
C GLY A 109 -14.87 -8.74 10.65
N GLY A 1 6.58 26.39 9.17
CA GLY A 1 5.19 26.22 8.80
C GLY A 1 4.97 26.30 7.31
N SER A 2 5.84 25.64 6.54
CA SER A 2 5.74 25.66 5.08
C SER A 2 6.35 24.40 4.48
N SER A 3 5.49 23.44 4.16
CA SER A 3 5.93 22.17 3.59
C SER A 3 7.08 21.58 4.40
N GLY A 4 6.74 20.91 5.50
CA GLY A 4 7.76 20.31 6.34
C GLY A 4 7.70 18.79 6.33
N SER A 5 8.27 18.17 7.35
CA SER A 5 8.29 16.72 7.45
C SER A 5 8.98 16.27 8.74
N SER A 6 8.68 16.96 9.83
CA SER A 6 9.27 16.64 11.12
C SER A 6 8.29 15.85 11.98
N GLY A 7 8.83 14.94 12.80
CA GLY A 7 7.98 14.14 13.67
C GLY A 7 7.34 12.98 12.93
N SER A 8 7.33 11.81 13.57
CA SER A 8 6.75 10.62 12.97
C SER A 8 7.43 10.29 11.64
N PRO A 9 8.60 9.66 11.71
CA PRO A 9 9.36 9.28 10.52
C PRO A 9 8.69 8.17 9.72
N LEU A 10 8.23 7.13 10.42
CA LEU A 10 7.56 6.01 9.78
C LEU A 10 6.06 6.03 10.06
N ASP A 11 5.34 5.11 9.43
CA ASP A 11 3.89 5.02 9.62
C ASP A 11 3.56 4.34 10.94
N ARG A 12 3.79 5.04 12.04
CA ARG A 12 3.51 4.50 13.37
C ARG A 12 2.09 4.87 13.82
N ASP A 13 1.28 5.33 12.88
CA ASP A 13 -0.09 5.71 13.18
C ASP A 13 -0.78 4.66 14.05
N PRO A 14 -1.67 5.11 14.93
CA PRO A 14 -2.42 4.23 15.83
C PRO A 14 -3.44 3.38 15.10
N ALA A 15 -3.87 3.84 13.93
CA ALA A 15 -4.84 3.12 13.12
C ALA A 15 -4.15 2.27 12.06
N PHE A 16 -2.89 1.93 12.32
CA PHE A 16 -2.12 1.11 11.38
C PHE A 16 -2.67 -0.31 11.31
N ARG A 17 -3.17 -0.69 10.14
CA ARG A 17 -3.72 -2.02 9.95
C ARG A 17 -3.16 -2.68 8.69
N VAL A 18 -2.58 -3.86 8.85
CA VAL A 18 -1.99 -4.59 7.73
C VAL A 18 -2.66 -5.93 7.54
N ILE A 19 -2.98 -6.26 6.28
CA ILE A 19 -3.63 -7.53 5.97
C ILE A 19 -2.82 -8.32 4.94
N THR A 20 -3.37 -9.44 4.49
CA THR A 20 -2.71 -10.28 3.51
C THR A 20 -3.69 -10.75 2.44
N VAL A 21 -3.36 -10.47 1.18
CA VAL A 21 -4.21 -10.86 0.07
C VAL A 21 -3.70 -12.14 -0.59
N THR A 22 -4.63 -13.03 -0.95
CA THR A 22 -4.27 -14.29 -1.57
C THR A 22 -3.57 -14.07 -2.91
N LYS A 23 -2.28 -14.37 -2.95
CA LYS A 23 -1.49 -14.19 -4.17
C LYS A 23 -1.68 -15.38 -5.12
N GLU A 24 -2.34 -15.13 -6.24
CA GLU A 24 -2.58 -16.18 -7.22
C GLU A 24 -2.06 -15.78 -8.60
N THR A 25 -2.33 -14.54 -8.98
CA THR A 25 -1.88 -14.03 -10.27
C THR A 25 -0.92 -12.86 -10.10
N GLY A 26 -1.27 -11.94 -9.19
CA GLY A 26 -0.43 -10.79 -8.94
C GLY A 26 -1.15 -9.69 -8.20
N LEU A 27 -0.47 -8.58 -7.96
CA LEU A 27 -1.06 -7.45 -7.25
C LEU A 27 -2.24 -6.88 -8.03
N GLY A 28 -1.96 -6.26 -9.17
CA GLY A 28 -3.01 -5.69 -9.99
C GLY A 28 -3.74 -4.57 -9.27
N LEU A 29 -2.99 -3.62 -8.74
CA LEU A 29 -3.59 -2.49 -8.02
C LEU A 29 -2.95 -1.17 -8.47
N LYS A 30 -3.72 -0.09 -8.37
CA LYS A 30 -3.24 1.23 -8.76
C LYS A 30 -2.90 2.07 -7.54
N ILE A 31 -1.80 2.81 -7.62
CA ILE A 31 -1.36 3.66 -6.52
C ILE A 31 -1.57 5.12 -6.84
N LEU A 32 -1.67 5.95 -5.81
CA LEU A 32 -1.86 7.38 -5.99
C LEU A 32 -0.86 8.19 -5.16
N GLY A 33 -0.75 9.47 -5.45
CA GLY A 33 0.17 10.32 -4.74
C GLY A 33 1.58 10.28 -5.31
N GLY A 34 2.56 10.61 -4.48
CA GLY A 34 3.94 10.61 -4.93
C GLY A 34 4.65 11.91 -4.64
N ILE A 35 5.78 11.83 -3.94
CA ILE A 35 6.56 13.01 -3.61
C ILE A 35 6.58 14.01 -4.76
N ASN A 36 6.41 13.50 -5.98
CA ASN A 36 6.41 14.34 -7.17
C ASN A 36 4.98 14.66 -7.60
N ARG A 37 4.07 13.73 -7.38
CA ARG A 37 2.67 13.92 -7.75
C ARG A 37 1.99 14.91 -6.81
N ASN A 38 0.74 15.22 -7.09
CA ASN A 38 -0.03 16.16 -6.27
C ASN A 38 -0.75 15.44 -5.15
N GLU A 39 -1.13 14.19 -5.40
CA GLU A 39 -1.83 13.39 -4.41
C GLU A 39 -0.90 13.00 -3.27
N GLY A 40 0.40 13.10 -3.51
CA GLY A 40 1.38 12.76 -2.50
C GLY A 40 1.45 13.78 -1.38
N PRO A 41 2.54 13.75 -0.61
CA PRO A 41 3.63 12.78 -0.82
C PRO A 41 3.22 11.36 -0.47
N LEU A 42 2.21 11.24 0.39
CA LEU A 42 1.71 9.94 0.82
C LEU A 42 1.09 9.19 -0.35
N VAL A 43 1.04 7.86 -0.23
CA VAL A 43 0.45 7.03 -1.27
C VAL A 43 -0.83 6.36 -0.80
N TYR A 44 -1.76 6.13 -1.73
CA TYR A 44 -3.03 5.50 -1.40
C TYR A 44 -3.58 4.72 -2.59
N ILE A 45 -4.11 3.54 -2.33
CA ILE A 45 -4.67 2.70 -3.37
C ILE A 45 -5.51 3.51 -4.35
N HIS A 46 -4.90 3.86 -5.49
CA HIS A 46 -5.58 4.64 -6.51
C HIS A 46 -6.87 3.94 -6.96
N GLU A 47 -6.76 2.65 -7.27
CA GLU A 47 -7.91 1.88 -7.71
C GLU A 47 -7.51 0.45 -8.04
N VAL A 48 -8.16 -0.50 -7.38
CA VAL A 48 -7.87 -1.92 -7.59
C VAL A 48 -8.47 -2.41 -8.91
N ILE A 49 -7.63 -2.52 -9.93
CA ILE A 49 -8.08 -2.97 -11.24
C ILE A 49 -8.96 -4.20 -11.12
N PRO A 50 -10.06 -4.22 -11.89
CA PRO A 50 -11.00 -5.34 -11.88
C PRO A 50 -10.42 -6.60 -12.52
N GLY A 51 -10.02 -7.56 -11.69
CA GLY A 51 -9.45 -8.79 -12.19
C GLY A 51 -8.11 -9.11 -11.56
N GLY A 52 -7.90 -8.61 -10.35
CA GLY A 52 -6.65 -8.85 -9.65
C GLY A 52 -6.82 -9.78 -8.46
N ASP A 53 -5.82 -9.84 -7.60
CA ASP A 53 -5.86 -10.68 -6.42
C ASP A 53 -6.70 -10.04 -5.32
N CYS A 54 -6.37 -8.79 -4.98
CA CYS A 54 -7.09 -8.07 -3.94
C CYS A 54 -8.53 -7.82 -4.35
N TYR A 55 -8.73 -7.35 -5.58
CA TYR A 55 -10.07 -7.07 -6.10
C TYR A 55 -11.06 -8.13 -5.62
N LYS A 56 -10.73 -9.40 -5.85
CA LYS A 56 -11.59 -10.50 -5.45
C LYS A 56 -11.70 -10.57 -3.93
N ASP A 57 -10.59 -10.30 -3.25
CA ASP A 57 -10.57 -10.34 -1.79
C ASP A 57 -11.53 -9.31 -1.19
N GLY A 58 -11.39 -8.06 -1.63
CA GLY A 58 -12.25 -7.01 -1.13
C GLY A 58 -11.72 -6.36 0.13
N ARG A 59 -11.00 -7.14 0.93
CA ARG A 59 -10.44 -6.63 2.18
C ARG A 59 -10.02 -5.17 2.03
N LEU A 60 -9.10 -4.92 1.11
CA LEU A 60 -8.60 -3.57 0.87
C LEU A 60 -9.58 -2.79 -0.01
N LYS A 61 -9.26 -1.52 -0.25
CA LYS A 61 -10.10 -0.66 -1.09
C LYS A 61 -9.37 0.62 -1.45
N PRO A 62 -9.84 1.30 -2.51
CA PRO A 62 -9.24 2.55 -2.99
C PRO A 62 -9.49 3.71 -2.02
N GLY A 63 -8.44 4.48 -1.76
CA GLY A 63 -8.56 5.61 -0.86
C GLY A 63 -7.82 5.38 0.45
N ASP A 64 -7.34 4.16 0.66
CA ASP A 64 -6.62 3.82 1.88
C ASP A 64 -5.12 4.05 1.71
N GLN A 65 -4.53 4.81 2.63
CA GLN A 65 -3.10 5.09 2.57
C GLN A 65 -2.29 3.81 2.54
N LEU A 66 -1.11 3.89 1.94
CA LEU A 66 -0.22 2.72 1.85
C LEU A 66 0.98 2.87 2.77
N VAL A 67 1.58 1.75 3.15
CA VAL A 67 2.74 1.75 4.02
C VAL A 67 3.88 0.94 3.43
N SER A 68 3.54 -0.13 2.72
CA SER A 68 4.53 -1.00 2.10
C SER A 68 3.87 -2.18 1.41
N ILE A 69 4.51 -2.69 0.37
CA ILE A 69 3.98 -3.83 -0.38
C ILE A 69 4.99 -4.97 -0.43
N ASN A 70 4.57 -6.14 0.03
CA ASN A 70 5.44 -7.31 0.04
C ASN A 70 6.57 -7.15 1.05
N LYS A 71 7.53 -6.28 0.73
CA LYS A 71 8.65 -6.03 1.62
C LYS A 71 9.43 -4.80 1.16
N GLU A 72 8.70 -3.76 0.77
CA GLU A 72 9.33 -2.52 0.32
C GLU A 72 8.80 -1.32 1.11
N SER A 73 9.21 -0.12 0.70
CA SER A 73 8.78 1.10 1.37
C SER A 73 8.00 2.00 0.40
N MET A 74 7.02 2.72 0.94
CA MET A 74 6.20 3.61 0.14
C MET A 74 6.23 5.03 0.70
N ILE A 75 6.42 5.13 2.01
CA ILE A 75 6.48 6.43 2.68
C ILE A 75 7.48 7.36 2.00
N GLY A 76 7.02 8.57 1.67
CA GLY A 76 7.88 9.53 1.01
C GLY A 76 8.58 8.96 -0.21
N VAL A 77 7.81 8.28 -1.05
CA VAL A 77 8.34 7.68 -2.26
C VAL A 77 7.76 8.34 -3.52
N SER A 78 8.30 7.97 -4.68
CA SER A 78 7.83 8.53 -5.94
C SER A 78 6.75 7.65 -6.55
N PHE A 79 5.73 8.28 -7.12
CA PHE A 79 4.64 7.56 -7.75
C PHE A 79 5.15 6.38 -8.56
N GLU A 80 6.17 6.64 -9.37
CA GLU A 80 6.77 5.59 -10.21
C GLU A 80 7.21 4.41 -9.36
N GLU A 81 8.11 4.66 -8.42
CA GLU A 81 8.62 3.61 -7.54
C GLU A 81 7.48 2.81 -6.94
N ALA A 82 6.59 3.49 -6.23
CA ALA A 82 5.44 2.84 -5.60
C ALA A 82 4.72 1.92 -6.59
N LYS A 83 4.59 2.39 -7.83
CA LYS A 83 3.92 1.63 -8.87
C LYS A 83 4.87 0.62 -9.51
N SER A 84 6.17 0.83 -9.30
CA SER A 84 7.19 -0.06 -9.87
C SER A 84 7.33 -1.32 -9.01
N ILE A 85 7.30 -1.14 -7.70
CA ILE A 85 7.43 -2.27 -6.78
C ILE A 85 6.33 -3.30 -7.02
N ILE A 86 5.08 -2.83 -7.10
CA ILE A 86 3.95 -3.72 -7.33
C ILE A 86 4.22 -4.66 -8.50
N THR A 87 4.67 -4.10 -9.61
CA THR A 87 4.97 -4.89 -10.80
C THR A 87 6.30 -5.62 -10.65
N ARG A 88 7.23 -5.03 -9.91
CA ARG A 88 8.54 -5.62 -9.69
C ARG A 88 8.44 -6.82 -8.76
N ALA A 89 7.25 -7.06 -8.23
CA ALA A 89 7.02 -8.18 -7.33
C ALA A 89 7.32 -9.51 -8.02
N LYS A 90 7.48 -10.56 -7.22
CA LYS A 90 7.76 -11.89 -7.74
C LYS A 90 6.54 -12.49 -8.43
N LEU A 91 5.37 -12.21 -7.86
CA LEU A 91 4.11 -12.72 -8.41
C LEU A 91 4.31 -14.09 -9.05
N ARG A 92 4.71 -15.06 -8.22
CA ARG A 92 4.93 -16.42 -8.69
C ARG A 92 5.40 -17.32 -7.56
N SER A 93 4.63 -17.33 -6.47
CA SER A 93 4.96 -18.15 -5.31
C SER A 93 3.74 -18.35 -4.42
N GLU A 94 3.89 -19.19 -3.40
CA GLU A 94 2.80 -19.47 -2.48
C GLU A 94 2.55 -18.29 -1.55
N SER A 95 3.63 -17.72 -1.02
CA SER A 95 3.54 -16.58 -0.13
C SER A 95 2.55 -15.55 -0.65
N PRO A 96 1.55 -15.20 0.16
CA PRO A 96 0.52 -14.22 -0.20
C PRO A 96 1.07 -12.80 -0.27
N TRP A 97 0.21 -11.84 -0.59
CA TRP A 97 0.62 -10.45 -0.69
C TRP A 97 0.45 -9.74 0.65
N GLU A 98 1.55 -9.19 1.16
CA GLU A 98 1.54 -8.48 2.43
C GLU A 98 1.19 -7.00 2.23
N ILE A 99 -0.08 -6.67 2.45
CA ILE A 99 -0.54 -5.29 2.30
C ILE A 99 -0.65 -4.59 3.64
N ALA A 100 0.12 -3.53 3.82
CA ALA A 100 0.11 -2.76 5.06
C ALA A 100 -0.41 -1.35 4.83
N PHE A 101 -1.45 -0.98 5.56
CA PHE A 101 -2.03 0.35 5.44
C PHE A 101 -2.55 0.84 6.78
N ILE A 102 -3.21 1.99 6.77
CA ILE A 102 -3.75 2.58 8.00
C ILE A 102 -5.27 2.65 7.95
N ARG A 103 -5.92 1.90 8.85
CA ARG A 103 -7.37 1.86 8.90
C ARG A 103 -7.88 2.61 10.13
N SER A 104 -8.56 3.73 9.91
CA SER A 104 -9.09 4.54 11.00
C SER A 104 -10.61 4.55 10.97
N GLY A 105 -11.19 3.43 10.55
CA GLY A 105 -12.64 3.33 10.48
C GLY A 105 -13.20 3.85 9.18
N PRO A 106 -14.53 3.73 9.00
CA PRO A 106 -15.21 4.20 7.79
C PRO A 106 -15.24 5.72 7.68
N SER A 107 -14.52 6.38 8.58
CA SER A 107 -14.46 7.84 8.59
C SER A 107 -14.08 8.38 7.22
N SER A 108 -14.52 9.59 6.92
CA SER A 108 -14.24 10.22 5.64
C SER A 108 -13.26 11.38 5.80
N GLY A 109 -13.55 12.24 6.77
CA GLY A 109 -12.69 13.39 7.02
C GLY A 109 -12.57 14.29 5.82
N GLY A 1 9.59 20.14 1.91
CA GLY A 1 8.83 20.31 0.69
C GLY A 1 9.46 21.32 -0.25
N SER A 2 10.11 20.82 -1.30
CA SER A 2 10.76 21.69 -2.27
C SER A 2 11.97 22.39 -1.66
N SER A 3 12.71 21.66 -0.83
CA SER A 3 13.89 22.20 -0.17
C SER A 3 14.61 21.13 0.64
N GLY A 4 14.71 19.93 0.07
CA GLY A 4 15.38 18.83 0.76
C GLY A 4 14.43 18.06 1.64
N SER A 5 14.44 16.74 1.50
CA SER A 5 13.57 15.87 2.28
C SER A 5 14.03 14.41 2.21
N SER A 6 14.33 13.84 3.37
CA SER A 6 14.79 12.45 3.43
C SER A 6 14.84 11.96 4.88
N GLY A 7 14.60 10.66 5.06
CA GLY A 7 14.62 10.10 6.40
C GLY A 7 13.24 9.66 6.85
N SER A 8 12.72 10.33 7.88
CA SER A 8 11.41 10.00 8.43
C SER A 8 10.82 11.19 9.17
N PRO A 9 10.24 12.14 8.42
CA PRO A 9 9.63 13.34 8.99
C PRO A 9 8.35 13.03 9.76
N LEU A 10 7.54 12.12 9.21
CA LEU A 10 6.29 11.74 9.85
C LEU A 10 6.39 10.34 10.46
N ASP A 11 5.60 10.10 11.50
CA ASP A 11 5.61 8.81 12.17
C ASP A 11 4.42 7.95 11.72
N ARG A 12 4.42 6.69 12.13
CA ARG A 12 3.35 5.77 11.76
C ARG A 12 2.07 6.11 12.50
N ASP A 13 0.94 5.67 11.96
CA ASP A 13 -0.36 5.92 12.57
C ASP A 13 -0.76 4.77 13.50
N PRO A 14 -1.57 5.09 14.52
CA PRO A 14 -2.04 4.10 15.49
C PRO A 14 -3.02 3.11 14.89
N ALA A 15 -3.74 3.54 13.86
CA ALA A 15 -4.72 2.69 13.19
C ALA A 15 -4.08 1.94 12.03
N PHE A 16 -2.76 1.76 12.10
CA PHE A 16 -2.03 1.05 11.05
C PHE A 16 -2.36 -0.45 11.08
N ARG A 17 -3.03 -0.91 10.03
CA ARG A 17 -3.40 -2.32 9.92
C ARG A 17 -2.68 -2.98 8.76
N VAL A 18 -2.44 -4.29 8.89
CA VAL A 18 -1.76 -5.05 7.84
C VAL A 18 -2.49 -6.35 7.55
N ILE A 19 -2.82 -6.56 6.28
CA ILE A 19 -3.53 -7.77 5.87
C ILE A 19 -2.84 -8.41 4.67
N THR A 20 -3.09 -9.71 4.49
CA THR A 20 -2.48 -10.46 3.38
C THR A 20 -3.54 -10.85 2.36
N VAL A 21 -3.19 -10.73 1.08
CA VAL A 21 -4.10 -11.07 0.00
C VAL A 21 -3.57 -12.23 -0.82
N THR A 22 -4.38 -13.28 -0.96
CA THR A 22 -3.97 -14.46 -1.73
C THR A 22 -3.41 -14.07 -3.09
N LYS A 23 -2.15 -14.43 -3.32
CA LYS A 23 -1.49 -14.11 -4.58
C LYS A 23 -1.67 -15.25 -5.59
N GLU A 24 -2.59 -15.05 -6.53
CA GLU A 24 -2.86 -16.05 -7.55
C GLU A 24 -2.54 -15.52 -8.94
N THR A 25 -3.10 -14.36 -9.27
CA THR A 25 -2.89 -13.74 -10.56
C THR A 25 -1.82 -12.65 -10.48
N GLY A 26 -1.81 -11.94 -9.36
CA GLY A 26 -0.84 -10.87 -9.16
C GLY A 26 -1.43 -9.67 -8.46
N LEU A 27 -0.57 -8.76 -8.01
CA LEU A 27 -1.02 -7.56 -7.32
C LEU A 27 -2.19 -6.92 -8.05
N GLY A 28 -1.94 -6.41 -9.25
CA GLY A 28 -2.98 -5.78 -10.04
C GLY A 28 -3.70 -4.69 -9.27
N LEU A 29 -2.98 -3.62 -8.94
CA LEU A 29 -3.57 -2.51 -8.20
C LEU A 29 -2.96 -1.18 -8.66
N LYS A 30 -3.71 -0.11 -8.48
CA LYS A 30 -3.24 1.23 -8.86
C LYS A 30 -2.97 2.09 -7.63
N ILE A 31 -1.87 2.82 -7.67
CA ILE A 31 -1.50 3.69 -6.55
C ILE A 31 -1.67 5.16 -6.92
N LEU A 32 -1.87 6.00 -5.90
CA LEU A 32 -2.05 7.43 -6.12
C LEU A 32 -1.06 8.23 -5.26
N GLY A 33 -0.87 9.49 -5.64
CA GLY A 33 0.05 10.35 -4.90
C GLY A 33 1.44 10.34 -5.49
N GLY A 34 2.43 10.70 -4.66
CA GLY A 34 3.80 10.73 -5.12
C GLY A 34 4.51 12.01 -4.77
N ILE A 35 5.62 11.91 -4.05
CA ILE A 35 6.39 13.07 -3.64
C ILE A 35 6.41 14.13 -4.73
N ASN A 36 6.28 13.68 -5.99
CA ASN A 36 6.27 14.59 -7.12
C ASN A 36 4.85 14.88 -7.59
N ARG A 37 3.97 13.89 -7.44
CA ARG A 37 2.58 14.05 -7.84
C ARG A 37 1.85 15.05 -6.94
N ASN A 38 0.61 15.34 -7.28
CA ASN A 38 -0.19 16.28 -6.49
C ASN A 38 -0.91 15.56 -5.36
N GLU A 39 -1.28 14.31 -5.59
CA GLU A 39 -1.99 13.51 -4.60
C GLU A 39 -1.05 13.17 -3.43
N GLY A 40 0.24 13.15 -3.70
CA GLY A 40 1.21 12.83 -2.67
C GLY A 40 1.28 13.88 -1.59
N PRO A 41 2.36 13.87 -0.80
CA PRO A 41 3.45 12.91 -0.97
C PRO A 41 3.04 11.49 -0.59
N LEU A 42 2.04 11.40 0.28
CA LEU A 42 1.54 10.10 0.74
C LEU A 42 0.89 9.33 -0.41
N VAL A 43 0.98 8.00 -0.34
CA VAL A 43 0.40 7.15 -1.37
C VAL A 43 -0.91 6.53 -0.89
N TYR A 44 -1.82 6.30 -1.84
CA TYR A 44 -3.11 5.71 -1.51
C TYR A 44 -3.67 4.92 -2.71
N ILE A 45 -4.25 3.76 -2.42
CA ILE A 45 -4.81 2.91 -3.45
C ILE A 45 -5.61 3.74 -4.47
N HIS A 46 -5.02 3.96 -5.63
CA HIS A 46 -5.67 4.73 -6.69
C HIS A 46 -7.03 4.13 -7.03
N GLU A 47 -7.05 2.84 -7.32
CA GLU A 47 -8.29 2.15 -7.67
C GLU A 47 -8.06 0.65 -7.78
N VAL A 48 -9.03 -0.12 -7.29
CA VAL A 48 -8.94 -1.58 -7.34
C VAL A 48 -9.33 -2.11 -8.71
N ILE A 49 -8.34 -2.55 -9.47
CA ILE A 49 -8.58 -3.09 -10.80
C ILE A 49 -9.42 -4.36 -10.74
N PRO A 50 -10.52 -4.38 -11.52
CA PRO A 50 -11.43 -5.53 -11.57
C PRO A 50 -10.80 -6.74 -12.25
N GLY A 51 -10.51 -7.77 -11.48
CA GLY A 51 -9.91 -8.96 -12.05
C GLY A 51 -8.52 -9.24 -11.49
N GLY A 52 -8.24 -8.67 -10.33
CA GLY A 52 -6.94 -8.86 -9.71
C GLY A 52 -6.99 -9.78 -8.50
N ASP A 53 -5.96 -9.72 -7.67
CA ASP A 53 -5.90 -10.55 -6.47
C ASP A 53 -6.67 -9.91 -5.32
N CYS A 54 -6.29 -8.69 -4.97
CA CYS A 54 -6.94 -7.96 -3.88
C CYS A 54 -8.40 -7.70 -4.21
N TYR A 55 -8.67 -7.39 -5.47
CA TYR A 55 -10.03 -7.11 -5.92
C TYR A 55 -11.02 -8.08 -5.30
N LYS A 56 -10.70 -9.37 -5.39
CA LYS A 56 -11.56 -10.41 -4.84
C LYS A 56 -11.67 -10.29 -3.32
N ASP A 57 -10.54 -10.05 -2.67
CA ASP A 57 -10.51 -9.91 -1.21
C ASP A 57 -11.57 -8.90 -0.75
N GLY A 58 -11.45 -7.66 -1.22
CA GLY A 58 -12.39 -6.64 -0.84
C GLY A 58 -11.94 -5.85 0.37
N ARG A 59 -11.23 -6.52 1.28
CA ARG A 59 -10.75 -5.87 2.49
C ARG A 59 -10.14 -4.51 2.18
N LEU A 60 -9.47 -4.41 1.04
CA LEU A 60 -8.85 -3.17 0.61
C LEU A 60 -9.85 -2.27 -0.12
N LYS A 61 -9.42 -1.07 -0.46
CA LYS A 61 -10.28 -0.11 -1.17
C LYS A 61 -9.49 1.12 -1.57
N PRO A 62 -10.03 1.87 -2.55
CA PRO A 62 -9.39 3.09 -3.05
C PRO A 62 -9.45 4.23 -2.03
N GLY A 63 -8.39 5.03 -2.00
CA GLY A 63 -8.33 6.15 -1.07
C GLY A 63 -7.58 5.80 0.19
N ASP A 64 -7.44 4.51 0.46
CA ASP A 64 -6.74 4.04 1.66
C ASP A 64 -5.24 4.31 1.55
N GLN A 65 -4.68 4.96 2.57
CA GLN A 65 -3.26 5.28 2.58
C GLN A 65 -2.42 4.01 2.59
N LEU A 66 -1.32 4.03 1.84
CA LEU A 66 -0.43 2.87 1.75
C LEU A 66 0.76 3.04 2.70
N VAL A 67 1.35 1.91 3.09
CA VAL A 67 2.49 1.94 3.99
C VAL A 67 3.66 1.15 3.41
N SER A 68 3.35 0.11 2.64
CA SER A 68 4.37 -0.72 2.02
C SER A 68 3.75 -1.97 1.40
N ILE A 69 4.30 -2.39 0.26
CA ILE A 69 3.80 -3.58 -0.42
C ILE A 69 4.81 -4.72 -0.35
N ASN A 70 4.37 -5.86 0.16
CA ASN A 70 5.24 -7.03 0.27
C ASN A 70 6.26 -6.84 1.39
N LYS A 71 7.14 -5.86 1.22
CA LYS A 71 8.17 -5.57 2.21
C LYS A 71 8.94 -4.31 1.84
N GLU A 72 8.26 -3.38 1.17
CA GLU A 72 8.89 -2.12 0.76
C GLU A 72 8.51 -0.99 1.71
N SER A 73 8.68 0.24 1.24
CA SER A 73 8.35 1.41 2.04
C SER A 73 7.76 2.52 1.18
N MET A 74 6.43 2.50 1.04
CA MET A 74 5.73 3.50 0.24
C MET A 74 5.88 4.89 0.87
N ILE A 75 6.05 4.93 2.17
CA ILE A 75 6.20 6.20 2.89
C ILE A 75 7.26 7.08 2.22
N GLY A 76 6.85 8.28 1.83
CA GLY A 76 7.77 9.19 1.18
C GLY A 76 8.53 8.56 0.03
N VAL A 77 7.79 8.03 -0.95
CA VAL A 77 8.39 7.39 -2.10
C VAL A 77 7.92 8.05 -3.40
N SER A 78 8.61 7.72 -4.49
CA SER A 78 8.27 8.29 -5.80
C SER A 78 7.14 7.49 -6.45
N PHE A 79 6.19 8.21 -7.04
CA PHE A 79 5.05 7.57 -7.71
C PHE A 79 5.51 6.38 -8.54
N GLU A 80 6.61 6.55 -9.26
CA GLU A 80 7.15 5.49 -10.10
C GLU A 80 7.52 4.27 -9.27
N GLU A 81 8.26 4.50 -8.18
CA GLU A 81 8.67 3.42 -7.30
C GLU A 81 7.47 2.66 -6.76
N ALA A 82 6.62 3.36 -6.01
CA ALA A 82 5.43 2.76 -5.43
C ALA A 82 4.77 1.80 -6.42
N LYS A 83 4.64 2.24 -7.67
CA LYS A 83 4.03 1.42 -8.70
C LYS A 83 5.01 0.37 -9.23
N SER A 84 6.30 0.67 -9.12
CA SER A 84 7.34 -0.26 -9.58
C SER A 84 7.42 -1.48 -8.67
N ILE A 85 7.51 -1.24 -7.37
CA ILE A 85 7.60 -2.33 -6.40
C ILE A 85 6.52 -3.37 -6.65
N ILE A 86 5.32 -2.91 -6.99
CA ILE A 86 4.20 -3.80 -7.25
C ILE A 86 4.51 -4.72 -8.44
N THR A 87 4.59 -4.14 -9.63
CA THR A 87 4.87 -4.91 -10.83
C THR A 87 6.13 -5.75 -10.67
N ARG A 88 7.19 -5.13 -10.16
CA ARG A 88 8.45 -5.83 -9.95
C ARG A 88 8.33 -6.82 -8.80
N ALA A 89 7.28 -6.68 -8.00
CA ALA A 89 7.05 -7.57 -6.87
C ALA A 89 7.29 -9.02 -7.25
N LYS A 90 7.25 -9.90 -6.25
CA LYS A 90 7.45 -11.33 -6.49
C LYS A 90 6.22 -11.96 -7.12
N LEU A 91 5.66 -11.31 -8.13
CA LEU A 91 4.48 -11.81 -8.81
C LEU A 91 4.57 -13.32 -9.02
N ARG A 92 3.41 -13.96 -9.17
CA ARG A 92 3.37 -15.40 -9.39
C ARG A 92 4.26 -16.13 -8.39
N SER A 93 3.66 -16.59 -7.29
CA SER A 93 4.40 -17.29 -6.25
C SER A 93 3.45 -18.01 -5.30
N GLU A 94 4.00 -18.59 -4.24
CA GLU A 94 3.20 -19.30 -3.25
C GLU A 94 2.70 -18.36 -2.16
N SER A 95 3.60 -17.54 -1.64
CA SER A 95 3.25 -16.60 -0.58
C SER A 95 2.29 -15.54 -1.11
N PRO A 96 1.35 -15.12 -0.25
CA PRO A 96 0.35 -14.11 -0.59
C PRO A 96 0.96 -12.72 -0.75
N TRP A 97 0.11 -11.70 -0.72
CA TRP A 97 0.56 -10.32 -0.86
C TRP A 97 0.53 -9.60 0.48
N GLU A 98 1.68 -9.08 0.90
CA GLU A 98 1.77 -8.37 2.17
C GLU A 98 1.29 -6.93 2.02
N ILE A 99 0.03 -6.69 2.37
CA ILE A 99 -0.54 -5.34 2.28
C ILE A 99 -0.50 -4.63 3.62
N ALA A 100 0.01 -3.41 3.62
CA ALA A 100 0.11 -2.62 4.84
C ALA A 100 -0.51 -1.23 4.65
N PHE A 101 -1.62 -0.99 5.32
CA PHE A 101 -2.31 0.29 5.23
C PHE A 101 -2.89 0.70 6.58
N ILE A 102 -3.63 1.81 6.59
CA ILE A 102 -4.24 2.31 7.82
C ILE A 102 -5.75 2.18 7.76
N ARG A 103 -6.31 1.47 8.74
CA ARG A 103 -7.76 1.27 8.80
C ARG A 103 -8.35 1.96 10.04
N SER A 104 -9.20 2.96 9.78
CA SER A 104 -9.83 3.71 10.87
C SER A 104 -11.25 3.23 11.11
N GLY A 105 -11.39 2.20 11.95
CA GLY A 105 -12.70 1.66 12.24
C GLY A 105 -12.97 1.57 13.73
N PRO A 106 -13.94 0.73 14.11
CA PRO A 106 -14.31 0.55 15.52
C PRO A 106 -13.24 -0.20 16.31
N SER A 107 -13.51 -0.44 17.59
CA SER A 107 -12.57 -1.14 18.45
C SER A 107 -11.22 -0.43 18.45
N SER A 108 -10.93 0.28 19.54
CA SER A 108 -9.67 1.01 19.66
C SER A 108 -9.13 0.91 21.10
N GLY A 109 -7.88 0.47 21.21
CA GLY A 109 -7.26 0.33 22.52
C GLY A 109 -5.75 0.29 22.45
#